data_1M5H
#
_entry.id   1M5H
#
_cell.length_a   77.100
_cell.length_b   81.810
_cell.length_c   99.100
_cell.angle_alpha   90.10
_cell.angle_beta   110.04
_cell.angle_gamma   93.75
#
_symmetry.space_group_name_H-M   'P 1'
#
loop_
_entity.id
_entity.type
_entity.pdbx_description
1 polymer 'Formylmethanofuran--tetrahydromethanopterin formyltransferase'
2 non-polymer 'POTASSIUM ION'
3 water water
#
_entity_poly.entity_id   1
_entity_poly.type   'polypeptide(L)'
_entity_poly.pdbx_seq_one_letter_code
;MKVNGVEVEETFAEAFDIKIARVLITGYDYYWAWVAANEATGFGTSVIMCPAEAGIEIKAKPSETPDGRPGYYIQICHMS
KKGLEEQLLARLGQCVLTAPTTAVFNGLPDAEEKDDTGFKLKFFADGYQKEVEVGGRKCWAVPMMEGDFIIENDIGYTNG
IAGGNFFIMAETQPSALAAAKAAVDAISDVEGVITPFPGGIVASGSKVGANKYKFLKASTNEKFAPSIRDQVEGTQIPAG
VKAVYEIVINGLNADAIKEATRVGILAATKIPGVVKITAGNYGGKLGKHIINLNELF
;
_entity_poly.pdbx_strand_id   A,B,C,D,E,F,G,H
#
loop_
_chem_comp.id
_chem_comp.type
_chem_comp.name
_chem_comp.formula
K non-polymer 'POTASSIUM ION' 'K 1'
#
# COMPACT_ATOMS: atom_id res chain seq x y z
N MET A 1 53.55 -14.94 23.58
CA MET A 1 52.71 -15.10 24.80
C MET A 1 51.32 -15.65 24.46
N LYS A 2 50.86 -16.61 25.24
CA LYS A 2 49.55 -17.22 25.03
C LYS A 2 48.62 -17.06 26.22
N VAL A 3 47.38 -16.71 25.95
CA VAL A 3 46.38 -16.56 26.99
C VAL A 3 45.16 -17.34 26.51
N ASN A 4 44.81 -18.38 27.25
CA ASN A 4 43.68 -19.23 26.85
C ASN A 4 43.90 -19.74 25.43
N GLY A 5 45.16 -20.06 25.12
CA GLY A 5 45.50 -20.58 23.80
C GLY A 5 45.67 -19.57 22.69
N VAL A 6 45.27 -18.32 22.92
CA VAL A 6 45.36 -17.28 21.90
C VAL A 6 46.65 -16.48 22.01
N GLU A 7 47.25 -16.15 20.86
CA GLU A 7 48.50 -15.39 20.82
C GLU A 7 48.24 -13.95 21.29
N VAL A 8 49.00 -13.51 22.29
CA VAL A 8 48.90 -12.15 22.79
C VAL A 8 50.25 -11.48 22.59
N GLU A 9 50.29 -10.50 21.69
CA GLU A 9 51.53 -9.80 21.39
C GLU A 9 52.07 -9.12 22.64
N GLU A 10 53.39 -9.18 22.81
CA GLU A 10 54.04 -8.57 23.96
C GLU A 10 54.35 -7.10 23.72
N THR A 11 53.30 -6.29 23.62
CA THR A 11 53.45 -4.85 23.40
C THR A 11 52.71 -4.09 24.53
N PHE A 12 52.40 -2.83 24.30
CA PHE A 12 51.74 -2.05 25.35
C PHE A 12 50.69 -1.07 24.85
N ALA A 13 49.84 -0.63 25.78
CA ALA A 13 48.81 0.36 25.47
C ALA A 13 49.39 1.65 26.03
N GLU A 14 49.14 2.76 25.35
CA GLU A 14 49.66 4.06 25.79
C GLU A 14 48.49 5.00 26.04
N ALA A 15 48.24 5.32 27.31
CA ALA A 15 47.13 6.17 27.70
C ALA A 15 47.52 7.58 28.15
N PHE A 16 46.51 8.43 28.35
CA PHE A 16 46.73 9.83 28.73
C PHE A 16 45.98 10.28 29.98
N ASP A 17 46.45 11.40 30.55
CA ASP A 17 45.83 12.01 31.73
C ASP A 17 44.51 12.67 31.36
N ILE A 18 43.52 12.56 32.24
CA ILE A 18 42.22 13.18 32.01
C ILE A 18 41.51 13.38 33.34
N LYS A 19 40.70 14.43 33.44
CA LYS A 19 39.97 14.71 34.67
C LYS A 19 38.69 13.88 34.68
N ILE A 20 38.43 13.18 35.78
CA ILE A 20 37.23 12.35 35.84
C ILE A 20 36.41 12.59 37.09
N ALA A 21 35.12 12.84 36.91
CA ALA A 21 34.20 13.05 38.02
C ALA A 21 33.30 11.81 38.08
N ARG A 22 32.96 11.38 39.29
CA ARG A 22 32.12 10.20 39.50
C ARG A 22 30.82 10.66 40.13
N VAL A 23 29.69 10.29 39.50
CA VAL A 23 28.37 10.69 40.00
C VAL A 23 27.46 9.50 40.24
N LEU A 24 26.72 9.53 41.34
CA LEU A 24 25.75 8.48 41.66
C LEU A 24 24.35 8.99 41.32
N ILE A 25 23.60 8.20 40.56
CA ILE A 25 22.25 8.54 40.17
C ILE A 25 21.33 7.40 40.64
N THR A 26 20.31 7.72 41.43
CA THR A 26 19.38 6.70 41.91
C THR A 26 17.97 7.00 41.39
N GLY A 27 17.09 6.01 41.50
CA GLY A 27 15.72 6.17 41.05
C GLY A 27 14.87 5.07 41.68
N TYR A 28 13.60 4.98 41.30
CA TYR A 28 12.70 3.95 41.83
C TYR A 28 13.36 2.56 41.79
N ASP A 29 13.97 2.25 40.65
CA ASP A 29 14.61 0.96 40.43
C ASP A 29 15.78 1.10 39.44
N TYR A 30 16.33 -0.02 39.01
CA TYR A 30 17.46 0.03 38.09
C TYR A 30 17.06 0.58 36.73
N TYR A 31 15.84 0.28 36.29
CA TYR A 31 15.38 0.80 35.02
C TYR A 31 15.43 2.32 34.98
N TRP A 32 14.74 2.99 35.90
CA TRP A 32 14.73 4.45 35.90
C TRP A 32 16.08 5.10 36.16
N ALA A 33 16.92 4.50 37.00
CA ALA A 33 18.26 5.05 37.26
C ALA A 33 19.09 4.94 35.98
N TRP A 34 18.88 3.87 35.23
CA TRP A 34 19.60 3.65 33.97
C TRP A 34 19.17 4.68 32.92
N VAL A 35 17.88 4.95 32.83
CA VAL A 35 17.39 5.91 31.84
C VAL A 35 18.08 7.26 31.94
N ALA A 36 18.29 7.73 33.16
CA ALA A 36 18.95 9.01 33.36
C ALA A 36 20.45 8.92 33.06
N ALA A 37 21.08 7.85 33.55
CA ALA A 37 22.53 7.67 33.33
C ALA A 37 22.83 7.54 31.85
N ASN A 38 22.01 6.76 31.15
CA ASN A 38 22.20 6.56 29.73
C ASN A 38 22.15 7.91 29.02
N GLU A 39 21.05 8.63 29.15
CA GLU A 39 20.91 9.93 28.52
C GLU A 39 22.07 10.88 28.83
N ALA A 40 22.43 10.98 30.10
CA ALA A 40 23.51 11.87 30.52
C ALA A 40 24.90 11.48 30.04
N THR A 41 25.10 10.21 29.67
CA THR A 41 26.41 9.77 29.20
C THR A 41 26.55 9.60 27.70
N GLY A 42 25.47 9.83 26.95
CA GLY A 42 25.55 9.70 25.50
C GLY A 42 26.38 10.81 24.85
N PHE A 43 26.49 10.79 23.52
CA PHE A 43 27.27 11.79 22.79
C PHE A 43 28.56 12.03 23.56
N GLY A 44 29.18 10.95 24.01
CA GLY A 44 30.42 11.05 24.77
C GLY A 44 31.40 9.92 24.55
N THR A 45 31.83 9.72 23.30
CA THR A 45 32.78 8.65 22.98
C THR A 45 34.23 9.13 23.04
N SER A 46 34.51 10.32 22.48
CA SER A 46 35.86 10.86 22.45
C SER A 46 35.90 12.38 22.51
N VAL A 47 36.81 12.93 23.30
CA VAL A 47 36.91 14.38 23.42
C VAL A 47 37.31 15.04 22.09
N ILE A 48 37.68 14.23 21.10
CA ILE A 48 38.08 14.77 19.80
C ILE A 48 36.99 15.68 19.23
N MET A 49 35.74 15.21 19.27
CA MET A 49 34.63 16.00 18.76
C MET A 49 33.37 15.93 19.64
N CYS A 50 33.47 15.23 20.77
CA CYS A 50 32.34 15.15 21.68
C CYS A 50 32.63 16.07 22.86
N PRO A 51 31.58 16.62 23.49
CA PRO A 51 31.74 17.53 24.64
C PRO A 51 32.53 16.90 25.79
N ALA A 52 32.54 15.58 25.85
CA ALA A 52 33.27 14.87 26.90
C ALA A 52 33.28 13.37 26.61
N GLU A 53 33.96 12.64 27.48
CA GLU A 53 34.00 11.18 27.38
C GLU A 53 33.28 10.72 28.65
N ALA A 54 32.14 10.05 28.49
CA ALA A 54 31.37 9.61 29.65
C ALA A 54 30.84 8.20 29.48
N GLY A 55 30.29 7.63 30.54
CA GLY A 55 29.77 6.29 30.44
C GLY A 55 29.30 5.79 31.79
N ILE A 56 28.62 4.65 31.78
CA ILE A 56 28.11 4.01 32.98
C ILE A 56 29.22 3.13 33.53
N GLU A 57 29.57 3.32 34.80
CA GLU A 57 30.63 2.55 35.42
C GLU A 57 30.11 1.25 36.02
N ILE A 58 29.31 1.35 37.07
CA ILE A 58 28.85 0.12 37.70
C ILE A 58 27.53 0.34 38.43
N LYS A 59 26.77 -0.74 38.57
CA LYS A 59 25.48 -0.68 39.26
C LYS A 59 25.72 -0.41 40.74
N ALA A 60 24.77 0.30 41.35
CA ALA A 60 24.85 0.64 42.77
C ALA A 60 23.65 0.00 43.47
N LYS A 61 23.90 -0.89 44.41
CA LYS A 61 22.82 -1.57 45.13
C LYS A 61 22.23 -0.69 46.24
N PRO A 62 20.94 -0.88 46.56
CA PRO A 62 20.28 -0.10 47.60
C PRO A 62 21.11 0.01 48.88
N SER A 63 21.74 -1.09 49.29
CA SER A 63 22.54 -1.10 50.51
C SER A 63 23.77 -0.19 50.43
N GLU A 64 24.05 0.34 49.25
CA GLU A 64 25.22 1.18 49.05
C GLU A 64 24.97 2.67 48.82
N THR A 65 23.72 3.03 48.56
CA THR A 65 23.38 4.42 48.27
C THR A 65 22.95 5.25 49.48
N PRO A 66 23.12 6.58 49.41
CA PRO A 66 22.73 7.46 50.52
C PRO A 66 21.24 7.41 50.85
N ASP A 67 20.39 7.22 49.84
CA ASP A 67 18.94 7.19 50.05
C ASP A 67 18.37 5.79 50.12
N GLY A 68 19.24 4.79 50.00
CA GLY A 68 18.78 3.41 50.06
C GLY A 68 17.99 2.96 48.85
N ARG A 69 18.22 3.60 47.70
CA ARG A 69 17.52 3.21 46.47
C ARG A 69 18.51 2.69 45.44
N PRO A 70 18.05 1.89 44.47
CA PRO A 70 18.94 1.34 43.43
C PRO A 70 19.46 2.49 42.58
N GLY A 71 20.59 2.29 41.91
CA GLY A 71 21.14 3.35 41.08
C GLY A 71 22.33 2.92 40.26
N TYR A 72 23.01 3.90 39.66
CA TYR A 72 24.18 3.65 38.84
C TYR A 72 25.22 4.75 39.03
N TYR A 73 26.49 4.36 38.97
CA TYR A 73 27.61 5.28 39.07
C TYR A 73 28.04 5.53 37.62
N ILE A 74 28.27 6.78 37.28
CA ILE A 74 28.72 7.13 35.93
C ILE A 74 30.00 7.94 36.03
N GLN A 75 30.73 8.00 34.92
CA GLN A 75 31.95 8.79 34.88
C GLN A 75 31.84 9.76 33.72
N ILE A 76 32.18 11.01 33.98
CA ILE A 76 32.18 12.07 32.98
C ILE A 76 33.61 12.61 32.97
N CYS A 77 34.27 12.54 31.81
CA CYS A 77 35.65 12.96 31.68
C CYS A 77 35.90 14.13 30.75
N HIS A 78 36.88 14.97 31.11
CA HIS A 78 37.27 16.12 30.30
C HIS A 78 38.72 16.43 30.62
N MET A 79 39.43 17.01 29.66
CA MET A 79 40.84 17.33 29.82
C MET A 79 41.14 18.44 30.83
N SER A 80 40.23 19.40 31.00
CA SER A 80 40.49 20.48 31.93
C SER A 80 39.44 20.61 33.04
N LYS A 81 39.82 21.29 34.12
CA LYS A 81 38.93 21.50 35.25
C LYS A 81 37.64 22.23 34.86
N LYS A 82 37.78 23.39 34.22
CA LYS A 82 36.61 24.16 33.83
C LYS A 82 35.74 23.45 32.81
N GLY A 83 36.36 22.70 31.91
CA GLY A 83 35.58 21.97 30.93
C GLY A 83 34.76 20.91 31.64
N LEU A 84 35.36 20.27 32.63
CA LEU A 84 34.67 19.24 33.41
C LEU A 84 33.54 19.88 34.20
N GLU A 85 33.84 20.98 34.89
CA GLU A 85 32.81 21.67 35.68
C GLU A 85 31.57 21.94 34.83
N GLU A 86 31.79 22.43 33.62
CA GLU A 86 30.69 22.74 32.70
C GLU A 86 29.94 21.51 32.19
N GLN A 87 30.66 20.42 31.93
CA GLN A 87 30.02 19.20 31.46
C GLN A 87 29.11 18.62 32.54
N LEU A 88 29.47 18.82 33.80
CA LEU A 88 28.65 18.33 34.89
C LEU A 88 27.35 19.12 34.95
N LEU A 89 27.46 20.44 34.85
CA LEU A 89 26.28 21.31 34.89
C LEU A 89 25.31 20.98 33.77
N ALA A 90 25.83 20.92 32.55
CA ALA A 90 25.00 20.64 31.38
C ALA A 90 24.38 19.25 31.35
N ARG A 91 25.22 18.22 31.44
CA ARG A 91 24.71 16.85 31.39
C ARG A 91 23.73 16.52 32.51
N LEU A 92 24.08 16.89 33.74
CA LEU A 92 23.20 16.58 34.86
C LEU A 92 21.96 17.49 34.92
N GLY A 93 22.14 18.77 34.63
CA GLY A 93 21.00 19.68 34.68
C GLY A 93 20.02 19.41 33.55
N GLN A 94 20.53 19.02 32.39
CA GLN A 94 19.68 18.77 31.23
C GLN A 94 19.17 17.34 31.10
N CYS A 95 19.93 16.39 31.64
CA CYS A 95 19.57 14.97 31.48
C CYS A 95 19.22 14.18 32.72
N VAL A 96 19.60 14.67 33.91
CA VAL A 96 19.27 13.94 35.14
C VAL A 96 18.23 14.67 35.99
N LEU A 97 18.44 15.97 36.19
CA LEU A 97 17.51 16.80 36.95
C LEU A 97 16.14 16.76 36.27
N THR A 98 16.13 16.41 34.99
CA THR A 98 14.91 16.33 34.20
C THR A 98 14.32 14.93 34.05
N ALA A 99 15.09 13.89 34.41
CA ALA A 99 14.62 12.51 34.28
C ALA A 99 13.76 12.04 35.45
N PRO A 100 12.76 11.19 35.19
CA PRO A 100 11.88 10.70 36.27
C PRO A 100 12.49 9.97 37.47
N THR A 101 12.07 10.43 38.65
CA THR A 101 12.45 9.86 39.95
C THR A 101 13.89 9.98 40.44
N THR A 102 14.79 10.51 39.63
CA THR A 102 16.19 10.60 40.03
C THR A 102 16.56 11.50 41.23
N ALA A 103 17.74 11.21 41.78
CA ALA A 103 18.33 11.93 42.90
C ALA A 103 19.80 11.78 42.59
N VAL A 104 20.62 12.79 42.82
CA VAL A 104 22.04 12.63 42.53
C VAL A 104 22.90 12.87 43.75
N PHE A 105 23.99 12.12 43.85
CA PHE A 105 24.91 12.25 44.97
C PHE A 105 26.36 12.21 44.49
N ASN A 106 27.26 12.63 45.36
CA ASN A 106 28.68 12.65 45.06
C ASN A 106 29.18 11.21 44.98
N GLY A 107 29.84 10.86 43.88
CA GLY A 107 30.36 9.51 43.72
C GLY A 107 31.78 9.30 44.20
N LEU A 108 32.44 10.38 44.61
CA LEU A 108 33.81 10.31 45.16
C LEU A 108 33.84 11.18 46.40
N PRO A 109 33.12 10.75 47.46
CA PRO A 109 33.08 11.53 48.69
C PRO A 109 34.45 11.84 49.32
N ASP A 110 35.43 10.96 49.11
CA ASP A 110 36.76 11.18 49.68
C ASP A 110 37.73 11.98 48.82
N ALA A 111 37.21 12.62 47.78
CA ALA A 111 38.05 13.42 46.90
C ALA A 111 38.18 14.85 47.44
N GLU A 112 39.41 15.31 47.61
CA GLU A 112 39.64 16.66 48.11
C GLU A 112 39.17 17.71 47.11
N GLU A 113 39.35 17.43 45.82
CA GLU A 113 38.92 18.36 44.79
C GLU A 113 37.45 18.08 44.45
N LYS A 114 36.62 19.11 44.52
CA LYS A 114 35.20 18.95 44.27
C LYS A 114 34.59 20.15 43.54
N ASP A 115 33.48 19.89 42.85
CA ASP A 115 32.73 20.91 42.13
C ASP A 115 31.40 21.07 42.84
N ASP A 116 30.93 22.31 42.95
CA ASP A 116 29.68 22.60 43.63
C ASP A 116 28.50 22.54 42.64
N THR A 117 28.42 21.44 41.88
CA THR A 117 27.37 21.27 40.88
C THR A 117 25.98 21.42 41.50
N GLY A 118 25.76 20.76 42.62
CA GLY A 118 24.48 20.83 43.29
C GLY A 118 24.08 22.24 43.70
N PHE A 119 25.03 23.01 44.25
CA PHE A 119 24.73 24.37 44.68
C PHE A 119 24.25 25.23 43.52
N LYS A 120 24.82 25.03 42.33
CA LYS A 120 24.44 25.82 41.16
C LYS A 120 23.14 25.37 40.49
N LEU A 121 22.92 24.07 40.40
CA LEU A 121 21.71 23.57 39.75
C LEU A 121 20.44 23.82 40.57
N LYS A 122 20.58 23.99 41.88
CA LYS A 122 19.40 24.22 42.70
C LYS A 122 18.81 25.63 42.55
N PHE A 123 19.50 26.51 41.80
CA PHE A 123 18.99 27.86 41.56
C PHE A 123 17.77 27.72 40.66
N PHE A 124 17.62 26.54 40.06
CA PHE A 124 16.50 26.23 39.19
C PHE A 124 15.18 26.42 39.94
N ALA A 125 15.25 26.21 41.25
CA ALA A 125 14.11 26.34 42.15
C ALA A 125 13.53 27.77 42.23
N ASP A 126 14.26 28.73 41.69
CA ASP A 126 13.83 30.14 41.67
C ASP A 126 13.32 30.57 43.04
N GLY A 127 14.06 30.21 44.09
CA GLY A 127 13.64 30.60 45.43
C GLY A 127 12.99 29.55 46.31
N TYR A 128 12.28 28.60 45.72
CA TYR A 128 11.60 27.55 46.51
C TYR A 128 12.53 26.42 46.93
N GLN A 129 13.82 26.62 46.69
CA GLN A 129 14.86 25.66 47.04
C GLN A 129 14.83 25.43 48.56
N LYS A 130 15.20 24.22 49.00
CA LYS A 130 15.22 23.88 50.42
C LYS A 130 16.35 22.89 50.73
N GLU A 131 17.06 23.08 51.85
CA GLU A 131 18.14 22.18 52.22
C GLU A 131 17.65 20.92 52.90
N VAL A 132 18.28 19.80 52.58
CA VAL A 132 17.91 18.51 53.16
C VAL A 132 19.15 17.64 53.32
N GLU A 133 19.12 16.78 54.33
CA GLU A 133 20.24 15.88 54.59
C GLU A 133 19.80 14.45 54.31
N VAL A 134 20.53 13.78 53.44
CA VAL A 134 20.20 12.40 53.10
C VAL A 134 21.38 11.46 53.33
N GLY A 135 21.21 10.54 54.25
CA GLY A 135 22.27 9.59 54.56
C GLY A 135 23.60 10.24 54.85
N GLY A 136 23.57 11.38 55.54
CA GLY A 136 24.80 12.07 55.88
C GLY A 136 25.23 13.08 54.84
N ARG A 137 24.72 12.98 53.62
CA ARG A 137 25.10 13.95 52.61
C ARG A 137 24.26 15.23 52.71
N LYS A 138 24.90 16.36 52.44
CA LYS A 138 24.24 17.66 52.47
C LYS A 138 23.70 17.95 51.08
N CYS A 139 22.37 17.99 50.95
CA CYS A 139 21.74 18.20 49.64
C CYS A 139 20.73 19.35 49.54
N TRP A 140 20.17 19.50 48.34
CA TRP A 140 19.17 20.52 48.07
C TRP A 140 17.98 19.84 47.41
N ALA A 141 16.79 20.29 47.81
CA ALA A 141 15.55 19.78 47.25
C ALA A 141 15.09 20.87 46.29
N VAL A 142 14.87 20.50 45.04
CA VAL A 142 14.44 21.44 44.01
C VAL A 142 13.03 21.11 43.55
N PRO A 143 12.03 21.92 43.95
CA PRO A 143 10.62 21.71 43.57
C PRO A 143 10.37 21.78 42.06
N MET A 144 9.65 20.80 41.53
CA MET A 144 9.34 20.78 40.11
C MET A 144 8.08 19.96 39.86
N MET A 145 7.74 19.74 38.59
CA MET A 145 6.53 19.00 38.26
C MET A 145 6.33 17.65 38.93
N GLU A 146 7.35 16.80 38.90
CA GLU A 146 7.22 15.48 39.47
C GLU A 146 7.26 15.49 40.99
N GLY A 147 7.83 16.55 41.55
CA GLY A 147 7.95 16.66 43.00
C GLY A 147 9.24 17.38 43.36
N ASP A 148 10.00 16.81 44.30
CA ASP A 148 11.26 17.43 44.71
C ASP A 148 12.49 16.61 44.29
N PHE A 149 13.37 17.25 43.52
CA PHE A 149 14.61 16.64 43.05
C PHE A 149 15.69 16.87 44.10
N ILE A 150 16.29 15.79 44.59
CA ILE A 150 17.33 15.90 45.61
C ILE A 150 18.73 15.77 45.00
N ILE A 151 19.60 16.71 45.33
CA ILE A 151 20.98 16.68 44.82
C ILE A 151 21.99 17.17 45.83
N GLU A 152 23.05 16.40 46.04
CA GLU A 152 24.11 16.80 46.97
C GLU A 152 24.68 18.06 46.34
N ASN A 153 25.21 18.99 47.13
CA ASN A 153 25.70 20.21 46.49
C ASN A 153 27.10 20.12 45.88
N ASP A 154 27.87 19.09 46.24
CA ASP A 154 29.21 18.93 45.68
C ASP A 154 29.40 17.58 44.98
N ILE A 155 30.26 17.56 43.97
CA ILE A 155 30.59 16.34 43.23
C ILE A 155 32.12 16.29 43.08
N GLY A 156 32.72 15.20 43.56
CA GLY A 156 34.16 15.09 43.48
C GLY A 156 34.71 14.61 42.15
N TYR A 157 36.00 14.83 41.95
CA TYR A 157 36.68 14.41 40.73
C TYR A 157 38.14 14.11 41.06
N THR A 158 38.84 13.45 40.14
CA THR A 158 40.25 13.10 40.36
C THR A 158 41.00 13.06 39.03
N ASN A 159 42.33 12.89 39.11
CA ASN A 159 43.12 12.79 37.90
C ASN A 159 43.08 11.34 37.45
N GLY A 160 42.30 11.08 36.41
CA GLY A 160 42.16 9.73 35.89
C GLY A 160 42.96 9.47 34.62
N ILE A 161 42.66 8.34 33.98
CA ILE A 161 43.35 7.94 32.76
C ILE A 161 42.36 7.65 31.64
N ALA A 162 42.72 8.12 30.44
CA ALA A 162 41.89 7.92 29.26
C ALA A 162 42.71 7.24 28.18
N GLY A 163 42.13 6.26 27.50
CA GLY A 163 42.88 5.59 26.44
C GLY A 163 43.39 4.18 26.69
N GLY A 164 43.04 3.58 27.82
CA GLY A 164 43.47 2.21 28.07
C GLY A 164 42.89 1.43 26.91
N ASN A 165 43.54 0.38 26.46
CA ASN A 165 43.01 -0.37 25.33
C ASN A 165 43.73 -1.69 25.04
N PHE A 166 43.19 -2.38 24.04
CA PHE A 166 43.73 -3.63 23.51
C PHE A 166 42.89 -3.92 22.25
N PHE A 167 43.50 -4.59 21.27
CA PHE A 167 42.81 -4.89 20.00
C PHE A 167 42.48 -6.36 19.88
N ILE A 168 41.35 -6.65 19.22
CA ILE A 168 40.92 -8.03 19.01
C ILE A 168 40.90 -8.30 17.52
N MET A 169 41.71 -9.25 17.07
CA MET A 169 41.79 -9.62 15.66
C MET A 169 41.16 -11.00 15.44
N ALA A 170 40.30 -11.12 14.45
CA ALA A 170 39.62 -12.40 14.20
C ALA A 170 39.48 -12.75 12.72
N GLU A 171 39.11 -14.00 12.46
CA GLU A 171 38.94 -14.51 11.10
C GLU A 171 37.69 -13.98 10.38
N THR A 172 36.72 -13.47 11.15
CA THR A 172 35.48 -12.91 10.58
C THR A 172 35.01 -11.71 11.41
N GLN A 173 34.20 -10.84 10.81
CA GLN A 173 33.72 -9.66 11.52
C GLN A 173 32.88 -10.09 12.72
N PRO A 174 31.96 -11.06 12.53
CA PRO A 174 31.14 -11.50 13.66
C PRO A 174 31.98 -12.07 14.81
N SER A 175 33.08 -12.76 14.47
CA SER A 175 33.94 -13.37 15.49
C SER A 175 34.60 -12.31 16.37
N ALA A 176 35.16 -11.28 15.74
CA ALA A 176 35.82 -10.22 16.48
C ALA A 176 34.78 -9.47 17.31
N LEU A 177 33.62 -9.21 16.71
CA LEU A 177 32.54 -8.50 17.40
C LEU A 177 32.03 -9.24 18.64
N ALA A 178 31.77 -10.54 18.53
CA ALA A 178 31.28 -11.28 19.69
C ALA A 178 32.35 -11.27 20.78
N ALA A 179 33.62 -11.28 20.37
CA ALA A 179 34.74 -11.25 21.30
C ALA A 179 34.75 -9.91 22.05
N ALA A 180 34.62 -8.81 21.32
CA ALA A 180 34.62 -7.50 21.94
C ALA A 180 33.39 -7.32 22.82
N LYS A 181 32.26 -7.90 22.42
CA LYS A 181 31.01 -7.81 23.20
C LYS A 181 31.23 -8.48 24.56
N ALA A 182 31.74 -9.70 24.52
CA ALA A 182 32.03 -10.46 25.73
C ALA A 182 32.96 -9.66 26.64
N ALA A 183 33.96 -9.01 26.05
CA ALA A 183 34.91 -8.20 26.80
C ALA A 183 34.22 -7.04 27.52
N VAL A 184 33.31 -6.36 26.82
CA VAL A 184 32.60 -5.24 27.41
C VAL A 184 31.73 -5.71 28.58
N ASP A 185 31.05 -6.84 28.41
CA ASP A 185 30.22 -7.40 29.46
C ASP A 185 31.11 -7.76 30.67
N ALA A 186 32.29 -8.29 30.39
CA ALA A 186 33.23 -8.66 31.44
C ALA A 186 33.74 -7.41 32.16
N ILE A 187 34.01 -6.35 31.40
CA ILE A 187 34.50 -5.13 32.01
C ILE A 187 33.40 -4.36 32.77
N SER A 188 32.14 -4.54 32.39
CA SER A 188 31.07 -3.82 33.09
C SER A 188 31.07 -4.11 34.59
N ASP A 189 31.62 -5.26 34.98
CA ASP A 189 31.67 -5.63 36.41
C ASP A 189 32.91 -5.08 37.13
N VAL A 190 33.84 -4.47 36.38
CA VAL A 190 35.07 -3.93 36.99
C VAL A 190 34.84 -2.55 37.61
N GLU A 191 35.16 -2.39 38.89
CA GLU A 191 34.94 -1.09 39.51
C GLU A 191 35.94 -0.03 39.06
N GLY A 192 35.46 1.22 39.01
CA GLY A 192 36.31 2.36 38.64
C GLY A 192 36.68 2.58 37.18
N VAL A 193 36.03 1.86 36.27
CA VAL A 193 36.31 1.96 34.84
C VAL A 193 35.04 2.10 33.98
N ILE A 194 35.19 2.60 32.77
CA ILE A 194 34.08 2.73 31.83
C ILE A 194 34.61 2.47 30.42
N THR A 195 33.72 2.14 29.51
CA THR A 195 34.08 1.92 28.11
C THR A 195 33.18 2.88 27.34
N PRO A 196 33.68 4.10 27.06
CA PRO A 196 33.00 5.20 26.36
C PRO A 196 32.51 5.08 24.91
N PHE A 197 33.03 4.15 24.13
CA PHE A 197 32.51 4.08 22.77
C PHE A 197 31.13 3.41 22.69
N PRO A 198 30.46 3.49 21.53
CA PRO A 198 29.13 2.88 21.38
C PRO A 198 29.10 1.41 21.82
N GLY A 199 28.27 1.11 22.82
CA GLY A 199 28.20 -0.24 23.32
C GLY A 199 29.55 -0.64 23.88
N GLY A 200 30.40 0.37 24.09
CA GLY A 200 31.73 0.17 24.63
C GLY A 200 32.76 -0.36 23.64
N ILE A 201 32.39 -0.42 22.36
CA ILE A 201 33.28 -0.97 21.34
C ILE A 201 33.68 0.00 20.21
N VAL A 202 34.97 0.00 19.87
CA VAL A 202 35.48 0.84 18.80
C VAL A 202 35.60 0.00 17.53
N ALA A 203 34.91 0.43 16.49
CA ALA A 203 34.93 -0.26 15.20
C ALA A 203 35.78 0.51 14.19
N SER A 204 36.15 1.73 14.54
CA SER A 204 36.95 2.55 13.62
C SER A 204 38.45 2.49 13.83
N GLY A 205 38.90 3.08 14.93
CA GLY A 205 40.33 3.14 15.22
C GLY A 205 40.87 4.37 14.51
N SER A 206 42.06 4.84 14.90
CA SER A 206 42.60 6.02 14.23
C SER A 206 44.08 6.24 14.49
N LYS A 207 44.67 7.11 13.68
CA LYS A 207 46.07 7.50 13.81
C LYS A 207 46.04 9.02 13.92
N VAL A 208 46.99 9.57 14.65
CA VAL A 208 47.06 11.01 14.88
C VAL A 208 46.67 11.94 13.75
N GLY A 209 47.52 12.10 12.74
CA GLY A 209 47.17 12.99 11.65
C GLY A 209 46.56 12.33 10.43
N ALA A 210 47.22 12.51 9.28
CA ALA A 210 46.77 11.92 8.02
C ALA A 210 47.96 11.88 7.07
N ASN A 211 47.92 10.97 6.09
CA ASN A 211 49.00 10.84 5.11
C ASN A 211 48.68 11.67 3.88
N LYS A 212 47.40 11.75 3.54
CA LYS A 212 47.00 12.49 2.34
C LYS A 212 46.25 13.80 2.60
N TYR A 213 45.26 13.77 3.49
CA TYR A 213 44.48 14.97 3.82
C TYR A 213 45.02 15.61 5.09
N LYS A 214 46.12 16.34 4.95
CA LYS A 214 46.79 17.01 6.07
C LYS A 214 45.96 17.96 6.91
N PHE A 215 44.86 18.48 6.37
CA PHE A 215 44.02 19.40 7.12
C PHE A 215 43.22 18.65 8.18
N LEU A 216 43.36 17.33 8.17
CA LEU A 216 42.68 16.45 9.11
C LEU A 216 43.50 16.32 10.40
N LYS A 217 42.82 16.24 11.54
CA LYS A 217 43.51 16.11 12.81
C LYS A 217 43.65 14.65 13.21
N ALA A 218 43.01 13.77 12.45
CA ALA A 218 43.06 12.33 12.70
C ALA A 218 42.40 11.64 11.51
N SER A 219 42.69 10.36 11.32
CA SER A 219 42.12 9.60 10.20
C SER A 219 42.24 8.09 10.44
N THR A 220 41.75 7.29 9.50
CA THR A 220 41.82 5.82 9.63
C THR A 220 43.27 5.38 9.73
N ASN A 221 43.55 4.46 10.65
CA ASN A 221 44.89 3.93 10.77
C ASN A 221 44.91 2.79 9.74
N GLU A 222 45.29 3.12 8.52
CA GLU A 222 45.29 2.15 7.44
C GLU A 222 46.10 0.88 7.66
N LYS A 223 47.03 0.87 8.61
CA LYS A 223 47.84 -0.33 8.87
C LYS A 223 47.09 -1.36 9.70
N PHE A 224 45.89 -1.00 10.12
CA PHE A 224 45.06 -1.90 10.90
C PHE A 224 43.68 -2.01 10.27
N ALA A 225 43.62 -1.80 8.96
CA ALA A 225 42.37 -1.91 8.23
C ALA A 225 42.43 -3.15 7.34
N PRO A 226 41.81 -4.25 7.79
CA PRO A 226 41.76 -5.54 7.09
C PRO A 226 41.36 -5.51 5.60
N SER A 227 40.38 -4.68 5.25
CA SER A 227 39.91 -4.61 3.86
C SER A 227 40.90 -4.04 2.85
N ILE A 228 41.96 -3.38 3.31
CA ILE A 228 42.97 -2.83 2.39
C ILE A 228 44.38 -3.34 2.71
N ARG A 229 44.47 -4.49 3.38
CA ARG A 229 45.78 -5.03 3.75
C ARG A 229 46.66 -5.36 2.54
N ASP A 230 46.06 -5.87 1.47
CA ASP A 230 46.84 -6.21 0.27
C ASP A 230 47.47 -4.96 -0.33
N GLN A 231 46.87 -3.81 -0.03
CA GLN A 231 47.33 -2.52 -0.54
C GLN A 231 48.32 -1.75 0.34
N VAL A 232 47.95 -1.52 1.59
CA VAL A 232 48.77 -0.75 2.54
C VAL A 232 50.28 -0.75 2.30
N GLU A 233 50.92 -1.91 2.44
CA GLU A 233 52.37 -2.05 2.23
C GLU A 233 53.12 -1.80 3.53
N GLY A 234 52.38 -1.85 4.63
CA GLY A 234 52.94 -1.64 5.95
C GLY A 234 51.94 -2.19 6.96
N THR A 235 50.91 -2.86 6.43
CA THR A 235 49.85 -3.43 7.26
C THR A 235 50.34 -4.28 8.44
N GLN A 236 49.59 -4.20 9.55
CA GLN A 236 49.90 -4.97 10.75
C GLN A 236 48.87 -6.09 10.91
N ILE A 237 48.06 -6.27 9.86
CA ILE A 237 47.02 -7.28 9.87
C ILE A 237 47.49 -8.60 9.25
N PRO A 238 47.58 -9.67 10.06
CA PRO A 238 48.03 -10.98 9.56
C PRO A 238 47.09 -11.49 8.46
N ALA A 239 47.64 -12.27 7.54
CA ALA A 239 46.90 -12.82 6.42
C ALA A 239 45.50 -13.38 6.71
N GLY A 240 45.32 -14.06 7.83
CA GLY A 240 44.00 -14.62 8.12
C GLY A 240 42.99 -13.78 8.87
N VAL A 241 43.33 -12.55 9.19
CA VAL A 241 42.41 -11.66 9.92
C VAL A 241 41.54 -10.83 8.97
N LYS A 242 40.24 -10.85 9.19
CA LYS A 242 39.34 -10.09 8.35
C LYS A 242 38.73 -8.90 9.07
N ALA A 243 38.89 -8.83 10.38
CA ALA A 243 38.32 -7.72 11.14
C ALA A 243 38.96 -7.53 12.50
N VAL A 244 38.95 -6.27 12.96
CA VAL A 244 39.53 -5.91 14.24
C VAL A 244 38.62 -4.96 15.02
N TYR A 245 38.51 -5.19 16.32
CA TYR A 245 37.74 -4.33 17.20
C TYR A 245 38.62 -3.96 18.38
N GLU A 246 38.48 -2.73 18.85
CA GLU A 246 39.26 -2.24 19.96
C GLU A 246 38.35 -1.88 21.13
N ILE A 247 38.86 -2.02 22.35
CA ILE A 247 38.09 -1.68 23.53
C ILE A 247 38.84 -0.55 24.23
N VAL A 248 38.21 0.61 24.32
CA VAL A 248 38.85 1.74 25.00
C VAL A 248 38.38 1.80 26.45
N ILE A 249 39.34 1.95 27.35
CA ILE A 249 39.07 1.98 28.77
C ILE A 249 39.52 3.29 29.45
N ASN A 250 38.61 3.87 30.24
CA ASN A 250 38.87 5.09 30.99
C ASN A 250 38.65 4.71 32.46
N GLY A 251 39.43 5.29 33.37
CA GLY A 251 39.28 4.92 34.77
C GLY A 251 39.96 5.84 35.77
N LEU A 252 39.68 5.60 37.04
CA LEU A 252 40.23 6.43 38.11
C LEU A 252 41.73 6.29 38.36
N ASN A 253 42.28 5.10 38.13
CA ASN A 253 43.71 4.87 38.32
C ASN A 253 44.28 3.76 37.45
N ALA A 254 45.60 3.59 37.51
CA ALA A 254 46.28 2.58 36.72
C ALA A 254 45.83 1.16 37.06
N ASP A 255 45.87 0.81 38.34
CA ASP A 255 45.44 -0.52 38.77
C ASP A 255 44.13 -0.92 38.10
N ALA A 256 43.15 -0.01 38.11
CA ALA A 256 41.84 -0.27 37.50
C ALA A 256 41.92 -0.55 35.99
N ILE A 257 42.67 0.27 35.26
CA ILE A 257 42.82 0.06 33.82
C ILE A 257 43.40 -1.33 33.54
N LYS A 258 44.43 -1.70 34.30
CA LYS A 258 45.09 -2.99 34.14
C LYS A 258 44.13 -4.15 34.40
N GLU A 259 43.36 -4.04 35.48
CA GLU A 259 42.38 -5.05 35.84
C GLU A 259 41.35 -5.18 34.71
N ALA A 260 40.91 -4.03 34.19
CA ALA A 260 39.95 -4.01 33.11
C ALA A 260 40.54 -4.62 31.83
N THR A 261 41.81 -4.31 31.55
CA THR A 261 42.44 -4.85 30.35
C THR A 261 42.55 -6.39 30.45
N ARG A 262 43.00 -6.86 31.60
CA ARG A 262 43.15 -8.30 31.87
C ARG A 262 41.80 -9.00 31.73
N VAL A 263 40.80 -8.47 32.42
CA VAL A 263 39.46 -9.04 32.40
C VAL A 263 38.89 -9.11 30.99
N GLY A 264 39.07 -8.05 30.21
CA GLY A 264 38.54 -8.02 28.86
C GLY A 264 39.17 -9.06 27.94
N ILE A 265 40.49 -9.11 27.95
CA ILE A 265 41.26 -10.04 27.12
C ILE A 265 40.87 -11.49 27.40
N LEU A 266 40.81 -11.84 28.68
CA LEU A 266 40.47 -13.19 29.11
C LEU A 266 39.13 -13.63 28.54
N ALA A 267 38.14 -12.76 28.64
CA ALA A 267 36.80 -13.06 28.14
C ALA A 267 36.75 -13.11 26.62
N ALA A 268 37.54 -12.26 25.96
CA ALA A 268 37.58 -12.21 24.51
C ALA A 268 38.20 -13.46 23.90
N THR A 269 39.21 -14.00 24.56
CA THR A 269 39.88 -15.19 24.06
C THR A 269 39.01 -16.44 24.13
N LYS A 270 37.84 -16.32 24.73
CA LYS A 270 36.92 -17.45 24.85
C LYS A 270 36.11 -17.64 23.58
N ILE A 271 36.11 -16.63 22.72
CA ILE A 271 35.32 -16.67 21.48
C ILE A 271 36.01 -17.33 20.29
N PRO A 272 35.33 -18.30 19.64
CA PRO A 272 35.91 -18.99 18.49
C PRO A 272 36.19 -18.02 17.34
N GLY A 273 37.34 -18.19 16.69
CA GLY A 273 37.67 -17.32 15.59
C GLY A 273 38.68 -16.24 15.89
N VAL A 274 38.90 -15.94 17.17
CA VAL A 274 39.87 -14.92 17.54
C VAL A 274 41.28 -15.41 17.22
N VAL A 275 42.01 -14.59 16.47
CA VAL A 275 43.36 -14.94 16.03
C VAL A 275 44.52 -14.34 16.80
N LYS A 276 44.40 -13.08 17.18
CA LYS A 276 45.49 -12.40 17.87
C LYS A 276 44.97 -11.28 18.78
N ILE A 277 45.76 -10.95 19.80
CA ILE A 277 45.41 -9.87 20.71
C ILE A 277 46.62 -8.92 20.81
N THR A 278 46.39 -7.62 20.65
CA THR A 278 47.47 -6.66 20.78
C THR A 278 46.91 -5.36 21.36
N ALA A 279 47.62 -4.26 21.21
CA ALA A 279 47.13 -2.99 21.74
C ALA A 279 47.72 -1.81 20.99
N GLY A 280 47.08 -0.65 21.13
CA GLY A 280 47.55 0.53 20.45
C GLY A 280 48.36 1.50 21.30
N ASN A 281 49.42 2.02 20.72
CA ASN A 281 50.27 2.97 21.43
C ASN A 281 50.81 4.02 20.48
N TYR A 282 51.75 4.82 20.97
CA TYR A 282 52.35 5.88 20.16
C TYR A 282 53.84 5.95 20.40
N GLY A 283 54.51 4.82 20.29
CA GLY A 283 55.95 4.78 20.49
C GLY A 283 56.39 5.09 21.92
N GLY A 284 55.44 5.38 22.79
CA GLY A 284 55.78 5.68 24.17
C GLY A 284 56.21 7.11 24.38
N LYS A 285 55.74 8.02 23.52
CA LYS A 285 56.09 9.42 23.63
C LYS A 285 54.89 10.31 23.99
N LEU A 286 53.82 10.21 23.21
CA LEU A 286 52.62 11.02 23.43
C LEU A 286 51.95 10.87 24.80
N GLY A 287 51.57 9.64 25.14
CA GLY A 287 50.91 9.40 26.42
C GLY A 287 51.85 9.07 27.55
N LYS A 288 51.43 9.40 28.78
CA LYS A 288 52.22 9.16 29.98
C LYS A 288 51.97 7.78 30.62
N HIS A 289 50.82 7.18 30.36
CA HIS A 289 50.52 5.89 30.97
C HIS A 289 50.69 4.70 30.05
N ILE A 290 51.61 3.82 30.42
CA ILE A 290 51.89 2.64 29.62
C ILE A 290 51.48 1.34 30.31
N ILE A 291 50.75 0.53 29.56
CA ILE A 291 50.27 -0.75 30.05
C ILE A 291 50.77 -1.88 29.15
N ASN A 292 51.78 -2.59 29.64
CA ASN A 292 52.36 -3.71 28.90
C ASN A 292 51.53 -4.96 29.18
N LEU A 293 51.01 -5.56 28.11
CA LEU A 293 50.17 -6.75 28.22
C LEU A 293 50.84 -7.92 28.96
N ASN A 294 52.12 -8.14 28.69
CA ASN A 294 52.89 -9.24 29.29
C ASN A 294 53.00 -9.25 30.83
N GLU A 295 52.57 -8.17 31.48
CA GLU A 295 52.65 -8.09 32.94
C GLU A 295 51.28 -8.29 33.60
N LEU A 296 50.26 -8.50 32.77
CA LEU A 296 48.90 -8.70 33.27
C LEU A 296 48.58 -10.18 33.48
N PHE A 297 49.38 -11.05 32.87
CA PHE A 297 49.21 -12.49 32.99
C PHE A 297 50.56 -13.13 33.30
N MET B 1 -14.68 18.81 28.62
CA MET B 1 -14.19 17.77 27.68
C MET B 1 -13.49 16.66 28.45
N LYS B 2 -13.88 15.42 28.19
CA LYS B 2 -13.28 14.28 28.86
C LYS B 2 -12.84 13.22 27.85
N VAL B 3 -11.73 12.56 28.15
CA VAL B 3 -11.19 11.52 27.29
C VAL B 3 -11.02 10.26 28.14
N ASN B 4 -11.69 9.18 27.73
CA ASN B 4 -11.62 7.92 28.45
C ASN B 4 -12.03 8.08 29.92
N GLY B 5 -12.86 9.08 30.20
CA GLY B 5 -13.31 9.29 31.56
C GLY B 5 -12.47 10.31 32.32
N VAL B 6 -11.33 10.68 31.75
CA VAL B 6 -10.45 11.65 32.40
C VAL B 6 -10.70 13.04 31.82
N GLU B 7 -10.57 14.06 32.66
CA GLU B 7 -10.80 15.42 32.20
C GLU B 7 -9.61 16.00 31.48
N VAL B 8 -9.88 16.60 30.32
CA VAL B 8 -8.86 17.22 29.49
C VAL B 8 -9.20 18.71 29.38
N GLU B 9 -8.27 19.57 29.77
CA GLU B 9 -8.53 21.01 29.70
C GLU B 9 -8.51 21.51 28.27
N GLU B 10 -9.49 22.34 27.94
CA GLU B 10 -9.61 22.89 26.59
C GLU B 10 -8.68 24.08 26.40
N THR B 11 -7.39 23.78 26.36
CA THR B 11 -6.35 24.79 26.19
C THR B 11 -5.43 24.34 25.06
N PHE B 12 -4.24 24.93 24.97
CA PHE B 12 -3.33 24.58 23.88
C PHE B 12 -1.84 24.55 24.23
N ALA B 13 -1.09 23.84 23.40
CA ALA B 13 0.35 23.74 23.58
C ALA B 13 0.93 24.75 22.60
N GLU B 14 2.01 25.40 23.00
CA GLU B 14 2.67 26.39 22.15
C GLU B 14 4.08 25.90 21.80
N ALA B 15 4.26 25.51 20.53
CA ALA B 15 5.54 24.99 20.06
C ALA B 15 6.33 26.00 19.22
N PHE B 16 7.58 25.65 18.91
CA PHE B 16 8.44 26.54 18.15
C PHE B 16 9.07 25.92 16.91
N ASP B 17 9.59 26.77 16.04
CA ASP B 17 10.23 26.31 14.82
C ASP B 17 11.65 25.86 15.08
N ILE B 18 12.05 24.78 14.41
CA ILE B 18 13.40 24.24 14.57
C ILE B 18 13.75 23.46 13.32
N LYS B 19 15.05 23.36 13.05
CA LYS B 19 15.55 22.61 11.90
C LYS B 19 15.68 21.14 12.30
N ILE B 20 15.27 20.22 11.43
CA ILE B 20 15.37 18.79 11.75
C ILE B 20 15.90 17.94 10.62
N ALA B 21 16.92 17.15 10.93
CA ALA B 21 17.55 16.23 9.98
C ALA B 21 17.09 14.82 10.36
N ARG B 22 16.87 13.97 9.37
CA ARG B 22 16.42 12.60 9.63
C ARG B 22 17.45 11.65 9.05
N VAL B 23 18.00 10.79 9.90
CA VAL B 23 19.04 9.84 9.51
C VAL B 23 18.66 8.38 9.77
N LEU B 24 19.02 7.51 8.83
CA LEU B 24 18.75 6.08 8.96
C LEU B 24 20.07 5.38 9.32
N ILE B 25 20.02 4.55 10.36
CA ILE B 25 21.20 3.81 10.82
C ILE B 25 20.86 2.31 10.76
N THR B 26 21.68 1.53 10.06
CA THR B 26 21.44 0.09 9.98
C THR B 26 22.64 -0.69 10.53
N GLY B 27 22.41 -1.96 10.87
CA GLY B 27 23.45 -2.82 11.40
C GLY B 27 23.15 -4.30 11.21
N TYR B 28 23.84 -5.18 11.94
CA TYR B 28 23.58 -6.62 11.84
C TYR B 28 22.11 -6.89 12.18
N ASP B 29 21.68 -6.32 13.30
CA ASP B 29 20.31 -6.52 13.78
C ASP B 29 19.84 -5.29 14.53
N TYR B 30 18.65 -5.35 15.12
CA TYR B 30 18.13 -4.19 15.85
C TYR B 30 19.00 -3.77 17.04
N TYR B 31 19.59 -4.73 17.75
CA TYR B 31 20.44 -4.37 18.89
C TYR B 31 21.59 -3.45 18.47
N TRP B 32 22.40 -3.89 17.51
CA TRP B 32 23.54 -3.08 17.08
C TRP B 32 23.13 -1.74 16.47
N ALA B 33 22.03 -1.72 15.73
CA ALA B 33 21.57 -0.46 15.16
C ALA B 33 21.15 0.46 16.31
N TRP B 34 20.47 -0.11 17.31
CA TRP B 34 20.03 0.65 18.47
C TRP B 34 21.23 1.22 19.23
N VAL B 35 22.28 0.40 19.40
CA VAL B 35 23.47 0.83 20.11
C VAL B 35 23.98 2.16 19.54
N ALA B 36 24.10 2.24 18.23
CA ALA B 36 24.58 3.46 17.58
C ALA B 36 23.59 4.62 17.69
N ALA B 37 22.32 4.35 17.42
CA ALA B 37 21.29 5.38 17.47
C ALA B 37 21.15 5.98 18.88
N ASN B 38 21.23 5.10 19.88
CA ASN B 38 21.12 5.51 21.28
C ASN B 38 22.28 6.43 21.69
N GLU B 39 23.50 6.03 21.34
CA GLU B 39 24.66 6.83 21.68
C GLU B 39 24.65 8.18 20.96
N ALA B 40 24.30 8.17 19.68
CA ALA B 40 24.27 9.37 18.87
C ALA B 40 23.25 10.42 19.29
N THR B 41 22.11 9.96 19.82
CA THR B 41 21.06 10.88 20.24
C THR B 41 21.07 11.25 21.72
N GLY B 42 22.10 10.84 22.46
CA GLY B 42 22.18 11.17 23.86
C GLY B 42 22.59 12.61 24.11
N PHE B 43 22.58 13.03 25.38
CA PHE B 43 22.93 14.40 25.75
C PHE B 43 22.21 15.32 24.74
N GLY B 44 20.91 15.08 24.58
CA GLY B 44 20.11 15.87 23.65
C GLY B 44 18.65 16.05 24.01
N THR B 45 18.39 16.62 25.17
CA THR B 45 17.02 16.82 25.62
C THR B 45 16.45 18.20 25.27
N SER B 46 17.28 19.23 25.42
CA SER B 46 16.85 20.60 25.16
C SER B 46 17.97 21.50 24.64
N VAL B 47 17.60 22.43 23.78
CA VAL B 47 18.55 23.36 23.18
C VAL B 47 19.01 24.44 24.16
N ILE B 48 18.44 24.45 25.36
CA ILE B 48 18.84 25.44 26.34
C ILE B 48 20.26 25.17 26.83
N MET B 49 20.64 23.89 26.94
CA MET B 49 21.99 23.54 27.40
C MET B 49 22.60 22.29 26.77
N CYS B 50 21.92 21.69 25.81
CA CYS B 50 22.44 20.51 25.12
C CYS B 50 22.88 20.94 23.73
N PRO B 51 23.86 20.24 23.14
CA PRO B 51 24.32 20.62 21.80
C PRO B 51 23.22 20.54 20.75
N ALA B 52 22.17 19.79 21.07
CA ALA B 52 21.03 19.60 20.17
C ALA B 52 19.91 18.82 20.84
N GLU B 53 18.79 18.68 20.14
CA GLU B 53 17.67 17.90 20.65
C GLU B 53 17.59 16.73 19.67
N ALA B 54 17.63 15.51 20.18
CA ALA B 54 17.63 14.35 19.31
C ALA B 54 16.89 13.17 19.90
N GLY B 55 16.74 12.12 19.11
CA GLY B 55 16.04 10.95 19.60
C GLY B 55 15.77 9.91 18.54
N ILE B 56 15.37 8.72 18.98
CA ILE B 56 15.06 7.61 18.08
C ILE B 56 13.61 7.74 17.64
N GLU B 57 13.39 7.88 16.33
CA GLU B 57 12.05 8.00 15.79
C GLU B 57 11.33 6.66 15.78
N ILE B 58 11.72 5.75 14.89
CA ILE B 58 11.07 4.45 14.81
C ILE B 58 11.94 3.39 14.17
N LYS B 59 11.53 2.13 14.34
CA LYS B 59 12.23 0.99 13.78
C LYS B 59 12.16 1.06 12.26
N ALA B 60 13.18 0.50 11.62
CA ALA B 60 13.23 0.44 10.15
C ALA B 60 13.37 -1.04 9.80
N LYS B 61 12.30 -1.63 9.27
CA LYS B 61 12.33 -3.03 8.87
C LYS B 61 13.25 -3.25 7.68
N PRO B 62 13.89 -4.43 7.60
CA PRO B 62 14.80 -4.73 6.50
C PRO B 62 14.19 -4.44 5.13
N SER B 63 12.90 -4.69 4.97
CA SER B 63 12.25 -4.43 3.69
C SER B 63 12.16 -2.95 3.34
N GLU B 64 12.45 -2.08 4.29
CA GLU B 64 12.39 -0.63 4.05
C GLU B 64 13.75 0.05 3.90
N THR B 65 14.84 -0.67 4.18
CA THR B 65 16.17 -0.06 4.11
C THR B 65 16.93 -0.30 2.81
N PRO B 66 17.77 0.67 2.42
CA PRO B 66 18.57 0.63 1.20
C PRO B 66 19.46 -0.61 1.12
N ASP B 67 19.94 -1.08 2.27
CA ASP B 67 20.82 -2.26 2.27
C ASP B 67 20.15 -3.57 2.70
N GLY B 68 18.85 -3.50 2.99
CA GLY B 68 18.13 -4.71 3.39
C GLY B 68 18.40 -5.28 4.77
N ARG B 69 19.02 -4.49 5.64
CA ARG B 69 19.27 -4.96 6.99
C ARG B 69 18.47 -4.08 7.95
N PRO B 70 18.16 -4.59 9.14
CA PRO B 70 17.40 -3.81 10.12
C PRO B 70 18.06 -2.51 10.56
N GLY B 71 17.26 -1.56 11.03
CA GLY B 71 17.80 -0.28 11.48
C GLY B 71 16.82 0.59 12.22
N TYR B 72 17.21 1.84 12.45
CA TYR B 72 16.37 2.82 13.14
C TYR B 72 16.54 4.20 12.52
N TYR B 73 15.44 4.95 12.40
CA TYR B 73 15.53 6.31 11.92
C TYR B 73 15.67 7.18 13.16
N ILE B 74 16.49 8.21 13.09
CA ILE B 74 16.66 9.12 14.21
C ILE B 74 16.53 10.56 13.70
N GLN B 75 16.22 11.48 14.60
CA GLN B 75 16.12 12.89 14.23
C GLN B 75 17.10 13.66 15.09
N ILE B 76 17.70 14.68 14.48
CA ILE B 76 18.64 15.56 15.17
C ILE B 76 18.15 16.97 14.82
N CYS B 77 17.90 17.78 15.85
CA CYS B 77 17.37 19.12 15.65
C CYS B 77 18.23 20.25 16.22
N HIS B 78 18.15 21.40 15.58
CA HIS B 78 18.88 22.58 16.01
C HIS B 78 18.17 23.81 15.43
N MET B 79 18.33 24.95 16.11
CA MET B 79 17.69 26.19 15.66
C MET B 79 18.25 26.73 14.34
N SER B 80 19.54 26.56 14.10
CA SER B 80 20.18 27.07 12.87
C SER B 80 20.69 25.99 11.93
N LYS B 81 20.94 26.40 10.67
CA LYS B 81 21.46 25.48 9.66
C LYS B 81 22.89 25.07 9.99
N LYS B 82 23.72 26.05 10.34
CA LYS B 82 25.12 25.80 10.69
C LYS B 82 25.23 24.88 11.89
N GLY B 83 24.41 25.14 12.91
CA GLY B 83 24.43 24.32 14.10
C GLY B 83 24.01 22.89 13.84
N LEU B 84 23.06 22.70 12.93
CA LEU B 84 22.58 21.36 12.61
C LEU B 84 23.62 20.59 11.81
N GLU B 85 24.24 21.25 10.85
CA GLU B 85 25.26 20.59 10.03
C GLU B 85 26.37 20.11 10.94
N GLU B 86 26.70 20.96 11.91
CA GLU B 86 27.72 20.70 12.90
C GLU B 86 27.36 19.50 13.77
N GLN B 87 26.10 19.44 14.22
CA GLN B 87 25.68 18.33 15.06
C GLN B 87 25.64 17.00 14.30
N LEU B 88 25.34 17.04 13.00
CA LEU B 88 25.31 15.81 12.21
C LEU B 88 26.71 15.21 12.07
N LEU B 89 27.69 16.06 11.76
CA LEU B 89 29.07 15.62 11.59
C LEU B 89 29.67 15.13 12.91
N ALA B 90 29.33 15.79 14.01
CA ALA B 90 29.85 15.40 15.30
C ALA B 90 29.19 14.13 15.86
N ARG B 91 27.86 14.08 15.85
CA ARG B 91 27.17 12.90 16.38
C ARG B 91 27.35 11.65 15.52
N LEU B 92 27.24 11.79 14.21
CA LEU B 92 27.40 10.64 13.33
C LEU B 92 28.86 10.24 13.22
N GLY B 93 29.74 11.24 13.09
CA GLY B 93 31.16 10.97 12.98
C GLY B 93 31.76 10.35 14.23
N GLN B 94 31.31 10.79 15.40
CA GLN B 94 31.82 10.28 16.67
C GLN B 94 31.06 9.09 17.27
N CYS B 95 29.76 9.00 17.01
CA CYS B 95 28.95 7.93 17.60
C CYS B 95 28.35 6.86 16.67
N VAL B 96 28.44 7.03 15.36
CA VAL B 96 27.90 6.00 14.45
C VAL B 96 29.01 5.42 13.55
N LEU B 97 29.85 6.28 13.01
CA LEU B 97 30.96 5.79 12.19
C LEU B 97 31.90 4.94 13.06
N THR B 98 31.80 5.10 14.37
CA THR B 98 32.66 4.35 15.29
C THR B 98 31.99 3.12 15.89
N ALA B 99 30.67 3.00 15.74
CA ALA B 99 29.92 1.88 16.31
C ALA B 99 29.96 0.65 15.43
N PRO B 100 29.92 -0.55 16.03
CA PRO B 100 29.96 -1.80 15.27
C PRO B 100 28.87 -2.06 14.22
N THR B 101 29.31 -2.54 13.07
CA THR B 101 28.45 -2.93 11.94
C THR B 101 27.54 -1.92 11.26
N THR B 102 27.54 -0.68 11.68
CA THR B 102 26.62 0.27 11.07
C THR B 102 26.95 0.81 9.68
N ALA B 103 25.93 1.42 9.09
CA ALA B 103 25.97 2.06 7.79
C ALA B 103 24.95 3.17 7.95
N VAL B 104 25.13 4.31 7.28
CA VAL B 104 24.13 5.37 7.44
C VAL B 104 23.62 5.89 6.12
N PHE B 105 22.32 6.08 6.05
CA PHE B 105 21.67 6.57 4.84
C PHE B 105 20.82 7.80 5.12
N ASN B 106 20.43 8.48 4.05
CA ASN B 106 19.63 9.69 4.12
C ASN B 106 18.21 9.31 4.54
N GLY B 107 17.77 9.81 5.68
CA GLY B 107 16.43 9.51 6.18
C GLY B 107 15.30 10.36 5.61
N LEU B 108 15.66 11.39 4.84
CA LEU B 108 14.69 12.27 4.19
C LEU B 108 15.09 12.42 2.73
N PRO B 109 14.99 11.33 1.95
CA PRO B 109 15.37 11.35 0.53
C PRO B 109 14.71 12.38 -0.38
N ASP B 110 13.48 12.79 -0.08
CA ASP B 110 12.80 13.76 -0.92
C ASP B 110 12.92 15.20 -0.48
N ALA B 111 13.73 15.44 0.56
CA ALA B 111 13.91 16.81 1.05
C ALA B 111 14.73 17.58 0.03
N GLU B 112 14.39 18.85 -0.16
CA GLU B 112 15.10 19.69 -1.11
C GLU B 112 16.44 20.12 -0.54
N GLU B 113 16.43 20.52 0.74
CA GLU B 113 17.65 20.94 1.42
C GLU B 113 18.38 19.70 1.95
N LYS B 114 19.70 19.72 1.84
CA LYS B 114 20.54 18.61 2.30
C LYS B 114 21.88 19.13 2.82
N ASP B 115 22.59 18.28 3.56
CA ASP B 115 23.92 18.59 4.06
C ASP B 115 24.78 17.46 3.52
N ASP B 116 26.01 17.75 3.09
CA ASP B 116 26.87 16.70 2.52
C ASP B 116 27.71 16.02 3.62
N THR B 117 27.06 15.64 4.72
CA THR B 117 27.76 15.00 5.83
C THR B 117 28.57 13.78 5.38
N GLY B 118 27.99 12.97 4.49
CA GLY B 118 28.69 11.80 4.01
C GLY B 118 29.99 12.19 3.33
N PHE B 119 29.93 13.17 2.43
CA PHE B 119 31.09 13.64 1.70
C PHE B 119 32.21 14.09 2.64
N LYS B 120 31.86 14.79 3.72
CA LYS B 120 32.86 15.26 4.66
C LYS B 120 33.45 14.14 5.50
N LEU B 121 32.60 13.34 6.12
CA LEU B 121 33.10 12.25 6.95
C LEU B 121 34.00 11.26 6.20
N LYS B 122 33.74 11.03 4.92
CA LYS B 122 34.54 10.07 4.15
C LYS B 122 36.03 10.42 4.03
N PHE B 123 36.41 11.66 4.32
CA PHE B 123 37.81 12.06 4.26
C PHE B 123 38.62 11.31 5.30
N PHE B 124 37.92 10.83 6.33
CA PHE B 124 38.56 10.05 7.39
C PHE B 124 39.30 8.85 6.76
N ALA B 125 38.90 8.47 5.55
CA ALA B 125 39.51 7.35 4.85
C ALA B 125 40.93 7.67 4.36
N ASP B 126 41.27 8.95 4.38
CA ASP B 126 42.59 9.41 4.00
C ASP B 126 43.11 8.88 2.66
N GLY B 127 42.27 8.91 1.63
CA GLY B 127 42.70 8.45 0.32
C GLY B 127 42.24 7.06 -0.11
N TYR B 128 41.71 6.28 0.82
CA TYR B 128 41.25 4.94 0.50
C TYR B 128 39.73 4.83 0.32
N GLN B 129 39.03 5.96 0.26
CA GLN B 129 37.59 5.93 0.07
C GLN B 129 37.28 5.31 -1.28
N LYS B 130 36.08 4.80 -1.42
CA LYS B 130 35.65 4.21 -2.67
C LYS B 130 34.15 4.49 -2.80
N GLU B 131 33.72 4.83 -4.01
CA GLU B 131 32.32 5.11 -4.26
C GLU B 131 31.58 3.80 -4.50
N VAL B 132 30.37 3.70 -3.96
CA VAL B 132 29.54 2.52 -4.12
C VAL B 132 28.08 2.91 -4.06
N GLU B 133 27.26 2.29 -4.90
CA GLU B 133 25.83 2.58 -4.91
C GLU B 133 25.11 1.47 -4.13
N VAL B 134 24.22 1.84 -3.21
CA VAL B 134 23.49 0.86 -2.40
C VAL B 134 21.99 1.13 -2.43
N GLY B 135 21.26 0.23 -3.06
CA GLY B 135 19.81 0.41 -3.14
C GLY B 135 19.47 1.73 -3.77
N GLY B 136 20.26 2.12 -4.78
CA GLY B 136 20.02 3.37 -5.48
C GLY B 136 20.61 4.59 -4.82
N ARG B 137 21.20 4.41 -3.65
CA ARG B 137 21.80 5.52 -2.92
C ARG B 137 23.29 5.70 -3.25
N LYS B 138 23.70 6.95 -3.47
CA LYS B 138 25.11 7.25 -3.78
C LYS B 138 25.88 7.29 -2.46
N CYS B 139 26.82 6.36 -2.27
CA CYS B 139 27.56 6.31 -1.01
C CYS B 139 29.07 6.19 -1.09
N TRP B 140 29.68 6.12 0.09
CA TRP B 140 31.13 5.99 0.23
C TRP B 140 31.43 4.87 1.22
N ALA B 141 32.48 4.10 0.92
CA ALA B 141 32.92 3.02 1.79
C ALA B 141 34.22 3.50 2.44
N VAL B 142 34.25 3.51 3.76
CA VAL B 142 35.42 3.98 4.51
C VAL B 142 36.08 2.84 5.27
N PRO B 143 37.23 2.32 4.78
CA PRO B 143 37.91 1.22 5.45
C PRO B 143 38.46 1.61 6.83
N MET B 144 38.23 0.76 7.81
CA MET B 144 38.69 0.99 9.17
C MET B 144 38.91 -0.38 9.79
N MET B 145 39.12 -0.43 11.10
CA MET B 145 39.36 -1.71 11.76
C MET B 145 38.37 -2.83 11.51
N GLU B 146 37.07 -2.56 11.66
CA GLU B 146 36.06 -3.61 11.48
C GLU B 146 35.83 -4.03 10.02
N GLY B 147 36.12 -3.13 9.10
CA GLY B 147 35.91 -3.38 7.69
C GLY B 147 35.58 -2.04 7.04
N ASP B 148 34.61 -2.01 6.14
CA ASP B 148 34.22 -0.76 5.49
C ASP B 148 32.90 -0.17 5.98
N PHE B 149 32.95 1.09 6.41
CA PHE B 149 31.78 1.84 6.87
C PHE B 149 31.12 2.48 5.66
N ILE B 150 29.84 2.19 5.44
CA ILE B 150 29.13 2.74 4.29
C ILE B 150 28.26 3.91 4.74
N ILE B 151 28.40 5.04 4.06
CA ILE B 151 27.63 6.23 4.41
C ILE B 151 27.22 7.00 3.17
N GLU B 152 25.94 7.34 3.08
CA GLU B 152 25.41 8.07 1.93
C GLU B 152 26.07 9.44 1.85
N ASN B 153 26.19 9.99 0.64
CA ASN B 153 26.86 11.26 0.46
C ASN B 153 26.24 12.44 1.22
N ASP B 154 24.93 12.47 1.33
CA ASP B 154 24.29 13.56 2.06
C ASP B 154 23.04 13.17 2.86
N ILE B 155 22.60 14.10 3.70
CA ILE B 155 21.44 13.92 4.56
C ILE B 155 20.48 15.11 4.45
N GLY B 156 19.21 14.81 4.22
CA GLY B 156 18.22 15.87 4.09
C GLY B 156 17.71 16.39 5.43
N TYR B 157 17.36 17.67 5.46
CA TYR B 157 16.84 18.31 6.67
C TYR B 157 15.67 19.21 6.27
N THR B 158 14.75 19.46 7.19
CA THR B 158 13.59 20.27 6.89
C THR B 158 13.25 21.22 8.03
N ASN B 159 12.21 22.05 7.83
CA ASN B 159 11.77 22.97 8.87
C ASN B 159 10.69 22.26 9.66
N GLY B 160 11.04 21.84 10.87
CA GLY B 160 10.11 21.13 11.70
C GLY B 160 9.63 21.89 12.91
N ILE B 161 9.12 21.17 13.89
CA ILE B 161 8.59 21.78 15.10
C ILE B 161 9.11 21.13 16.37
N ALA B 162 9.35 21.95 17.38
CA ALA B 162 9.82 21.48 18.67
C ALA B 162 8.87 22.04 19.73
N GLY B 163 8.74 21.35 20.86
CA GLY B 163 7.87 21.87 21.89
C GLY B 163 6.42 21.42 21.90
N GLY B 164 6.03 20.52 21.00
CA GLY B 164 4.66 20.04 21.05
C GLY B 164 4.58 19.43 22.44
N ASN B 165 3.41 19.46 23.09
CA ASN B 165 3.35 18.89 24.44
C ASN B 165 1.98 18.76 25.11
N PHE B 166 1.98 18.13 26.27
CA PHE B 166 0.80 17.99 27.12
C PHE B 166 1.28 17.58 28.51
N PHE B 167 0.51 17.95 29.54
CA PHE B 167 0.88 17.64 30.93
C PHE B 167 -0.03 16.56 31.48
N ILE B 168 0.51 15.73 32.35
CA ILE B 168 -0.23 14.65 32.98
C ILE B 168 -0.26 14.89 34.49
N MET B 169 -1.45 15.02 35.06
CA MET B 169 -1.59 15.25 36.50
C MET B 169 -2.23 14.03 37.17
N ALA B 170 -1.64 13.58 38.28
CA ALA B 170 -2.17 12.42 38.97
C ALA B 170 -2.13 12.51 40.50
N GLU B 171 -2.83 11.57 41.14
CA GLU B 171 -2.90 11.51 42.59
C GLU B 171 -1.59 11.11 43.25
N THR B 172 -0.77 10.32 42.57
CA THR B 172 0.53 9.92 43.13
C THR B 172 1.60 9.98 42.06
N GLN B 173 2.86 10.06 42.48
CA GLN B 173 3.94 10.13 41.53
C GLN B 173 4.01 8.90 40.61
N PRO B 174 3.87 7.69 41.17
CA PRO B 174 3.92 6.48 40.34
C PRO B 174 2.80 6.47 39.29
N SER B 175 1.63 6.98 39.65
CA SER B 175 0.51 7.02 38.72
C SER B 175 0.81 7.96 37.54
N ALA B 176 1.34 9.15 37.83
CA ALA B 176 1.66 10.09 36.77
C ALA B 176 2.78 9.54 35.89
N LEU B 177 3.74 8.85 36.50
CA LEU B 177 4.86 8.28 35.76
C LEU B 177 4.46 7.11 34.85
N ALA B 178 3.61 6.22 35.35
CA ALA B 178 3.16 5.09 34.55
C ALA B 178 2.38 5.59 33.35
N ALA B 179 1.62 6.68 33.54
CA ALA B 179 0.83 7.27 32.47
C ALA B 179 1.75 7.89 31.41
N ALA B 180 2.80 8.56 31.86
CA ALA B 180 3.76 9.17 30.95
C ALA B 180 4.49 8.10 30.17
N LYS B 181 4.88 7.02 30.84
CA LYS B 181 5.58 5.92 30.18
C LYS B 181 4.65 5.25 29.18
N ALA B 182 3.37 5.20 29.50
CA ALA B 182 2.41 4.62 28.58
C ALA B 182 2.34 5.48 27.31
N ALA B 183 2.35 6.80 27.48
CA ALA B 183 2.29 7.73 26.34
C ALA B 183 3.55 7.65 25.47
N VAL B 184 4.72 7.53 26.11
CA VAL B 184 5.98 7.44 25.38
C VAL B 184 5.96 6.21 24.47
N ASP B 185 5.51 5.07 25.02
CA ASP B 185 5.42 3.83 24.25
C ASP B 185 4.47 3.98 23.05
N ALA B 186 3.30 4.57 23.29
CA ALA B 186 2.33 4.76 22.22
C ALA B 186 2.93 5.65 21.15
N ILE B 187 3.51 6.77 21.59
CA ILE B 187 4.12 7.71 20.66
C ILE B 187 5.31 7.14 19.91
N SER B 188 5.87 6.02 20.37
CA SER B 188 7.04 5.44 19.68
C SER B 188 6.68 4.82 18.34
N ASP B 189 5.39 4.59 18.10
CA ASP B 189 4.90 4.00 16.86
C ASP B 189 4.49 5.08 15.87
N VAL B 190 4.44 6.33 16.33
CA VAL B 190 4.05 7.42 15.46
C VAL B 190 5.18 7.91 14.55
N GLU B 191 4.93 7.95 13.25
CA GLU B 191 5.96 8.37 12.31
C GLU B 191 6.20 9.88 12.24
N GLY B 192 7.47 10.27 12.14
CA GLY B 192 7.83 11.67 12.04
C GLY B 192 8.02 12.40 13.36
N VAL B 193 7.94 11.67 14.46
CA VAL B 193 8.06 12.29 15.78
C VAL B 193 9.13 11.66 16.69
N ILE B 194 9.59 12.43 17.68
CA ILE B 194 10.54 11.94 18.67
C ILE B 194 10.19 12.59 20.01
N THR B 195 10.52 11.92 21.11
CA THR B 195 10.29 12.44 22.46
C THR B 195 11.72 12.55 22.99
N PRO B 196 12.31 13.76 22.92
CA PRO B 196 13.68 14.12 23.32
C PRO B 196 14.17 13.95 24.77
N PHE B 197 13.30 14.10 25.75
CA PHE B 197 13.76 13.96 27.12
C PHE B 197 14.14 12.54 27.54
N PRO B 198 14.75 12.37 28.74
CA PRO B 198 15.15 11.04 29.22
C PRO B 198 13.99 10.08 29.34
N GLY B 199 14.06 8.99 28.58
CA GLY B 199 12.98 8.02 28.60
C GLY B 199 11.80 8.67 27.91
N GLY B 200 12.04 9.83 27.30
CA GLY B 200 11.02 10.57 26.60
C GLY B 200 10.11 11.36 27.53
N ILE B 201 10.48 11.43 28.80
CA ILE B 201 9.66 12.11 29.80
C ILE B 201 10.27 13.33 30.48
N VAL B 202 9.47 14.39 30.61
CA VAL B 202 9.90 15.60 31.27
C VAL B 202 9.40 15.55 32.72
N ALA B 203 10.34 15.47 33.66
CA ALA B 203 9.98 15.40 35.06
C ALA B 203 10.06 16.77 35.72
N SER B 204 10.69 17.71 35.04
CA SER B 204 10.88 19.05 35.58
C SER B 204 9.88 20.13 35.13
N GLY B 205 9.93 20.50 33.85
CA GLY B 205 9.04 21.53 33.35
C GLY B 205 9.67 22.87 33.66
N SER B 206 9.59 23.83 32.75
CA SER B 206 10.20 25.13 33.02
C SER B 206 9.44 26.32 32.46
N LYS B 207 9.87 27.52 32.88
CA LYS B 207 9.26 28.76 32.42
C LYS B 207 10.35 29.68 31.90
N VAL B 208 9.97 30.60 31.00
CA VAL B 208 10.89 31.55 30.38
C VAL B 208 12.14 31.91 31.17
N GLY B 209 12.06 32.95 32.01
CA GLY B 209 13.22 33.34 32.78
C GLY B 209 13.18 32.88 34.22
N ALA B 210 13.14 33.85 35.14
CA ALA B 210 13.09 33.56 36.56
C ALA B 210 12.69 34.80 37.35
N ASN B 211 11.84 34.61 38.36
CA ASN B 211 11.36 35.70 39.19
C ASN B 211 12.45 36.24 40.11
N LYS B 212 13.24 35.34 40.68
CA LYS B 212 14.30 35.71 41.62
C LYS B 212 15.74 35.62 41.12
N TYR B 213 15.97 34.93 40.00
CA TYR B 213 17.31 34.79 39.45
C TYR B 213 17.31 35.12 37.96
N LYS B 214 17.42 36.41 37.64
CA LYS B 214 17.42 36.87 36.26
C LYS B 214 18.59 36.45 35.40
N PHE B 215 19.56 35.73 35.97
CA PHE B 215 20.71 35.28 35.18
C PHE B 215 20.43 33.93 34.52
N LEU B 216 19.34 33.29 34.94
CA LEU B 216 18.94 32.00 34.40
C LEU B 216 18.21 32.18 33.08
N LYS B 217 18.31 31.18 32.20
CA LYS B 217 17.64 31.22 30.91
C LYS B 217 16.29 30.53 31.03
N ALA B 218 16.07 29.87 32.17
CA ALA B 218 14.84 29.16 32.45
C ALA B 218 14.88 28.66 33.89
N SER B 219 13.72 28.55 34.52
CA SER B 219 13.63 28.08 35.89
C SER B 219 12.40 27.21 36.06
N THR B 220 12.25 26.62 37.24
CA THR B 220 11.11 25.76 37.50
C THR B 220 9.78 26.52 37.34
N ASN B 221 8.81 25.83 36.76
CA ASN B 221 7.49 26.42 36.55
C ASN B 221 6.72 26.15 37.86
N GLU B 222 6.88 27.05 38.82
CA GLU B 222 6.25 26.90 40.12
C GLU B 222 4.73 26.69 40.12
N LYS B 223 4.04 27.25 39.13
CA LYS B 223 2.59 27.09 39.09
C LYS B 223 2.16 25.67 38.76
N PHE B 224 3.13 24.81 38.46
CA PHE B 224 2.83 23.41 38.17
C PHE B 224 3.66 22.46 39.02
N ALA B 225 4.13 22.96 40.16
CA ALA B 225 4.92 22.14 41.09
C ALA B 225 4.02 21.78 42.27
N PRO B 226 3.55 20.53 42.31
CA PRO B 226 2.66 20.05 43.39
C PRO B 226 3.18 20.25 44.81
N SER B 227 4.42 19.85 45.07
CA SER B 227 5.00 19.94 46.40
C SER B 227 4.92 21.31 47.09
N ILE B 228 4.81 22.38 46.31
CA ILE B 228 4.74 23.74 46.87
C ILE B 228 3.46 24.51 46.51
N ARG B 229 2.37 23.81 46.21
CA ARG B 229 1.13 24.51 45.86
C ARG B 229 0.61 25.47 46.93
N ASP B 230 0.85 25.15 48.21
CA ASP B 230 0.38 26.01 49.29
C ASP B 230 1.18 27.30 49.45
N GLN B 231 2.27 27.42 48.72
CA GLN B 231 3.11 28.62 48.82
C GLN B 231 3.06 29.45 47.54
N VAL B 232 2.40 28.93 46.50
CA VAL B 232 2.29 29.64 45.22
C VAL B 232 0.84 30.06 45.01
N GLU B 233 0.61 31.37 44.91
CA GLU B 233 -0.75 31.86 44.75
C GLU B 233 -1.48 31.56 43.44
N GLY B 234 -0.75 31.57 42.33
CA GLY B 234 -1.41 31.28 41.06
C GLY B 234 -1.33 29.84 40.62
N THR B 235 -0.96 28.95 41.54
CA THR B 235 -0.82 27.52 41.25
C THR B 235 -1.92 26.96 40.36
N GLN B 236 -1.51 26.11 39.41
CA GLN B 236 -2.45 25.47 38.49
C GLN B 236 -2.64 24.01 38.86
N ILE B 237 -2.21 23.65 40.06
CA ILE B 237 -2.33 22.29 40.56
C ILE B 237 -3.62 22.09 41.34
N PRO B 238 -4.51 21.21 40.86
CA PRO B 238 -5.78 20.96 41.56
C PRO B 238 -5.48 20.35 42.92
N ALA B 239 -6.43 20.46 43.85
CA ALA B 239 -6.25 19.95 45.21
C ALA B 239 -5.79 18.49 45.37
N GLY B 240 -6.42 17.55 44.68
CA GLY B 240 -6.01 16.16 44.85
C GLY B 240 -4.74 15.70 44.14
N VAL B 241 -4.11 16.59 43.37
CA VAL B 241 -2.92 16.25 42.59
C VAL B 241 -1.57 16.37 43.29
N LYS B 242 -0.80 15.27 43.31
CA LYS B 242 0.51 15.26 43.95
C LYS B 242 1.71 15.18 43.01
N ALA B 243 1.48 14.87 41.74
CA ALA B 243 2.60 14.77 40.80
C ALA B 243 2.21 15.08 39.37
N VAL B 244 3.11 15.74 38.66
CA VAL B 244 2.88 16.09 37.26
C VAL B 244 4.08 15.70 36.41
N TYR B 245 3.82 15.27 35.18
CA TYR B 245 4.86 14.91 34.21
C TYR B 245 4.48 15.45 32.83
N GLU B 246 5.48 15.96 32.12
CA GLU B 246 5.26 16.52 30.79
C GLU B 246 5.92 15.63 29.73
N ILE B 247 5.29 15.57 28.55
CA ILE B 247 5.82 14.81 27.42
C ILE B 247 6.08 15.82 26.30
N VAL B 248 7.34 16.05 25.94
CA VAL B 248 7.68 17.00 24.87
C VAL B 248 7.83 16.25 23.55
N ILE B 249 7.30 16.84 22.48
CA ILE B 249 7.32 16.22 21.16
C ILE B 249 7.87 17.09 20.03
N ASN B 250 8.92 16.60 19.37
CA ASN B 250 9.53 17.29 18.23
C ASN B 250 9.13 16.48 16.99
N GLY B 251 9.00 17.14 15.84
CA GLY B 251 8.61 16.40 14.64
C GLY B 251 8.65 17.16 13.34
N LEU B 252 8.61 16.40 12.25
CA LEU B 252 8.67 16.94 10.89
C LEU B 252 7.59 17.94 10.48
N ASN B 253 6.40 17.85 11.06
CA ASN B 253 5.32 18.76 10.70
C ASN B 253 4.19 18.77 11.73
N ALA B 254 3.29 19.73 11.61
CA ALA B 254 2.15 19.87 12.54
C ALA B 254 1.26 18.63 12.65
N ASP B 255 0.89 18.04 11.52
CA ASP B 255 0.04 16.85 11.54
C ASP B 255 0.66 15.76 12.41
N ALA B 256 1.98 15.61 12.33
CA ALA B 256 2.68 14.61 13.13
C ALA B 256 2.63 14.96 14.62
N ILE B 257 2.91 16.22 14.94
CA ILE B 257 2.88 16.64 16.32
C ILE B 257 1.48 16.40 16.86
N LYS B 258 0.48 16.73 16.05
CA LYS B 258 -0.91 16.57 16.45
C LYS B 258 -1.29 15.12 16.71
N GLU B 259 -0.89 14.23 15.81
CA GLU B 259 -1.21 12.82 15.96
C GLU B 259 -0.56 12.27 17.24
N ALA B 260 0.70 12.61 17.45
CA ALA B 260 1.46 12.16 18.63
C ALA B 260 0.83 12.64 19.93
N THR B 261 0.38 13.89 19.94
CA THR B 261 -0.27 14.45 21.13
C THR B 261 -1.54 13.66 21.43
N ARG B 262 -2.31 13.40 20.38
CA ARG B 262 -3.56 12.66 20.50
C ARG B 262 -3.36 11.23 21.00
N VAL B 263 -2.45 10.48 20.36
CA VAL B 263 -2.16 9.11 20.74
C VAL B 263 -1.56 9.01 22.15
N GLY B 264 -0.71 9.98 22.49
CA GLY B 264 -0.11 9.97 23.81
C GLY B 264 -1.15 10.13 24.92
N ILE B 265 -2.06 11.09 24.74
CA ILE B 265 -3.11 11.34 25.72
C ILE B 265 -4.05 10.15 25.88
N LEU B 266 -4.41 9.50 24.77
CA LEU B 266 -5.29 8.35 24.82
C LEU B 266 -4.67 7.24 25.65
N ALA B 267 -3.38 7.00 25.45
CA ALA B 267 -2.67 5.97 26.20
C ALA B 267 -2.54 6.31 27.68
N ALA B 268 -2.16 7.55 27.96
CA ALA B 268 -1.97 8.01 29.33
C ALA B 268 -3.23 7.89 30.17
N THR B 269 -4.37 8.28 29.60
CA THR B 269 -5.64 8.23 30.32
C THR B 269 -6.11 6.82 30.63
N LYS B 270 -5.34 5.80 30.25
CA LYS B 270 -5.71 4.41 30.55
C LYS B 270 -5.16 3.97 31.90
N ILE B 271 -4.28 4.80 32.47
CA ILE B 271 -3.63 4.49 33.75
C ILE B 271 -4.40 4.99 34.97
N PRO B 272 -4.69 4.11 35.93
CA PRO B 272 -5.43 4.54 37.13
C PRO B 272 -4.69 5.57 37.98
N GLY B 273 -5.40 6.62 38.37
CA GLY B 273 -4.82 7.68 39.18
C GLY B 273 -4.73 9.01 38.46
N VAL B 274 -4.82 8.98 37.13
CA VAL B 274 -4.74 10.22 36.35
C VAL B 274 -5.97 11.07 36.62
N VAL B 275 -5.72 12.31 37.06
CA VAL B 275 -6.79 13.24 37.39
C VAL B 275 -7.07 14.30 36.33
N LYS B 276 -6.04 14.75 35.63
CA LYS B 276 -6.22 15.79 34.64
C LYS B 276 -5.12 15.86 33.60
N ILE B 277 -5.51 16.30 32.40
CA ILE B 277 -4.60 16.47 31.26
C ILE B 277 -4.74 17.91 30.76
N THR B 278 -3.61 18.58 30.50
CA THR B 278 -3.61 19.94 29.96
C THR B 278 -2.35 20.12 29.11
N ALA B 279 -1.99 21.36 28.83
CA ALA B 279 -0.79 21.63 28.02
C ALA B 279 -0.13 22.93 28.44
N GLY B 280 1.11 23.11 27.98
CA GLY B 280 1.85 24.30 28.32
C GLY B 280 1.97 25.30 27.18
N ASN B 281 1.71 26.57 27.48
CA ASN B 281 1.81 27.62 26.48
C ASN B 281 2.39 28.89 27.10
N TYR B 282 2.54 29.93 26.30
CA TYR B 282 3.10 31.18 26.80
C TYR B 282 2.27 32.37 26.33
N GLY B 283 0.95 32.19 26.37
CA GLY B 283 0.04 33.25 25.96
C GLY B 283 -0.08 33.39 24.46
N GLY B 284 0.61 32.50 23.74
CA GLY B 284 0.58 32.56 22.28
C GLY B 284 1.43 33.70 21.73
N LYS B 285 2.21 34.32 22.60
CA LYS B 285 3.07 35.44 22.20
C LYS B 285 4.45 35.00 21.72
N LEU B 286 4.78 33.72 21.90
CA LEU B 286 6.09 33.23 21.51
C LEU B 286 6.12 32.21 20.38
N GLY B 287 5.39 31.10 20.54
CA GLY B 287 5.37 30.08 19.51
C GLY B 287 4.37 30.31 18.40
N LYS B 288 4.77 29.99 17.17
CA LYS B 288 3.90 30.17 16.02
C LYS B 288 2.92 28.99 15.90
N HIS B 289 3.38 27.80 16.28
CA HIS B 289 2.55 26.62 16.18
C HIS B 289 1.78 26.28 17.44
N ILE B 290 0.46 26.46 17.36
CA ILE B 290 -0.42 26.17 18.48
C ILE B 290 -1.17 24.87 18.23
N ILE B 291 -1.26 24.05 19.26
CA ILE B 291 -1.93 22.75 19.19
C ILE B 291 -3.11 22.76 20.14
N ASN B 292 -4.32 22.92 19.62
CA ASN B 292 -5.51 22.94 20.46
C ASN B 292 -5.98 21.52 20.81
N LEU B 293 -5.98 21.20 22.11
CA LEU B 293 -6.41 19.87 22.55
C LEU B 293 -7.84 19.59 22.12
N ASN B 294 -8.63 20.66 22.00
CA ASN B 294 -10.04 20.60 21.59
C ASN B 294 -10.28 19.91 20.27
N GLU B 295 -9.34 20.10 19.35
CA GLU B 295 -9.47 19.56 18.02
C GLU B 295 -8.90 18.16 17.80
N LEU B 296 -8.35 17.57 18.86
CA LEU B 296 -7.75 16.25 18.75
C LEU B 296 -8.70 15.14 19.14
N PHE B 297 -9.80 15.49 19.80
CA PHE B 297 -10.76 14.49 20.22
C PHE B 297 -12.17 14.90 19.81
N MET C 1 21.71 -22.00 -6.84
CA MET C 1 20.94 -20.75 -6.55
C MET C 1 21.68 -19.86 -5.56
N LYS C 2 21.69 -18.57 -5.86
CA LYS C 2 22.37 -17.59 -5.02
C LYS C 2 21.38 -16.54 -4.49
N VAL C 3 21.57 -16.15 -3.24
CA VAL C 3 20.73 -15.12 -2.63
C VAL C 3 21.66 -14.15 -1.93
N ASN C 4 21.68 -12.90 -2.38
CA ASN C 4 22.56 -11.91 -1.78
C ASN C 4 23.99 -12.43 -1.79
N GLY C 5 24.37 -13.04 -2.91
CA GLY C 5 25.73 -13.55 -3.06
C GLY C 5 26.07 -14.79 -2.23
N VAL C 6 25.06 -15.43 -1.64
CA VAL C 6 25.31 -16.63 -0.85
C VAL C 6 24.64 -17.85 -1.50
N GLU C 7 25.32 -18.98 -1.43
CA GLU C 7 24.82 -20.20 -2.03
C GLU C 7 23.65 -20.77 -1.22
N VAL C 8 22.53 -20.98 -1.89
CA VAL C 8 21.34 -21.55 -1.27
C VAL C 8 20.97 -22.85 -1.98
N GLU C 9 21.13 -23.96 -1.27
CA GLU C 9 20.82 -25.27 -1.83
C GLU C 9 19.36 -25.37 -2.24
N GLU C 10 19.12 -25.83 -3.46
CA GLU C 10 17.76 -25.98 -3.96
C GLU C 10 17.08 -27.20 -3.35
N THR C 11 16.88 -27.18 -2.04
CA THR C 11 16.23 -28.29 -1.36
C THR C 11 14.96 -27.79 -0.66
N PHE C 12 14.45 -28.56 0.29
CA PHE C 12 13.22 -28.17 0.95
C PHE C 12 13.15 -28.47 2.43
N ALA C 13 12.22 -27.80 3.09
CA ALA C 13 11.95 -28.00 4.51
C ALA C 13 10.67 -28.80 4.53
N GLU C 14 10.56 -29.72 5.49
CA GLU C 14 9.39 -30.59 5.64
C GLU C 14 8.75 -30.29 6.99
N ALA C 15 7.56 -29.70 6.97
CA ALA C 15 6.85 -29.33 8.19
C ALA C 15 5.69 -30.25 8.55
N PHE C 16 5.07 -30.00 9.70
CA PHE C 16 3.98 -30.82 10.19
C PHE C 16 2.76 -30.01 10.63
N ASP C 17 1.60 -30.67 10.68
CA ASP C 17 0.37 -30.03 11.11
C ASP C 17 0.37 -29.93 12.62
N ILE C 18 -0.23 -28.88 13.17
CA ILE C 18 -0.30 -28.70 14.61
C ILE C 18 -1.40 -27.68 14.91
N LYS C 19 -2.02 -27.78 16.08
CA LYS C 19 -3.06 -26.84 16.46
C LYS C 19 -2.40 -25.63 17.09
N ILE C 20 -2.90 -24.43 16.78
CA ILE C 20 -2.32 -23.21 17.34
C ILE C 20 -3.40 -22.23 17.77
N ALA C 21 -3.29 -21.71 19.00
CA ALA C 21 -4.23 -20.70 19.47
C ALA C 21 -3.48 -19.36 19.49
N ARG C 22 -4.17 -18.28 19.13
CA ARG C 22 -3.56 -16.95 19.12
C ARG C 22 -4.18 -16.13 20.24
N VAL C 23 -3.34 -15.60 21.13
CA VAL C 23 -3.83 -14.83 22.27
C VAL C 23 -3.22 -13.43 22.29
N LEU C 24 -4.04 -12.45 22.66
CA LEU C 24 -3.63 -11.07 22.79
C LEU C 24 -3.53 -10.69 24.27
N ILE C 25 -2.36 -10.22 24.67
CA ILE C 25 -2.13 -9.81 26.06
C ILE C 25 -1.78 -8.33 26.03
N THR C 26 -2.56 -7.52 26.74
CA THR C 26 -2.28 -6.08 26.80
C THR C 26 -1.89 -5.72 28.23
N GLY C 27 -1.38 -4.50 28.42
CA GLY C 27 -1.00 -4.04 29.74
C GLY C 27 -0.81 -2.53 29.74
N TYR C 28 -0.23 -1.99 30.82
CA TYR C 28 0.01 -0.55 30.94
C TYR C 28 0.83 -0.08 29.73
N ASP C 29 1.85 -0.86 29.40
CA ASP C 29 2.75 -0.56 28.30
C ASP C 29 3.37 -1.83 27.75
N TYR C 30 4.21 -1.68 26.71
CA TYR C 30 4.85 -2.84 26.10
C TYR C 30 5.69 -3.65 27.08
N TYR C 31 6.33 -3.00 28.04
CA TYR C 31 7.14 -3.76 29.00
C TYR C 31 6.30 -4.77 29.76
N TRP C 32 5.24 -4.30 30.43
CA TRP C 32 4.40 -5.20 31.20
C TRP C 32 3.69 -6.24 30.36
N ALA C 33 3.26 -5.85 29.16
CA ALA C 33 2.60 -6.81 28.29
C ALA C 33 3.62 -7.91 27.94
N TRP C 34 4.87 -7.51 27.70
CA TRP C 34 5.92 -8.47 27.37
C TRP C 34 6.28 -9.36 28.56
N VAL C 35 6.33 -8.79 29.76
CA VAL C 35 6.67 -9.57 30.95
C VAL C 35 5.77 -10.80 31.03
N ALA C 36 4.48 -10.57 30.80
CA ALA C 36 3.49 -11.64 30.86
C ALA C 36 3.66 -12.62 29.68
N ALA C 37 3.77 -12.11 28.47
CA ALA C 37 3.91 -12.95 27.29
C ALA C 37 5.14 -13.87 27.38
N ASN C 38 6.28 -13.27 27.71
CA ASN C 38 7.53 -14.03 27.83
C ASN C 38 7.38 -15.18 28.83
N GLU C 39 6.84 -14.90 30.00
CA GLU C 39 6.68 -15.94 31.00
C GLU C 39 5.74 -17.04 30.52
N ALA C 40 4.61 -16.65 29.94
CA ALA C 40 3.64 -17.63 29.48
C ALA C 40 4.12 -18.53 28.34
N THR C 41 5.13 -18.08 27.60
CA THR C 41 5.61 -18.88 26.48
C THR C 41 6.96 -19.57 26.64
N GLY C 42 7.55 -19.48 27.83
CA GLY C 42 8.83 -20.15 28.06
C GLY C 42 8.65 -21.66 28.13
N PHE C 43 9.76 -22.39 28.34
CA PHE C 43 9.72 -23.87 28.41
C PHE C 43 8.77 -24.33 27.30
N GLY C 44 8.98 -23.80 26.10
CA GLY C 44 8.12 -24.16 24.98
C GLY C 44 8.81 -24.22 23.61
N THR C 45 9.93 -24.92 23.53
CA THR C 45 10.66 -25.04 22.29
C THR C 45 10.18 -26.17 21.39
N SER C 46 9.97 -27.34 21.97
CA SER C 46 9.55 -28.49 21.18
C SER C 46 8.61 -29.44 21.91
N VAL C 47 7.64 -29.98 21.20
CA VAL C 47 6.70 -30.90 21.79
C VAL C 47 7.36 -32.24 22.10
N ILE C 48 8.65 -32.35 21.80
CA ILE C 48 9.38 -33.59 22.08
C ILE C 48 9.39 -33.80 23.59
N MET C 49 9.70 -32.74 24.33
CA MET C 49 9.73 -32.85 25.77
C MET C 49 9.23 -31.62 26.51
N CYS C 50 8.65 -30.67 25.79
CA CYS C 50 8.10 -29.47 26.42
C CYS C 50 6.58 -29.63 26.37
N PRO C 51 5.85 -29.00 27.31
CA PRO C 51 4.39 -29.09 27.35
C PRO C 51 3.71 -28.60 26.06
N ALA C 52 4.43 -27.81 25.29
CA ALA C 52 3.91 -27.26 24.05
C ALA C 52 4.97 -26.42 23.35
N GLU C 53 4.62 -25.89 22.19
CA GLU C 53 5.52 -25.03 21.45
C GLU C 53 4.84 -23.66 21.46
N ALA C 54 5.53 -22.66 21.99
CA ALA C 54 4.95 -21.32 22.10
C ALA C 54 5.95 -20.22 21.80
N GLY C 55 5.45 -18.99 21.66
CA GLY C 55 6.34 -17.86 21.39
C GLY C 55 5.57 -16.56 21.21
N ILE C 56 6.30 -15.45 21.18
CA ILE C 56 5.67 -14.15 21.00
C ILE C 56 5.58 -13.92 19.49
N GLU C 57 4.40 -13.57 19.00
CA GLU C 57 4.25 -13.33 17.56
C GLU C 57 4.62 -11.92 17.16
N ILE C 58 3.81 -10.94 17.55
CA ILE C 58 4.07 -9.57 17.16
C ILE C 58 3.43 -8.56 18.13
N LYS C 59 4.00 -7.36 18.19
CA LYS C 59 3.46 -6.33 19.08
C LYS C 59 2.10 -5.86 18.57
N ALA C 60 1.25 -5.39 19.47
CA ALA C 60 -0.06 -4.88 19.09
C ALA C 60 -0.13 -3.44 19.58
N LYS C 61 -0.34 -2.50 18.66
CA LYS C 61 -0.41 -1.09 19.01
C LYS C 61 -1.77 -0.76 19.63
N PRO C 62 -1.82 0.27 20.49
CA PRO C 62 -3.05 0.70 21.16
C PRO C 62 -4.25 0.84 20.22
N SER C 63 -3.99 1.33 19.02
CA SER C 63 -5.04 1.54 18.03
C SER C 63 -5.65 0.26 17.49
N GLU C 64 -5.07 -0.88 17.80
CA GLU C 64 -5.59 -2.15 17.31
C GLU C 64 -6.12 -3.11 18.37
N THR C 65 -6.04 -2.73 19.65
CA THR C 65 -6.51 -3.60 20.72
C THR C 65 -7.91 -3.20 21.22
N PRO C 66 -8.65 -4.17 21.79
CA PRO C 66 -10.00 -3.93 22.31
C PRO C 66 -10.07 -2.86 23.40
N ASP C 67 -9.11 -2.85 24.31
CA ASP C 67 -9.12 -1.89 25.40
C ASP C 67 -8.32 -0.64 25.11
N GLY C 68 -7.71 -0.59 23.92
CA GLY C 68 -6.92 0.57 23.55
C GLY C 68 -5.57 0.71 24.23
N ARG C 69 -5.01 -0.40 24.72
CA ARG C 69 -3.69 -0.34 25.39
C ARG C 69 -2.66 -1.11 24.56
N PRO C 70 -1.37 -0.88 24.84
CA PRO C 70 -0.34 -1.61 24.07
C PRO C 70 -0.30 -3.07 24.49
N GLY C 71 0.16 -3.95 23.59
CA GLY C 71 0.22 -5.36 23.93
C GLY C 71 1.02 -6.22 22.98
N TYR C 72 0.85 -7.54 23.12
CA TYR C 72 1.54 -8.52 22.29
C TYR C 72 0.62 -9.68 22.01
N TYR C 73 0.79 -10.26 20.83
CA TYR C 73 0.04 -11.42 20.38
C TYR C 73 1.03 -12.58 20.55
N ILE C 74 0.57 -13.69 21.13
CA ILE C 74 1.42 -14.85 21.34
C ILE C 74 0.78 -16.10 20.74
N GLN C 75 1.58 -17.11 20.43
CA GLN C 75 1.05 -18.36 19.90
C GLN C 75 1.41 -19.52 20.80
N ILE C 76 0.43 -20.38 21.08
CA ILE C 76 0.65 -21.57 21.90
C ILE C 76 0.25 -22.74 21.00
N CYS C 77 1.13 -23.74 20.87
CA CYS C 77 0.88 -24.88 19.98
C CYS C 77 0.92 -26.27 20.65
N HIS C 78 0.12 -27.19 20.12
CA HIS C 78 0.07 -28.56 20.62
C HIS C 78 -0.53 -29.44 19.53
N MET C 79 -0.16 -30.73 19.54
CA MET C 79 -0.62 -31.69 18.52
C MET C 79 -2.10 -32.05 18.59
N SER C 80 -2.71 -31.93 19.76
CA SER C 80 -4.11 -32.28 19.88
C SER C 80 -4.91 -31.14 20.49
N LYS C 81 -6.20 -31.09 20.14
CA LYS C 81 -7.09 -30.05 20.64
C LYS C 81 -7.19 -30.04 22.15
N LYS C 82 -7.40 -31.20 22.75
CA LYS C 82 -7.52 -31.27 24.20
C LYS C 82 -6.19 -30.83 24.81
N GLY C 83 -5.10 -31.22 24.18
CA GLY C 83 -3.79 -30.84 24.67
C GLY C 83 -3.63 -29.32 24.62
N LEU C 84 -4.00 -28.72 23.49
CA LEU C 84 -3.91 -27.27 23.37
C LEU C 84 -4.84 -26.60 24.38
N GLU C 85 -6.06 -27.13 24.51
CA GLU C 85 -7.01 -26.57 25.47
C GLU C 85 -6.38 -26.56 26.85
N GLU C 86 -5.69 -27.65 27.19
CA GLU C 86 -5.04 -27.79 28.49
C GLU C 86 -3.91 -26.76 28.66
N GLN C 87 -3.12 -26.55 27.61
CA GLN C 87 -2.02 -25.59 27.67
C GLN C 87 -2.49 -24.15 27.88
N LEU C 88 -3.57 -23.78 27.20
CA LEU C 88 -4.09 -22.42 27.34
C LEU C 88 -4.45 -22.13 28.80
N LEU C 89 -5.15 -23.05 29.43
CA LEU C 89 -5.57 -22.86 30.82
C LEU C 89 -4.39 -22.73 31.78
N ALA C 90 -3.44 -23.66 31.69
CA ALA C 90 -2.28 -23.63 32.57
C ALA C 90 -1.40 -22.40 32.34
N ARG C 91 -0.99 -22.17 31.10
CA ARG C 91 -0.13 -21.02 30.80
C ARG C 91 -0.75 -19.64 31.06
N LEU C 92 -1.97 -19.39 30.58
CA LEU C 92 -2.59 -18.09 30.80
C LEU C 92 -3.03 -17.94 32.26
N GLY C 93 -3.49 -19.05 32.86
CA GLY C 93 -3.94 -18.98 34.24
C GLY C 93 -2.83 -18.88 35.27
N GLN C 94 -1.67 -19.46 34.97
CA GLN C 94 -0.54 -19.44 35.90
C GLN C 94 0.47 -18.35 35.56
N CYS C 95 0.49 -17.89 34.31
CA CYS C 95 1.47 -16.90 33.89
C CYS C 95 0.97 -15.52 33.43
N VAL C 96 -0.33 -15.39 33.12
CA VAL C 96 -0.83 -14.11 32.66
C VAL C 96 -1.89 -13.53 33.60
N LEU C 97 -2.78 -14.39 34.09
CA LEU C 97 -3.81 -13.98 35.04
C LEU C 97 -3.11 -13.53 36.32
N THR C 98 -1.86 -13.97 36.47
CA THR C 98 -1.06 -13.64 37.65
C THR C 98 -0.05 -12.51 37.41
N ALA C 99 0.06 -12.04 36.18
CA ALA C 99 1.02 -10.99 35.82
C ALA C 99 0.45 -9.59 36.03
N PRO C 100 1.30 -8.61 36.39
CA PRO C 100 0.81 -7.23 36.62
C PRO C 100 0.19 -6.48 35.42
N THR C 101 -0.98 -5.87 35.68
CA THR C 101 -1.75 -5.06 34.72
C THR C 101 -2.35 -5.72 33.47
N THR C 102 -2.17 -7.02 33.32
CA THR C 102 -2.66 -7.70 32.12
C THR C 102 -4.17 -7.86 31.94
N ALA C 103 -4.54 -8.03 30.67
CA ALA C 103 -5.90 -8.29 30.25
C ALA C 103 -5.68 -9.19 29.05
N VAL C 104 -6.54 -10.18 28.85
CA VAL C 104 -6.34 -11.04 27.69
C VAL C 104 -7.56 -11.06 26.79
N PHE C 105 -7.32 -11.13 25.49
CA PHE C 105 -8.41 -11.17 24.53
C PHE C 105 -8.14 -12.24 23.47
N ASN C 106 -9.14 -12.52 22.65
CA ASN C 106 -9.03 -13.50 21.59
C ASN C 106 -8.18 -12.97 20.43
N GLY C 107 -7.12 -13.70 20.08
CA GLY C 107 -6.25 -13.29 18.99
C GLY C 107 -6.72 -13.74 17.60
N LEU C 108 -7.77 -14.56 17.56
CA LEU C 108 -8.33 -15.03 16.29
C LEU C 108 -9.86 -14.93 16.41
N PRO C 109 -10.39 -13.69 16.50
CA PRO C 109 -11.83 -13.43 16.63
C PRO C 109 -12.74 -14.01 15.56
N ASP C 110 -12.19 -14.33 14.38
CA ASP C 110 -13.00 -14.88 13.30
C ASP C 110 -12.73 -16.36 13.07
N ALA C 111 -12.16 -17.02 14.07
CA ALA C 111 -11.83 -18.44 13.97
C ALA C 111 -13.06 -19.34 14.06
N GLU C 112 -13.01 -20.43 13.31
CA GLU C 112 -14.07 -21.43 13.25
C GLU C 112 -14.26 -22.06 14.63
N GLU C 113 -13.17 -22.62 15.14
CA GLU C 113 -13.17 -23.28 16.44
C GLU C 113 -12.56 -22.40 17.53
N LYS C 114 -13.02 -22.57 18.76
CA LYS C 114 -12.53 -21.80 19.88
C LYS C 114 -12.82 -22.55 21.16
N ASP C 115 -12.04 -22.27 22.19
CA ASP C 115 -12.30 -22.90 23.47
C ASP C 115 -12.69 -21.82 24.46
N ASP C 116 -13.44 -22.21 25.48
CA ASP C 116 -13.93 -21.29 26.50
C ASP C 116 -12.92 -21.10 27.64
N THR C 117 -11.69 -20.73 27.31
CA THR C 117 -10.66 -20.54 28.34
C THR C 117 -11.05 -19.44 29.32
N GLY C 118 -11.67 -18.37 28.84
CA GLY C 118 -12.09 -17.29 29.71
C GLY C 118 -13.15 -17.74 30.70
N PHE C 119 -14.17 -18.43 30.19
CA PHE C 119 -15.25 -18.93 31.03
C PHE C 119 -14.69 -19.81 32.16
N LYS C 120 -13.68 -20.63 31.83
CA LYS C 120 -13.09 -21.51 32.83
C LYS C 120 -12.21 -20.81 33.85
N LEU C 121 -11.36 -19.89 33.40
CA LEU C 121 -10.48 -19.20 34.32
C LEU C 121 -11.19 -18.22 35.25
N LYS C 122 -12.33 -17.71 34.82
CA LYS C 122 -13.06 -16.75 35.65
C LYS C 122 -13.55 -17.33 36.96
N PHE C 123 -13.63 -18.66 37.06
CA PHE C 123 -14.07 -19.30 38.29
C PHE C 123 -13.11 -18.99 39.43
N PHE C 124 -11.96 -18.43 39.08
CA PHE C 124 -10.94 -18.09 40.08
C PHE C 124 -11.51 -17.06 41.04
N ALA C 125 -12.45 -16.25 40.55
CA ALA C 125 -13.10 -15.23 41.38
C ALA C 125 -13.89 -15.83 42.54
N ASP C 126 -14.02 -17.17 42.53
CA ASP C 126 -14.74 -17.88 43.59
C ASP C 126 -16.13 -17.30 43.87
N GLY C 127 -16.76 -16.74 42.84
CA GLY C 127 -18.10 -16.19 43.00
C GLY C 127 -18.26 -14.71 42.78
N TYR C 128 -17.15 -13.96 42.82
CA TYR C 128 -17.23 -12.51 42.64
C TYR C 128 -17.03 -12.04 41.19
N GLN C 129 -16.92 -12.98 40.26
CA GLN C 129 -16.71 -12.61 38.86
C GLN C 129 -17.87 -11.75 38.32
N LYS C 130 -17.55 -10.88 37.38
CA LYS C 130 -18.53 -10.01 36.76
C LYS C 130 -18.37 -10.08 35.24
N GLU C 131 -19.43 -9.73 34.53
CA GLU C 131 -19.43 -9.76 33.08
C GLU C 131 -19.27 -8.33 32.54
N VAL C 132 -18.38 -8.14 31.58
CA VAL C 132 -18.15 -6.82 31.00
C VAL C 132 -17.82 -6.88 29.51
N GLU C 133 -18.17 -5.83 28.79
CA GLU C 133 -17.88 -5.77 27.36
C GLU C 133 -16.79 -4.72 27.14
N VAL C 134 -15.69 -5.18 26.53
CA VAL C 134 -14.56 -4.32 26.24
C VAL C 134 -14.39 -4.21 24.73
N GLY C 135 -14.57 -3.00 24.20
CA GLY C 135 -14.44 -2.80 22.78
C GLY C 135 -15.17 -3.82 21.94
N GLY C 136 -16.34 -4.27 22.39
CA GLY C 136 -17.10 -5.24 21.63
C GLY C 136 -16.87 -6.69 22.01
N ARG C 137 -15.78 -6.99 22.72
CA ARG C 137 -15.53 -8.37 23.12
C ARG C 137 -16.29 -8.65 24.41
N LYS C 138 -16.88 -9.83 24.53
CA LYS C 138 -17.62 -10.20 25.73
C LYS C 138 -16.59 -10.77 26.72
N CYS C 139 -16.48 -10.14 27.89
CA CYS C 139 -15.48 -10.56 28.88
C CYS C 139 -15.96 -10.79 30.31
N TRP C 140 -14.98 -11.10 31.16
CA TRP C 140 -15.22 -11.33 32.57
C TRP C 140 -14.17 -10.56 33.38
N ALA C 141 -14.61 -10.01 34.50
CA ALA C 141 -13.71 -9.27 35.39
C ALA C 141 -13.52 -10.17 36.62
N VAL C 142 -12.27 -10.55 36.87
CA VAL C 142 -11.94 -11.43 37.98
C VAL C 142 -11.23 -10.65 39.10
N PRO C 143 -11.97 -10.32 40.17
CA PRO C 143 -11.43 -9.58 41.33
C PRO C 143 -10.25 -10.29 42.01
N MET C 144 -9.16 -9.55 42.20
CA MET C 144 -7.96 -10.08 42.84
C MET C 144 -7.16 -8.96 43.48
N MET C 145 -5.94 -9.28 43.93
CA MET C 145 -5.10 -8.30 44.60
C MET C 145 -4.88 -6.97 43.90
N GLU C 146 -4.45 -7.00 42.65
CA GLU C 146 -4.17 -5.74 41.94
C GLU C 146 -5.42 -4.98 41.50
N GLY C 147 -6.54 -5.67 41.46
CA GLY C 147 -7.79 -5.05 41.03
C GLY C 147 -8.62 -6.06 40.27
N ASP C 148 -9.12 -5.68 39.09
CA ASP C 148 -9.94 -6.58 38.28
C ASP C 148 -9.19 -7.07 37.05
N PHE C 149 -9.05 -8.38 36.94
CA PHE C 149 -8.38 -8.94 35.78
C PHE C 149 -9.44 -9.15 34.71
N ILE C 150 -9.19 -8.64 33.52
CA ILE C 150 -10.14 -8.76 32.41
C ILE C 150 -9.75 -9.78 31.34
N ILE C 151 -10.64 -10.75 31.09
CA ILE C 151 -10.40 -11.82 30.11
C ILE C 151 -11.59 -12.17 29.23
N GLU C 152 -11.40 -12.17 27.92
CA GLU C 152 -12.47 -12.50 26.98
C GLU C 152 -12.92 -13.94 27.23
N ASN C 153 -14.18 -14.24 26.98
CA ASN C 153 -14.73 -15.58 27.23
C ASN C 153 -14.05 -16.71 26.46
N ASP C 154 -13.71 -16.49 25.18
CA ASP C 154 -13.09 -17.55 24.38
C ASP C 154 -11.77 -17.19 23.70
N ILE C 155 -11.09 -18.20 23.19
CA ILE C 155 -9.84 -18.01 22.46
C ILE C 155 -9.90 -18.92 21.24
N GLY C 156 -9.70 -18.33 20.07
CA GLY C 156 -9.74 -19.11 18.84
C GLY C 156 -8.45 -19.81 18.50
N TYR C 157 -8.55 -20.95 17.83
CA TYR C 157 -7.38 -21.70 17.42
C TYR C 157 -7.59 -22.19 16.00
N THR C 158 -6.53 -22.63 15.35
CA THR C 158 -6.64 -23.08 13.98
C THR C 158 -5.63 -24.18 13.69
N ASN C 159 -5.78 -24.83 12.53
CA ASN C 159 -4.85 -25.88 12.12
C ASN C 159 -3.65 -25.21 11.45
N GLY C 160 -2.56 -25.08 12.21
CA GLY C 160 -1.37 -24.46 11.69
C GLY C 160 -0.26 -25.41 11.29
N ILE C 161 0.94 -24.84 11.11
CA ILE C 161 2.13 -25.57 10.70
C ILE C 161 3.29 -25.35 11.69
N ALA C 162 3.96 -26.45 12.04
CA ALA C 162 5.10 -26.41 12.94
C ALA C 162 6.27 -27.05 12.21
N GLY C 163 7.48 -26.56 12.43
CA GLY C 163 8.63 -27.18 11.76
C GLY C 163 9.17 -26.51 10.52
N GLY C 164 8.67 -25.33 10.19
CA GLY C 164 9.21 -24.62 9.05
C GLY C 164 10.64 -24.32 9.45
N ASN C 165 11.58 -24.32 8.51
CA ASN C 165 12.95 -24.06 8.88
C ASN C 165 13.92 -23.83 7.72
N PHE C 166 15.16 -23.52 8.09
CA PHE C 166 16.27 -23.34 7.17
C PHE C 166 17.55 -23.37 8.02
N PHE C 167 18.63 -23.87 7.45
CA PHE C 167 19.93 -23.98 8.13
C PHE C 167 20.91 -22.91 7.66
N ILE C 168 21.73 -22.41 8.59
CA ILE C 168 22.74 -21.41 8.26
C ILE C 168 24.11 -22.04 8.55
N MET C 169 24.99 -22.04 7.55
CA MET C 169 26.34 -22.61 7.69
C MET C 169 27.38 -21.50 7.52
N ALA C 170 28.36 -21.44 8.42
CA ALA C 170 29.40 -20.40 8.36
C ALA C 170 30.81 -20.85 8.69
N GLU C 171 31.77 -19.94 8.51
CA GLU C 171 33.19 -20.23 8.75
C GLU C 171 33.56 -20.33 10.23
N THR C 172 32.84 -19.59 11.09
CA THR C 172 33.08 -19.64 12.53
C THR C 172 31.73 -19.65 13.24
N GLN C 173 31.72 -20.01 14.52
CA GLN C 173 30.48 -20.05 15.27
C GLN C 173 29.84 -18.65 15.33
N PRO C 174 30.62 -17.62 15.69
CA PRO C 174 30.09 -16.26 15.78
C PRO C 174 29.34 -15.78 14.53
N SER C 175 29.90 -16.10 13.36
CA SER C 175 29.29 -15.69 12.10
C SER C 175 27.95 -16.37 11.91
N ALA C 176 27.88 -17.66 12.26
CA ALA C 176 26.65 -18.41 12.12
C ALA C 176 25.60 -17.88 13.09
N LEU C 177 26.01 -17.61 14.33
CA LEU C 177 25.10 -17.10 15.36
C LEU C 177 24.56 -15.70 15.06
N ALA C 178 25.42 -14.82 14.53
CA ALA C 178 25.01 -13.46 14.20
C ALA C 178 24.00 -13.51 13.04
N ALA C 179 24.26 -14.40 12.08
CA ALA C 179 23.37 -14.57 10.94
C ALA C 179 22.01 -15.05 11.46
N ALA C 180 22.05 -15.94 12.45
CA ALA C 180 20.82 -16.47 13.03
C ALA C 180 20.05 -15.42 13.83
N LYS C 181 20.76 -14.55 14.54
CA LYS C 181 20.07 -13.50 15.31
C LYS C 181 19.41 -12.52 14.33
N ALA C 182 20.12 -12.19 13.26
CA ALA C 182 19.59 -11.29 12.24
C ALA C 182 18.26 -11.86 11.73
N ALA C 183 18.27 -13.16 11.40
CA ALA C 183 17.08 -13.84 10.90
C ALA C 183 15.90 -13.73 11.85
N VAL C 184 16.16 -13.95 13.14
CA VAL C 184 15.11 -13.89 14.15
C VAL C 184 14.52 -12.49 14.29
N ASP C 185 15.39 -11.47 14.27
CA ASP C 185 14.90 -10.10 14.36
C ASP C 185 14.03 -9.81 13.14
N ALA C 186 14.51 -10.21 11.96
CA ALA C 186 13.75 -9.99 10.74
C ALA C 186 12.40 -10.70 10.79
N ILE C 187 12.41 -11.95 11.22
CA ILE C 187 11.18 -12.72 11.30
C ILE C 187 10.20 -12.16 12.34
N SER C 188 10.72 -11.50 13.37
CA SER C 188 9.84 -10.93 14.41
C SER C 188 8.79 -9.96 13.86
N ASP C 189 9.05 -9.39 12.68
CA ASP C 189 8.11 -8.45 12.08
C ASP C 189 7.04 -9.13 11.23
N VAL C 190 7.25 -10.40 10.91
CA VAL C 190 6.31 -11.16 10.08
C VAL C 190 5.03 -11.55 10.83
N GLU C 191 3.86 -11.14 10.37
CA GLU C 191 2.64 -11.49 11.09
C GLU C 191 2.29 -12.98 10.95
N GLY C 192 1.62 -13.53 11.96
CA GLY C 192 1.22 -14.93 11.95
C GLY C 192 2.28 -16.01 12.13
N VAL C 193 3.43 -15.65 12.69
CA VAL C 193 4.51 -16.60 12.87
C VAL C 193 5.29 -16.43 14.19
N ILE C 194 5.96 -17.49 14.62
CA ILE C 194 6.79 -17.46 15.83
C ILE C 194 8.01 -18.36 15.64
N THR C 195 9.04 -18.10 16.45
CA THR C 195 10.28 -18.87 16.43
C THR C 195 10.42 -19.32 17.89
N PRO C 196 9.90 -20.52 18.22
CA PRO C 196 9.89 -21.16 19.55
C PRO C 196 11.19 -21.55 20.27
N PHE C 197 12.31 -21.71 19.58
CA PHE C 197 13.50 -22.08 20.34
C PHE C 197 14.09 -20.89 21.11
N PRO C 198 15.03 -21.16 22.04
CA PRO C 198 15.64 -20.08 22.83
C PRO C 198 16.19 -18.94 21.98
N GLY C 199 15.64 -17.75 22.16
CA GLY C 199 16.09 -16.63 21.36
C GLY C 199 15.66 -16.88 19.93
N GLY C 200 14.86 -17.92 19.75
CA GLY C 200 14.36 -18.29 18.44
C GLY C 200 15.36 -19.06 17.60
N ILE C 201 16.48 -19.46 18.20
CA ILE C 201 17.53 -20.17 17.50
C ILE C 201 17.81 -21.60 18.00
N VAL C 202 17.99 -22.53 17.07
CA VAL C 202 18.28 -23.92 17.38
C VAL C 202 19.80 -24.14 17.28
N ALA C 203 20.42 -24.55 18.37
CA ALA C 203 21.86 -24.80 18.40
C ALA C 203 22.19 -26.29 18.33
N SER C 204 21.17 -27.13 18.45
CA SER C 204 21.37 -28.57 18.44
C SER C 204 21.08 -29.29 17.12
N GLY C 205 19.81 -29.32 16.71
CA GLY C 205 19.46 -30.00 15.49
C GLY C 205 19.18 -31.44 15.88
N SER C 206 18.45 -32.17 15.05
CA SER C 206 18.15 -33.54 15.42
C SER C 206 17.70 -34.47 14.29
N LYS C 207 17.82 -35.77 14.55
CA LYS C 207 17.41 -36.81 13.62
C LYS C 207 16.46 -37.73 14.38
N VAL C 208 15.47 -38.27 13.70
CA VAL C 208 14.53 -39.17 14.36
C VAL C 208 15.26 -40.44 14.77
N GLY C 209 15.01 -40.92 15.98
CA GLY C 209 15.67 -42.12 16.46
C GLY C 209 17.16 -41.92 16.66
N ALA C 210 17.89 -43.03 16.77
CA ALA C 210 19.34 -42.99 16.96
C ALA C 210 19.97 -44.22 16.32
N ASN C 211 21.28 -44.14 16.06
CA ASN C 211 22.00 -45.25 15.45
C ASN C 211 22.59 -46.21 16.47
N LYS C 212 22.96 -45.71 17.64
CA LYS C 212 23.55 -46.55 18.68
C LYS C 212 22.64 -46.80 19.86
N TYR C 213 22.06 -45.73 20.38
CA TYR C 213 21.19 -45.80 21.53
C TYR C 213 19.73 -45.84 21.07
N LYS C 214 19.31 -47.03 20.63
CA LYS C 214 17.97 -47.23 20.11
C LYS C 214 16.86 -46.87 21.09
N PHE C 215 17.20 -46.79 22.37
CA PHE C 215 16.19 -46.45 23.37
C PHE C 215 15.84 -44.96 23.36
N LEU C 216 16.39 -44.22 22.40
CA LEU C 216 16.11 -42.78 22.26
C LEU C 216 15.08 -42.51 21.18
N LYS C 217 14.37 -41.39 21.32
CA LYS C 217 13.35 -40.96 20.37
C LYS C 217 13.98 -40.03 19.31
N ALA C 218 15.08 -39.39 19.70
CA ALA C 218 15.79 -38.49 18.82
C ALA C 218 17.20 -38.31 19.34
N SER C 219 18.15 -38.11 18.44
CA SER C 219 19.53 -37.93 18.84
C SER C 219 20.15 -36.84 17.98
N THR C 220 21.44 -36.58 18.20
CA THR C 220 22.11 -35.55 17.40
C THR C 220 22.14 -35.98 15.95
N ASN C 221 21.99 -35.03 15.04
CA ASN C 221 22.05 -35.34 13.62
C ASN C 221 23.52 -35.20 13.24
N GLU C 222 24.27 -36.28 13.49
CA GLU C 222 25.71 -36.31 13.24
C GLU C 222 26.16 -35.87 11.85
N LYS C 223 25.25 -35.92 10.87
CA LYS C 223 25.58 -35.52 9.51
C LYS C 223 25.70 -34.01 9.36
N PHE C 224 25.22 -33.27 10.36
CA PHE C 224 25.31 -31.81 10.35
C PHE C 224 26.08 -31.30 11.58
N ALA C 225 26.92 -32.17 12.14
CA ALA C 225 27.73 -31.78 13.29
C ALA C 225 29.14 -31.54 12.77
N PRO C 226 29.52 -30.27 12.57
CA PRO C 226 30.83 -29.87 12.07
C PRO C 226 32.07 -30.38 12.81
N SER C 227 31.95 -30.54 14.12
CA SER C 227 33.08 -30.98 14.93
C SER C 227 33.42 -32.47 14.78
N ILE C 228 32.62 -33.22 14.05
CA ILE C 228 32.91 -34.64 13.86
C ILE C 228 32.76 -35.06 12.40
N ARG C 229 32.75 -34.08 11.50
CA ARG C 229 32.59 -34.36 10.08
C ARG C 229 33.59 -35.38 9.55
N ASP C 230 34.80 -35.38 10.11
CA ASP C 230 35.84 -36.32 9.69
C ASP C 230 35.50 -37.75 10.12
N GLN C 231 34.67 -37.87 11.15
CA GLN C 231 34.27 -39.18 11.66
C GLN C 231 32.96 -39.70 11.08
N VAL C 232 32.19 -38.81 10.45
CA VAL C 232 30.89 -39.19 9.89
C VAL C 232 30.89 -39.38 8.37
N GLU C 233 30.43 -40.54 7.90
CA GLU C 233 30.38 -40.80 6.47
C GLU C 233 29.10 -40.22 5.92
N GLY C 234 29.19 -39.56 4.76
CA GLY C 234 28.03 -38.95 4.17
C GLY C 234 27.68 -37.66 4.88
N THR C 235 28.68 -37.07 5.54
CA THR C 235 28.50 -35.82 6.26
C THR C 235 28.08 -34.72 5.28
N GLN C 236 27.18 -33.85 5.71
CA GLN C 236 26.70 -32.77 4.86
C GLN C 236 27.42 -31.45 5.15
N ILE C 237 28.48 -31.50 5.96
CA ILE C 237 29.23 -30.29 6.30
C ILE C 237 30.44 -30.09 5.40
N PRO C 238 30.45 -28.99 4.62
CA PRO C 238 31.57 -28.70 3.72
C PRO C 238 32.86 -28.47 4.52
N ALA C 239 34.01 -28.67 3.88
CA ALA C 239 35.32 -28.54 4.53
C ALA C 239 35.63 -27.19 5.19
N GLY C 240 34.95 -26.13 4.77
CA GLY C 240 35.25 -24.84 5.38
C GLY C 240 34.29 -24.41 6.48
N VAL C 241 33.26 -25.21 6.73
CA VAL C 241 32.26 -24.88 7.74
C VAL C 241 32.59 -25.43 9.13
N LYS C 242 32.49 -24.57 10.14
CA LYS C 242 32.78 -24.98 11.51
C LYS C 242 31.57 -24.92 12.43
N ALA C 243 30.50 -24.27 11.99
CA ALA C 243 29.31 -24.15 12.81
C ALA C 243 28.03 -23.99 12.00
N VAL C 244 26.95 -24.50 12.54
CA VAL C 244 25.64 -24.41 11.88
C VAL C 244 24.57 -24.09 12.90
N TYR C 245 23.57 -23.32 12.49
CA TYR C 245 22.43 -22.99 13.33
C TYR C 245 21.16 -23.13 12.48
N GLU C 246 20.05 -23.45 13.14
CA GLU C 246 18.78 -23.61 12.45
C GLU C 246 17.75 -22.66 13.04
N ILE C 247 16.80 -22.27 12.21
CA ILE C 247 15.71 -21.42 12.64
C ILE C 247 14.44 -22.25 12.43
N VAL C 248 13.67 -22.47 13.49
CA VAL C 248 12.41 -23.22 13.39
C VAL C 248 11.26 -22.21 13.44
N ILE C 249 10.29 -22.40 12.54
CA ILE C 249 9.15 -21.50 12.41
C ILE C 249 7.79 -22.20 12.50
N ASN C 250 6.93 -21.70 13.39
CA ASN C 250 5.58 -22.24 13.52
C ASN C 250 4.69 -21.10 13.00
N GLY C 251 3.58 -21.45 12.35
CA GLY C 251 2.73 -20.40 11.80
C GLY C 251 1.32 -20.82 11.50
N LEU C 252 0.45 -19.82 11.40
CA LEU C 252 -0.96 -20.05 11.13
C LEU C 252 -1.27 -20.69 9.76
N ASN C 253 -0.38 -20.49 8.78
CA ASN C 253 -0.59 -21.06 7.45
C ASN C 253 0.68 -21.16 6.62
N ALA C 254 0.57 -21.76 5.44
CA ALA C 254 1.72 -21.94 4.57
C ALA C 254 2.31 -20.63 4.05
N ASP C 255 1.46 -19.70 3.64
CA ASP C 255 1.97 -18.43 3.12
C ASP C 255 2.84 -17.71 4.14
N ALA C 256 2.44 -17.76 5.40
CA ALA C 256 3.18 -17.11 6.48
C ALA C 256 4.53 -17.80 6.75
N ILE C 257 4.52 -19.13 6.73
CA ILE C 257 5.77 -19.88 6.96
C ILE C 257 6.72 -19.52 5.82
N LYS C 258 6.17 -19.45 4.62
CA LYS C 258 6.97 -19.14 3.44
C LYS C 258 7.58 -17.75 3.48
N GLU C 259 6.78 -16.76 3.89
CA GLU C 259 7.29 -15.39 3.99
C GLU C 259 8.36 -15.30 5.06
N ALA C 260 8.11 -15.94 6.19
CA ALA C 260 9.07 -15.96 7.30
C ALA C 260 10.40 -16.55 6.85
N THR C 261 10.34 -17.65 6.10
CA THR C 261 11.55 -18.29 5.60
C THR C 261 12.35 -17.34 4.69
N ARG C 262 11.66 -16.67 3.76
CA ARG C 262 12.34 -15.74 2.85
C ARG C 262 12.96 -14.57 3.61
N VAL C 263 12.17 -13.98 4.52
CA VAL C 263 12.64 -12.86 5.31
C VAL C 263 13.85 -13.25 6.14
N GLY C 264 13.81 -14.45 6.71
CA GLY C 264 14.90 -14.92 7.54
C GLY C 264 16.18 -15.15 6.77
N ILE C 265 16.05 -15.76 5.58
CA ILE C 265 17.21 -16.05 4.75
C ILE C 265 17.81 -14.76 4.22
N LEU C 266 16.97 -13.86 3.73
CA LEU C 266 17.41 -12.58 3.20
C LEU C 266 18.29 -11.83 4.18
N ALA C 267 17.88 -11.80 5.46
CA ALA C 267 18.65 -11.11 6.48
C ALA C 267 19.91 -11.87 6.89
N ALA C 268 19.81 -13.19 7.02
CA ALA C 268 20.94 -14.00 7.41
C ALA C 268 22.11 -13.83 6.46
N THR C 269 21.82 -13.80 5.15
CA THR C 269 22.85 -13.67 4.15
C THR C 269 23.58 -12.33 4.17
N LYS C 270 23.17 -11.43 5.05
CA LYS C 270 23.81 -10.13 5.16
C LYS C 270 25.06 -10.19 6.06
N ILE C 271 25.17 -11.27 6.82
CA ILE C 271 26.28 -11.41 7.76
C ILE C 271 27.55 -12.06 7.19
N PRO C 272 28.70 -11.36 7.28
CA PRO C 272 29.94 -11.94 6.75
C PRO C 272 30.27 -13.29 7.37
N GLY C 273 30.88 -14.17 6.58
CA GLY C 273 31.26 -15.47 7.07
C GLY C 273 30.24 -16.57 6.80
N VAL C 274 29.06 -16.20 6.34
CA VAL C 274 28.05 -17.21 6.03
C VAL C 274 28.46 -17.94 4.76
N VAL C 275 28.53 -19.26 4.85
CA VAL C 275 28.96 -20.09 3.73
C VAL C 275 27.86 -20.68 2.86
N LYS C 276 26.81 -21.17 3.49
CA LYS C 276 25.74 -21.82 2.74
C LYS C 276 24.42 -21.88 3.50
N ILE C 277 23.33 -21.77 2.77
CA ILE C 277 22.01 -21.85 3.35
C ILE C 277 21.30 -23.05 2.73
N THR C 278 20.68 -23.87 3.57
CA THR C 278 19.93 -25.03 3.09
C THR C 278 18.79 -25.23 4.08
N ALA C 279 18.25 -26.44 4.17
CA ALA C 279 17.15 -26.69 5.09
C ALA C 279 17.00 -28.18 5.40
N GLY C 280 16.30 -28.48 6.50
CA GLY C 280 16.11 -29.86 6.89
C GLY C 280 14.76 -30.46 6.54
N ASN C 281 14.80 -31.74 6.17
CA ASN C 281 13.61 -32.48 5.80
C ASN C 281 13.77 -33.94 6.18
N TYR C 282 12.80 -34.77 5.81
CA TYR C 282 12.88 -36.18 6.14
C TYR C 282 12.66 -37.06 4.92
N GLY C 283 13.18 -36.62 3.78
CA GLY C 283 13.05 -37.39 2.55
C GLY C 283 11.65 -37.42 1.95
N GLY C 284 10.79 -36.50 2.37
CA GLY C 284 9.44 -36.47 1.83
C GLY C 284 8.45 -37.35 2.58
N LYS C 285 8.98 -38.19 3.47
CA LYS C 285 8.13 -39.07 4.27
C LYS C 285 8.04 -38.49 5.67
N LEU C 286 6.87 -38.64 6.29
CA LEU C 286 6.59 -38.13 7.63
C LEU C 286 5.91 -36.77 7.56
N GLY C 287 6.49 -35.87 6.76
CA GLY C 287 5.96 -34.53 6.61
C GLY C 287 4.81 -34.40 5.64
N LYS C 288 4.02 -33.35 5.82
CA LYS C 288 2.86 -33.06 4.97
C LYS C 288 3.04 -31.68 4.33
N HIS C 289 3.84 -30.83 4.95
CA HIS C 289 4.09 -29.49 4.42
C HIS C 289 5.53 -29.34 3.95
N ILE C 290 5.69 -29.07 2.65
CA ILE C 290 7.01 -28.92 2.06
C ILE C 290 7.25 -27.50 1.55
N ILE C 291 8.38 -26.92 1.95
CA ILE C 291 8.73 -25.57 1.53
C ILE C 291 9.97 -25.62 0.66
N ASN C 292 9.80 -25.42 -0.64
CA ASN C 292 10.93 -25.44 -1.56
C ASN C 292 11.60 -24.07 -1.58
N LEU C 293 12.88 -24.02 -1.22
CA LEU C 293 13.60 -22.76 -1.18
C LEU C 293 13.68 -22.03 -2.51
N ASN C 294 13.89 -22.76 -3.60
CA ASN C 294 13.98 -22.11 -4.91
C ASN C 294 12.69 -21.42 -5.35
N GLU C 295 11.61 -21.62 -4.61
CA GLU C 295 10.32 -21.00 -4.93
C GLU C 295 10.10 -19.74 -4.09
N LEU C 296 11.07 -19.42 -3.24
CA LEU C 296 10.97 -18.26 -2.35
C LEU C 296 11.54 -16.96 -2.91
N PHE C 297 12.31 -17.06 -3.99
CA PHE C 297 12.90 -15.87 -4.58
C PHE C 297 12.73 -15.89 -6.10
N MET D 1 4.98 -1.72 63.55
CA MET D 1 6.36 -1.57 63.03
C MET D 1 6.37 -0.56 61.89
N LYS D 2 7.39 0.30 61.86
CA LYS D 2 7.51 1.31 60.80
C LYS D 2 8.85 1.19 60.08
N VAL D 3 8.79 1.11 58.75
CA VAL D 3 10.02 1.01 57.97
C VAL D 3 9.99 2.09 56.89
N ASN D 4 10.97 2.98 56.91
CA ASN D 4 11.02 4.08 55.95
C ASN D 4 9.69 4.85 55.97
N GLY D 5 9.15 5.02 57.17
CA GLY D 5 7.90 5.76 57.36
C GLY D 5 6.61 5.02 57.08
N VAL D 6 6.71 3.83 56.49
CA VAL D 6 5.54 3.06 56.15
C VAL D 6 5.12 2.06 57.23
N GLU D 7 3.83 1.74 57.26
CA GLU D 7 3.29 0.80 58.23
C GLU D 7 3.60 -0.63 57.76
N VAL D 8 4.23 -1.41 58.63
CA VAL D 8 4.55 -2.80 58.32
C VAL D 8 3.89 -3.63 59.41
N GLU D 9 2.99 -4.53 59.04
CA GLU D 9 2.29 -5.34 60.03
C GLU D 9 3.20 -6.40 60.63
N GLU D 10 3.14 -6.53 61.95
CA GLU D 10 3.96 -7.50 62.67
C GLU D 10 3.31 -8.87 62.61
N THR D 11 3.36 -9.47 61.43
CA THR D 11 2.78 -10.78 61.21
C THR D 11 3.83 -11.65 60.51
N PHE D 12 3.40 -12.78 59.95
CA PHE D 12 4.35 -13.69 59.33
C PHE D 12 3.93 -14.30 58.01
N ALA D 13 4.93 -14.80 57.29
CA ALA D 13 4.72 -15.47 56.01
C ALA D 13 4.84 -16.95 56.36
N GLU D 14 4.04 -17.78 55.71
CA GLU D 14 4.06 -19.21 55.97
C GLU D 14 4.58 -19.94 54.73
N ALA D 15 5.85 -20.35 54.77
CA ALA D 15 6.48 -21.03 53.64
C ALA D 15 6.41 -22.57 53.68
N PHE D 16 6.67 -23.19 52.54
CA PHE D 16 6.60 -24.65 52.44
C PHE D 16 7.93 -25.30 52.05
N ASP D 17 7.99 -26.62 52.23
CA ASP D 17 9.20 -27.40 51.91
C ASP D 17 9.23 -27.70 50.41
N ILE D 18 10.41 -27.64 49.79
CA ILE D 18 10.53 -27.93 48.36
C ILE D 18 11.96 -28.29 47.95
N LYS D 19 12.08 -29.13 46.94
CA LYS D 19 13.39 -29.56 46.43
C LYS D 19 13.88 -28.52 45.41
N ILE D 20 15.13 -28.09 45.56
CA ILE D 20 15.71 -27.09 44.67
C ILE D 20 17.07 -27.50 44.11
N ALA D 21 17.19 -27.45 42.79
CA ALA D 21 18.43 -27.77 42.09
C ALA D 21 18.99 -26.43 41.62
N ARG D 22 20.31 -26.27 41.68
CA ARG D 22 20.93 -25.01 41.25
C ARG D 22 21.80 -25.30 40.02
N VAL D 23 21.49 -24.63 38.92
CA VAL D 23 22.21 -24.82 37.66
C VAL D 23 22.91 -23.55 37.18
N LEU D 24 24.17 -23.69 36.77
CA LEU D 24 24.92 -22.56 36.23
C LEU D 24 24.94 -22.71 34.71
N ILE D 25 24.55 -21.65 34.01
CA ILE D 25 24.54 -21.65 32.55
C ILE D 25 25.48 -20.57 32.06
N THR D 26 26.40 -20.91 31.16
CA THR D 26 27.30 -19.90 30.62
C THR D 26 27.15 -19.81 29.11
N GLY D 27 27.73 -18.76 28.54
CA GLY D 27 27.67 -18.54 27.11
C GLY D 27 28.71 -17.52 26.71
N TYR D 28 28.59 -16.97 25.51
CA TYR D 28 29.53 -15.95 25.04
C TYR D 28 29.53 -14.76 25.99
N ASP D 29 28.34 -14.27 26.30
CA ASP D 29 28.20 -13.12 27.16
C ASP D 29 26.92 -13.24 27.98
N TYR D 30 26.57 -12.18 28.72
CA TYR D 30 25.37 -12.20 29.55
C TYR D 30 24.09 -12.34 28.75
N TYR D 31 24.06 -11.75 27.56
CA TYR D 31 22.86 -11.87 26.74
C TYR D 31 22.54 -13.33 26.38
N TRP D 32 23.51 -14.04 25.80
CA TRP D 32 23.22 -15.41 25.41
C TRP D 32 22.96 -16.33 26.59
N ALA D 33 23.63 -16.11 27.70
CA ALA D 33 23.39 -16.94 28.88
C ALA D 33 21.94 -16.67 29.35
N TRP D 34 21.57 -15.39 29.38
CA TRP D 34 20.21 -15.01 29.81
C TRP D 34 19.13 -15.64 28.92
N VAL D 35 19.36 -15.69 27.62
CA VAL D 35 18.42 -16.26 26.67
C VAL D 35 18.09 -17.70 27.05
N ALA D 36 19.11 -18.48 27.41
CA ALA D 36 18.94 -19.87 27.81
C ALA D 36 18.22 -19.97 29.15
N ALA D 37 18.71 -19.22 30.13
CA ALA D 37 18.13 -19.23 31.47
C ALA D 37 16.66 -18.81 31.42
N ASN D 38 16.38 -17.79 30.60
CA ASN D 38 15.03 -17.28 30.47
C ASN D 38 14.07 -18.32 29.90
N GLU D 39 14.47 -18.98 28.82
CA GLU D 39 13.61 -19.99 28.21
C GLU D 39 13.41 -21.17 29.17
N ALA D 40 14.50 -21.64 29.77
CA ALA D 40 14.43 -22.78 30.68
C ALA D 40 13.61 -22.58 31.94
N THR D 41 13.47 -21.33 32.39
CA THR D 41 12.72 -21.05 33.61
C THR D 41 11.31 -20.51 33.42
N GLY D 42 10.85 -20.41 32.18
CA GLY D 42 9.51 -19.92 31.92
C GLY D 42 8.45 -20.94 32.30
N PHE D 43 7.17 -20.60 32.12
CA PHE D 43 6.06 -21.49 32.48
C PHE D 43 6.46 -22.20 33.77
N GLY D 44 6.82 -21.39 34.78
CA GLY D 44 7.24 -21.94 36.05
C GLY D 44 7.00 -21.01 37.24
N THR D 45 5.75 -20.57 37.40
CA THR D 45 5.39 -19.67 38.49
C THR D 45 4.94 -20.37 39.78
N SER D 46 4.21 -21.47 39.61
CA SER D 46 3.66 -22.21 40.74
C SER D 46 3.44 -23.68 40.42
N VAL D 47 3.63 -24.55 41.40
CA VAL D 47 3.44 -25.99 41.19
C VAL D 47 1.97 -26.38 41.15
N ILE D 48 1.09 -25.41 41.35
CA ILE D 48 -0.33 -25.67 41.31
C ILE D 48 -0.73 -26.09 39.90
N MET D 49 -0.15 -25.44 38.90
CA MET D 49 -0.47 -25.79 37.52
C MET D 49 0.68 -25.61 36.53
N CYS D 50 1.88 -25.41 37.05
CA CYS D 50 3.06 -25.29 36.20
C CYS D 50 3.89 -26.56 36.47
N PRO D 51 4.70 -27.00 35.50
CA PRO D 51 5.51 -28.20 35.70
C PRO D 51 6.56 -28.09 36.81
N ALA D 52 6.82 -26.86 37.26
CA ALA D 52 7.78 -26.58 38.32
C ALA D 52 7.82 -25.09 38.63
N GLU D 53 8.62 -24.72 39.63
CA GLU D 53 8.79 -23.31 39.98
C GLU D 53 10.26 -23.03 39.69
N ALA D 54 10.52 -22.13 38.75
CA ALA D 54 11.89 -21.82 38.35
C ALA D 54 12.14 -20.32 38.28
N GLY D 55 13.40 -19.94 38.12
CA GLY D 55 13.74 -18.52 38.05
C GLY D 55 15.23 -18.26 38.02
N ILE D 56 15.62 -17.08 37.56
CA ILE D 56 17.02 -16.70 37.50
C ILE D 56 17.46 -16.20 38.88
N GLU D 57 18.47 -16.85 39.46
CA GLU D 57 18.95 -16.44 40.77
C GLU D 57 19.87 -15.23 40.68
N ILE D 58 21.07 -15.40 40.13
CA ILE D 58 22.00 -14.27 40.05
C ILE D 58 22.97 -14.41 38.89
N LYS D 59 23.55 -13.28 38.53
CA LYS D 59 24.54 -13.23 37.46
C LYS D 59 25.82 -13.89 37.99
N ALA D 60 26.56 -14.57 37.12
CA ALA D 60 27.82 -15.20 37.51
C ALA D 60 28.93 -14.58 36.67
N LYS D 61 29.86 -13.88 37.32
CA LYS D 61 30.98 -13.23 36.62
C LYS D 61 31.97 -14.28 36.12
N PRO D 62 32.67 -13.98 35.01
CA PRO D 62 33.65 -14.95 34.48
C PRO D 62 34.64 -15.44 35.53
N SER D 63 35.01 -14.56 36.46
CA SER D 63 35.96 -14.94 37.51
C SER D 63 35.46 -16.06 38.40
N GLU D 64 34.15 -16.33 38.37
CA GLU D 64 33.57 -17.38 39.19
C GLU D 64 32.97 -18.58 38.45
N THR D 65 33.32 -18.76 37.19
CA THR D 65 32.78 -19.88 36.43
C THR D 65 33.88 -20.86 36.00
N PRO D 66 33.54 -22.16 35.95
CA PRO D 66 34.49 -23.20 35.56
C PRO D 66 35.16 -22.96 34.21
N ASP D 67 34.45 -22.34 33.26
CA ASP D 67 35.05 -22.09 31.95
C ASP D 67 35.52 -20.66 31.75
N GLY D 68 35.35 -19.82 32.77
CA GLY D 68 35.80 -18.43 32.64
C GLY D 68 34.96 -17.60 31.69
N ARG D 69 33.70 -17.99 31.49
CA ARG D 69 32.80 -17.25 30.62
C ARG D 69 31.65 -16.71 31.48
N PRO D 70 30.98 -15.66 31.00
CA PRO D 70 29.86 -15.04 31.72
C PRO D 70 28.67 -15.98 31.81
N GLY D 71 27.88 -15.90 32.88
CA GLY D 71 26.73 -16.78 33.01
C GLY D 71 25.67 -16.38 34.03
N TYR D 72 24.76 -17.31 34.32
CA TYR D 72 23.69 -17.10 35.30
C TYR D 72 23.35 -18.39 36.05
N TYR D 73 23.07 -18.27 37.34
CA TYR D 73 22.67 -19.41 38.12
C TYR D 73 21.14 -19.36 38.08
N ILE D 74 20.51 -20.52 37.97
CA ILE D 74 19.06 -20.57 37.98
C ILE D 74 18.64 -21.63 38.98
N GLN D 75 17.40 -21.56 39.44
CA GLN D 75 16.90 -22.56 40.36
C GLN D 75 15.66 -23.15 39.73
N ILE D 76 15.54 -24.46 39.83
CA ILE D 76 14.39 -25.19 39.33
C ILE D 76 13.93 -25.93 40.58
N CYS D 77 12.64 -25.81 40.90
CA CYS D 77 12.09 -26.43 42.10
C CYS D 77 10.88 -27.33 41.84
N HIS D 78 10.76 -28.38 42.65
CA HIS D 78 9.66 -29.32 42.56
C HIS D 78 9.47 -29.94 43.93
N MET D 79 8.24 -30.35 44.23
CA MET D 79 7.91 -30.96 45.51
C MET D 79 8.61 -32.29 45.80
N SER D 80 8.93 -33.06 44.76
CA SER D 80 9.58 -34.36 44.94
C SER D 80 10.86 -34.54 44.13
N LYS D 81 11.64 -35.54 44.50
CA LYS D 81 12.90 -35.87 43.85
C LYS D 81 12.73 -36.32 42.40
N LYS D 82 11.74 -37.16 42.14
CA LYS D 82 11.50 -37.65 40.79
C LYS D 82 11.09 -36.54 39.84
N GLY D 83 10.17 -35.69 40.31
CA GLY D 83 9.70 -34.58 39.50
C GLY D 83 10.82 -33.60 39.19
N LEU D 84 11.69 -33.35 40.17
CA LEU D 84 12.80 -32.42 39.98
C LEU D 84 13.77 -33.00 38.97
N GLU D 85 14.21 -34.24 39.18
CA GLU D 85 15.14 -34.87 38.25
C GLU D 85 14.52 -34.78 36.85
N GLU D 86 13.21 -34.97 36.82
CA GLU D 86 12.36 -34.95 35.63
C GLU D 86 12.40 -33.57 34.96
N GLN D 87 12.18 -32.52 35.74
CA GLN D 87 12.20 -31.17 35.21
C GLN D 87 13.59 -30.76 34.77
N LEU D 88 14.61 -31.22 35.48
CA LEU D 88 15.98 -30.90 35.11
C LEU D 88 16.27 -31.46 33.71
N LEU D 89 15.87 -32.71 33.46
CA LEU D 89 16.11 -33.33 32.17
C LEU D 89 15.39 -32.60 31.03
N ALA D 90 14.12 -32.24 31.26
CA ALA D 90 13.31 -31.58 30.25
C ALA D 90 13.68 -30.12 29.96
N ARG D 91 13.84 -29.31 31.00
CA ARG D 91 14.17 -27.90 30.81
C ARG D 91 15.58 -27.70 30.25
N LEU D 92 16.56 -28.40 30.80
CA LEU D 92 17.92 -28.27 30.31
C LEU D 92 18.09 -28.96 28.96
N GLY D 93 17.44 -30.10 28.79
CA GLY D 93 17.53 -30.83 27.53
C GLY D 93 16.80 -30.20 26.35
N GLN D 94 15.76 -29.44 26.64
CA GLN D 94 14.96 -28.81 25.60
C GLN D 94 15.21 -27.30 25.45
N CYS D 95 15.71 -26.66 26.50
CA CYS D 95 15.92 -25.22 26.50
C CYS D 95 17.35 -24.69 26.68
N VAL D 96 18.28 -25.55 27.10
CA VAL D 96 19.65 -25.08 27.30
C VAL D 96 20.61 -25.79 26.35
N LEU D 97 20.42 -27.10 26.20
CA LEU D 97 21.26 -27.89 25.29
C LEU D 97 20.96 -27.42 23.86
N THR D 98 19.81 -26.77 23.68
CA THR D 98 19.39 -26.29 22.37
C THR D 98 19.66 -24.81 22.11
N ALA D 99 20.11 -24.08 23.13
CA ALA D 99 20.37 -22.66 23.01
C ALA D 99 21.81 -22.37 22.60
N PRO D 100 22.03 -21.35 21.77
CA PRO D 100 23.39 -21.01 21.31
C PRO D 100 24.47 -20.74 22.38
N THR D 101 25.68 -21.21 22.10
CA THR D 101 26.87 -21.03 22.93
C THR D 101 26.87 -21.51 24.39
N THR D 102 25.79 -22.11 24.86
CA THR D 102 25.78 -22.50 26.27
C THR D 102 26.60 -23.70 26.69
N ALA D 103 26.84 -23.76 27.99
CA ALA D 103 27.57 -24.85 28.66
C ALA D 103 26.87 -24.88 30.03
N VAL D 104 26.68 -26.06 30.60
CA VAL D 104 26.03 -26.12 31.91
C VAL D 104 26.91 -26.85 32.93
N PHE D 105 26.96 -26.27 34.12
CA PHE D 105 27.74 -26.82 35.21
C PHE D 105 26.90 -26.93 36.47
N ASN D 106 27.43 -27.67 37.44
CA ASN D 106 26.78 -27.89 38.72
C ASN D 106 26.81 -26.59 39.50
N GLY D 107 25.63 -26.03 39.77
CA GLY D 107 25.53 -24.78 40.51
C GLY D 107 25.63 -24.94 42.01
N LEU D 108 25.71 -26.19 42.47
CA LEU D 108 25.85 -26.51 43.88
C LEU D 108 26.90 -27.60 43.98
N PRO D 109 28.16 -27.29 43.59
CA PRO D 109 29.26 -28.26 43.63
C PRO D 109 29.25 -29.07 44.91
N ASP D 110 29.02 -28.40 46.03
CA ASP D 110 28.95 -29.10 47.29
C ASP D 110 27.64 -29.88 47.28
N ALA D 111 27.00 -30.04 48.44
CA ALA D 111 25.75 -30.79 48.50
C ALA D 111 25.99 -32.26 48.17
N GLU D 112 25.53 -33.11 49.08
CA GLU D 112 25.66 -34.56 48.96
C GLU D 112 24.84 -35.20 47.84
N GLU D 113 23.55 -34.86 47.80
CA GLU D 113 22.63 -35.40 46.79
C GLU D 113 22.67 -34.70 45.44
N LYS D 114 22.64 -35.50 44.37
CA LYS D 114 22.65 -34.95 43.03
C LYS D 114 22.04 -35.90 41.99
N ASP D 115 21.67 -35.36 40.84
CA ASP D 115 21.09 -36.14 39.76
C ASP D 115 22.15 -36.19 38.67
N ASP D 116 22.21 -37.30 37.93
CA ASP D 116 23.19 -37.42 36.86
C ASP D 116 22.63 -36.91 35.54
N THR D 117 22.02 -35.72 35.57
CA THR D 117 21.43 -35.14 34.38
C THR D 117 22.42 -35.01 33.21
N GLY D 118 23.69 -34.74 33.51
CA GLY D 118 24.67 -34.62 32.45
C GLY D 118 24.89 -35.94 31.72
N PHE D 119 25.05 -37.01 32.50
CA PHE D 119 25.27 -38.37 31.99
C PHE D 119 24.11 -38.83 31.12
N LYS D 120 22.88 -38.47 31.50
CA LYS D 120 21.73 -38.88 30.71
C LYS D 120 21.62 -38.09 29.41
N LEU D 121 21.77 -36.76 29.51
CA LEU D 121 21.67 -35.91 28.33
C LEU D 121 22.77 -36.15 27.30
N LYS D 122 23.95 -36.59 27.74
CA LYS D 122 25.03 -36.80 26.76
C LYS D 122 24.72 -37.94 25.79
N PHE D 123 23.78 -38.79 26.13
CA PHE D 123 23.39 -39.89 25.24
C PHE D 123 22.86 -39.31 23.93
N PHE D 124 22.49 -38.03 23.95
CA PHE D 124 21.98 -37.35 22.76
C PHE D 124 23.04 -37.41 21.65
N ALA D 125 24.30 -37.58 22.04
CA ALA D 125 25.40 -37.64 21.08
C ALA D 125 25.46 -38.93 20.28
N ASP D 126 24.67 -39.93 20.70
CA ASP D 126 24.60 -41.22 20.02
C ASP D 126 25.94 -41.89 19.78
N GLY D 127 26.80 -41.93 20.80
CA GLY D 127 28.10 -42.56 20.66
C GLY D 127 29.30 -41.68 20.35
N TYR D 128 29.05 -40.44 19.91
CA TYR D 128 30.13 -39.51 19.58
C TYR D 128 30.51 -38.64 20.76
N GLN D 129 29.92 -38.93 21.93
CA GLN D 129 30.22 -38.15 23.11
C GLN D 129 31.61 -38.45 23.66
N LYS D 130 32.25 -37.43 24.25
CA LYS D 130 33.58 -37.57 24.82
C LYS D 130 33.69 -36.88 26.17
N GLU D 131 34.48 -37.46 27.07
CA GLU D 131 34.67 -36.86 28.39
C GLU D 131 35.72 -35.75 28.27
N VAL D 132 35.53 -34.68 29.04
CA VAL D 132 36.45 -33.55 29.06
C VAL D 132 36.29 -32.88 30.43
N GLU D 133 37.40 -32.40 31.00
CA GLU D 133 37.29 -31.74 32.29
C GLU D 133 37.52 -30.25 32.11
N VAL D 134 36.61 -29.47 32.67
CA VAL D 134 36.69 -28.02 32.56
C VAL D 134 36.70 -27.39 33.95
N GLY D 135 37.77 -26.67 34.28
CA GLY D 135 37.88 -26.04 35.58
C GLY D 135 37.75 -27.01 36.73
N GLY D 136 38.26 -28.23 36.54
CA GLY D 136 38.20 -29.23 37.59
C GLY D 136 36.87 -29.95 37.72
N ARG D 137 36.03 -29.82 36.71
CA ARG D 137 34.72 -30.47 36.75
C ARG D 137 34.64 -31.54 35.64
N LYS D 138 34.04 -32.68 35.97
CA LYS D 138 33.93 -33.80 35.03
C LYS D 138 32.74 -33.60 34.09
N CYS D 139 33.04 -33.22 32.85
CA CYS D 139 31.98 -32.95 31.88
C CYS D 139 31.99 -33.86 30.66
N TRP D 140 30.98 -33.66 29.81
CA TRP D 140 30.84 -34.42 28.58
C TRP D 140 30.70 -33.44 27.43
N ALA D 141 31.27 -33.79 26.28
CA ALA D 141 31.18 -32.95 25.09
C ALA D 141 30.20 -33.65 24.15
N VAL D 142 29.13 -32.95 23.79
CA VAL D 142 28.08 -33.48 22.93
C VAL D 142 28.08 -32.79 21.56
N PRO D 143 28.57 -33.48 20.50
CA PRO D 143 28.60 -32.87 19.17
C PRO D 143 27.21 -32.59 18.59
N MET D 144 27.04 -31.39 18.05
CA MET D 144 25.78 -30.96 17.45
C MET D 144 26.05 -29.91 16.38
N MET D 145 25.01 -29.31 15.82
CA MET D 145 25.20 -28.32 14.75
C MET D 145 26.13 -27.16 15.07
N GLU D 146 25.95 -26.52 16.21
CA GLU D 146 26.78 -25.37 16.56
C GLU D 146 28.21 -25.72 16.94
N GLY D 147 28.41 -26.94 17.39
CA GLY D 147 29.73 -27.38 17.83
C GLY D 147 29.54 -28.38 18.95
N ASP D 148 30.32 -28.29 20.02
CA ASP D 148 30.19 -29.23 21.14
C ASP D 148 29.55 -28.61 22.38
N PHE D 149 28.47 -29.23 22.85
CA PHE D 149 27.78 -28.76 24.06
C PHE D 149 28.45 -29.39 25.28
N ILE D 150 28.93 -28.56 26.20
CA ILE D 150 29.62 -29.04 27.40
C ILE D 150 28.71 -29.05 28.63
N ILE D 151 28.60 -30.22 29.26
CA ILE D 151 27.78 -30.35 30.46
C ILE D 151 28.42 -31.22 31.52
N GLU D 152 28.35 -30.77 32.77
CA GLU D 152 28.91 -31.51 33.88
C GLU D 152 28.07 -32.76 34.08
N ASN D 153 28.68 -33.82 34.59
CA ASN D 153 28.00 -35.08 34.78
C ASN D 153 26.84 -34.98 35.76
N ASP D 154 27.03 -34.29 36.88
CA ASP D 154 25.98 -34.18 37.89
C ASP D 154 25.57 -32.75 38.25
N ILE D 155 24.35 -32.63 38.75
CA ILE D 155 23.80 -31.37 39.21
C ILE D 155 23.26 -31.61 40.62
N GLY D 156 23.68 -30.77 41.56
CA GLY D 156 23.24 -30.94 42.94
C GLY D 156 21.90 -30.32 43.25
N TYR D 157 21.23 -30.83 44.29
CA TYR D 157 19.93 -30.31 44.71
C TYR D 157 19.84 -30.39 46.24
N THR D 158 18.95 -29.60 46.82
CA THR D 158 18.81 -29.56 48.26
C THR D 158 17.39 -29.27 48.70
N ASN D 159 17.14 -29.43 50.00
CA ASN D 159 15.82 -29.16 50.54
C ASN D 159 15.72 -27.66 50.78
N GLY D 160 15.02 -26.98 49.88
CA GLY D 160 14.85 -25.54 49.99
C GLY D 160 13.49 -25.15 50.49
N ILE D 161 13.11 -23.90 50.23
CA ILE D 161 11.84 -23.37 50.69
C ILE D 161 11.17 -22.54 49.59
N ALA D 162 9.87 -22.74 49.44
CA ALA D 162 9.12 -22.01 48.45
C ALA D 162 7.97 -21.33 49.18
N GLY D 163 7.64 -20.11 48.80
CA GLY D 163 6.54 -19.44 49.47
C GLY D 163 6.86 -18.32 50.44
N GLY D 164 8.11 -17.89 50.51
CA GLY D 164 8.43 -16.78 51.37
C GLY D 164 7.68 -15.64 50.68
N ASN D 165 7.22 -14.62 51.42
CA ASN D 165 6.48 -13.54 50.77
C ASN D 165 6.17 -12.32 51.63
N PHE D 166 5.66 -11.28 50.96
CA PHE D 166 5.18 -10.07 51.61
C PHE D 166 4.22 -9.38 50.63
N PHE D 167 3.25 -8.63 51.15
CA PHE D 167 2.26 -7.95 50.31
C PHE D 167 2.50 -6.45 50.36
N ILE D 168 2.23 -5.77 49.26
CA ILE D 168 2.41 -4.33 49.16
C ILE D 168 1.04 -3.68 48.90
N MET D 169 0.61 -2.81 49.81
CA MET D 169 -0.68 -2.14 49.67
C MET D 169 -0.49 -0.66 49.34
N ALA D 170 -1.18 -0.19 48.30
CA ALA D 170 -1.04 1.21 47.92
C ALA D 170 -2.35 1.93 47.61
N GLU D 171 -2.27 3.26 47.55
CA GLU D 171 -3.44 4.10 47.28
C GLU D 171 -3.91 4.02 45.82
N THR D 172 -3.00 3.63 44.92
CA THR D 172 -3.35 3.45 43.51
C THR D 172 -2.56 2.25 42.99
N GLN D 173 -3.01 1.69 41.88
CA GLN D 173 -2.34 0.53 41.30
C GLN D 173 -0.89 0.79 40.90
N PRO D 174 -0.64 1.87 40.12
CA PRO D 174 0.75 2.15 39.70
C PRO D 174 1.73 2.29 40.87
N SER D 175 1.24 2.81 42.00
CA SER D 175 2.09 2.96 43.18
C SER D 175 2.43 1.59 43.74
N ALA D 176 1.44 0.71 43.80
CA ALA D 176 1.69 -0.63 44.31
C ALA D 176 2.62 -1.38 43.36
N LEU D 177 2.43 -1.20 42.04
CA LEU D 177 3.27 -1.87 41.06
C LEU D 177 4.70 -1.36 41.07
N ALA D 178 4.88 -0.05 41.20
CA ALA D 178 6.21 0.54 41.22
C ALA D 178 7.02 -0.01 42.40
N ALA D 179 6.37 -0.08 43.56
CA ALA D 179 7.03 -0.61 44.76
C ALA D 179 7.37 -2.09 44.57
N ALA D 180 6.47 -2.84 43.92
CA ALA D 180 6.69 -4.25 43.68
C ALA D 180 7.91 -4.43 42.75
N LYS D 181 7.98 -3.65 41.68
CA LYS D 181 9.10 -3.71 40.75
C LYS D 181 10.40 -3.33 41.47
N ALA D 182 10.33 -2.35 42.38
CA ALA D 182 11.51 -1.93 43.13
C ALA D 182 12.00 -3.10 44.01
N ALA D 183 11.06 -3.83 44.60
CA ALA D 183 11.40 -4.97 45.45
C ALA D 183 12.10 -6.07 44.64
N VAL D 184 11.57 -6.37 43.46
CA VAL D 184 12.13 -7.40 42.59
C VAL D 184 13.58 -7.08 42.19
N ASP D 185 13.84 -5.83 41.83
CA ASP D 185 15.19 -5.41 41.47
C ASP D 185 16.16 -5.60 42.64
N ALA D 186 15.78 -5.11 43.82
CA ALA D 186 16.61 -5.24 45.02
C ALA D 186 16.86 -6.71 45.36
N ILE D 187 15.81 -7.53 45.23
CA ILE D 187 15.93 -8.95 45.53
C ILE D 187 16.80 -9.69 44.50
N SER D 188 16.95 -9.12 43.31
CA SER D 188 17.77 -9.75 42.27
C SER D 188 19.23 -9.86 42.69
N ASP D 189 19.68 -8.98 43.58
CA ASP D 189 21.06 -8.99 44.05
C ASP D 189 21.30 -9.96 45.20
N VAL D 190 20.24 -10.54 45.75
CA VAL D 190 20.36 -11.46 46.86
C VAL D 190 20.71 -12.90 46.43
N GLU D 191 21.78 -13.47 46.98
CA GLU D 191 22.17 -14.82 46.58
C GLU D 191 21.30 -15.91 47.21
N GLY D 192 21.11 -17.00 46.47
CA GLY D 192 20.32 -18.12 46.94
C GLY D 192 18.82 -17.97 46.87
N VAL D 193 18.37 -16.95 46.13
CA VAL D 193 16.95 -16.69 46.03
C VAL D 193 16.42 -16.43 44.63
N ILE D 194 15.13 -16.66 44.44
CA ILE D 194 14.46 -16.40 43.17
C ILE D 194 13.02 -15.90 43.45
N THR D 195 12.46 -15.17 42.50
CA THR D 195 11.10 -14.65 42.57
C THR D 195 10.43 -15.27 41.34
N PRO D 196 9.81 -16.44 41.49
CA PRO D 196 9.11 -17.26 40.49
C PRO D 196 8.01 -16.66 39.61
N PHE D 197 7.27 -15.69 40.12
CA PHE D 197 6.19 -15.13 39.31
C PHE D 197 6.62 -14.26 38.15
N PRO D 198 5.69 -13.95 37.23
CA PRO D 198 6.01 -13.12 36.06
C PRO D 198 6.56 -11.75 36.43
N GLY D 199 7.80 -11.49 36.00
CA GLY D 199 8.44 -10.23 36.33
C GLY D 199 8.74 -10.29 37.82
N GLY D 200 8.57 -11.48 38.39
CA GLY D 200 8.82 -11.69 39.82
C GLY D 200 7.72 -11.14 40.69
N ILE D 201 6.59 -10.79 40.07
CA ILE D 201 5.46 -10.19 40.79
C ILE D 201 4.13 -10.93 40.72
N VAL D 202 3.48 -11.02 41.88
CA VAL D 202 2.19 -11.69 42.02
C VAL D 202 1.09 -10.63 42.00
N ALA D 203 0.25 -10.67 40.97
CA ALA D 203 -0.83 -9.71 40.82
C ALA D 203 -2.18 -10.28 41.26
N SER D 204 -2.23 -11.59 41.45
CA SER D 204 -3.47 -12.26 41.82
C SER D 204 -3.63 -12.57 43.31
N GLY D 205 -2.87 -13.55 43.81
CA GLY D 205 -2.99 -13.93 45.20
C GLY D 205 -4.00 -15.06 45.32
N SER D 206 -3.75 -16.04 46.18
CA SER D 206 -4.67 -17.16 46.33
C SER D 206 -4.88 -17.55 47.78
N LYS D 207 -5.95 -18.30 48.04
CA LYS D 207 -6.26 -18.76 49.40
C LYS D 207 -6.45 -20.28 49.49
N VAL D 208 -7.12 -20.71 50.56
CA VAL D 208 -7.38 -22.12 50.83
C VAL D 208 -7.64 -22.91 49.55
N GLY D 209 -8.91 -23.08 49.22
CA GLY D 209 -9.29 -23.79 48.02
C GLY D 209 -10.31 -22.95 47.28
N ALA D 210 -11.52 -22.90 47.83
CA ALA D 210 -12.59 -22.11 47.23
C ALA D 210 -13.87 -22.24 48.05
N ASN D 211 -14.65 -21.17 48.09
CA ASN D 211 -15.91 -21.15 48.82
C ASN D 211 -17.01 -21.85 48.04
N LYS D 212 -17.26 -21.37 46.84
CA LYS D 212 -18.30 -21.93 45.99
C LYS D 212 -17.87 -23.07 45.06
N TYR D 213 -16.62 -23.05 44.61
CA TYR D 213 -16.14 -24.08 43.70
C TYR D 213 -15.08 -24.96 44.36
N LYS D 214 -15.52 -26.03 45.03
CA LYS D 214 -14.59 -26.91 45.70
C LYS D 214 -13.78 -27.80 44.75
N PHE D 215 -13.97 -27.59 43.45
CA PHE D 215 -13.23 -28.36 42.46
C PHE D 215 -11.98 -27.58 42.04
N LEU D 216 -11.69 -26.51 42.76
CA LEU D 216 -10.52 -25.68 42.48
C LEU D 216 -9.45 -25.93 43.54
N LYS D 217 -8.20 -26.03 43.12
CA LYS D 217 -7.10 -26.25 44.05
C LYS D 217 -6.77 -24.94 44.77
N ALA D 218 -7.28 -23.84 44.22
CA ALA D 218 -7.05 -22.52 44.80
C ALA D 218 -7.95 -21.50 44.12
N SER D 219 -8.19 -20.39 44.80
CA SER D 219 -9.05 -19.34 44.27
C SER D 219 -8.55 -17.99 44.77
N THR D 220 -9.16 -16.92 44.27
CA THR D 220 -8.75 -15.59 44.68
C THR D 220 -8.85 -15.45 46.19
N ASN D 221 -7.96 -14.67 46.77
CA ASN D 221 -7.94 -14.42 48.20
C ASN D 221 -8.72 -13.11 48.36
N GLU D 222 -10.04 -13.22 48.30
CA GLU D 222 -10.93 -12.06 48.39
C GLU D 222 -10.66 -11.10 49.55
N LYS D 223 -10.18 -11.62 50.67
CA LYS D 223 -9.91 -10.76 51.81
C LYS D 223 -8.84 -9.73 51.48
N PHE D 224 -8.12 -9.94 50.38
CA PHE D 224 -7.08 -9.00 49.98
C PHE D 224 -7.34 -8.41 48.58
N ALA D 225 -8.61 -8.38 48.18
CA ALA D 225 -9.01 -7.84 46.89
C ALA D 225 -9.73 -6.51 47.15
N PRO D 226 -9.06 -5.39 46.91
CA PRO D 226 -9.63 -4.05 47.13
C PRO D 226 -10.89 -3.69 46.32
N SER D 227 -11.11 -4.37 45.20
CA SER D 227 -12.26 -4.06 44.37
C SER D 227 -13.59 -4.59 44.94
N ILE D 228 -13.51 -5.46 45.94
CA ILE D 228 -14.71 -6.03 46.54
C ILE D 228 -14.71 -5.98 48.06
N ARG D 229 -13.89 -5.11 48.64
CA ARG D 229 -13.79 -5.00 50.10
C ARG D 229 -15.15 -4.81 50.77
N ASP D 230 -16.06 -4.08 50.12
CA ASP D 230 -17.40 -3.83 50.66
C ASP D 230 -18.18 -5.10 50.92
N GLN D 231 -18.32 -5.94 49.91
CA GLN D 231 -19.05 -7.17 50.05
C GLN D 231 -18.23 -8.29 50.69
N VAL D 232 -17.16 -7.90 51.39
CA VAL D 232 -16.29 -8.84 52.08
C VAL D 232 -16.21 -8.42 53.55
N GLU D 233 -16.68 -9.27 54.45
CA GLU D 233 -16.70 -8.95 55.87
C GLU D 233 -15.33 -8.97 56.56
N GLY D 234 -14.56 -10.01 56.33
CA GLY D 234 -13.25 -10.11 56.95
C GLY D 234 -12.15 -9.61 56.04
N THR D 235 -12.45 -8.56 55.26
CA THR D 235 -11.49 -7.99 54.34
C THR D 235 -10.30 -7.37 55.08
N GLN D 236 -9.10 -7.68 54.61
CA GLN D 236 -7.88 -7.15 55.22
C GLN D 236 -7.41 -5.88 54.50
N ILE D 237 -8.29 -5.29 53.70
CA ILE D 237 -7.96 -4.09 52.96
C ILE D 237 -8.42 -2.83 53.69
N PRO D 238 -7.47 -1.98 54.13
CA PRO D 238 -7.87 -0.77 54.83
C PRO D 238 -8.61 0.17 53.87
N ALA D 239 -9.42 1.06 54.42
CA ALA D 239 -10.22 2.00 53.64
C ALA D 239 -9.59 2.57 52.37
N GLY D 240 -8.60 3.44 52.52
CA GLY D 240 -7.99 4.06 51.35
C GLY D 240 -7.08 3.27 50.42
N VAL D 241 -7.11 1.95 50.48
CA VAL D 241 -6.25 1.12 49.63
C VAL D 241 -6.96 0.59 48.39
N LYS D 242 -6.47 0.98 47.22
CA LYS D 242 -7.07 0.54 45.96
C LYS D 242 -6.33 -0.58 45.19
N ALA D 243 -5.13 -0.95 45.64
CA ALA D 243 -4.37 -2.00 44.95
C ALA D 243 -3.35 -2.71 45.83
N VAL D 244 -3.19 -4.01 45.59
CA VAL D 244 -2.25 -4.85 46.33
C VAL D 244 -1.46 -5.74 45.37
N TYR D 245 -0.18 -5.95 45.68
CA TYR D 245 0.70 -6.84 44.91
C TYR D 245 1.51 -7.67 45.89
N GLU D 246 1.75 -8.92 45.54
CA GLU D 246 2.52 -9.83 46.39
C GLU D 246 3.84 -10.24 45.73
N ILE D 247 4.85 -10.50 46.55
CA ILE D 247 6.16 -10.95 46.07
C ILE D 247 6.44 -12.33 46.68
N VAL D 248 6.51 -13.36 45.85
CA VAL D 248 6.81 -14.71 46.36
C VAL D 248 8.28 -15.00 46.14
N ILE D 249 8.90 -15.64 47.14
CA ILE D 249 10.32 -15.93 47.10
C ILE D 249 10.59 -17.41 47.41
N ASN D 250 11.47 -18.02 46.61
CA ASN D 250 11.89 -19.42 46.80
C ASN D 250 13.40 -19.35 47.01
N GLY D 251 13.97 -20.29 47.76
CA GLY D 251 15.40 -20.23 48.00
C GLY D 251 16.01 -21.41 48.76
N LEU D 252 17.34 -21.45 48.76
CA LEU D 252 18.10 -22.53 49.39
C LEU D 252 17.91 -22.75 50.89
N ASN D 253 17.64 -21.69 51.64
CA ASN D 253 17.45 -21.82 53.08
C ASN D 253 16.74 -20.62 53.69
N ALA D 254 16.46 -20.70 54.99
CA ALA D 254 15.76 -19.64 55.71
C ALA D 254 16.50 -18.31 55.77
N ASP D 255 17.80 -18.33 56.06
CA ASP D 255 18.55 -17.08 56.13
C ASP D 255 18.43 -16.31 54.81
N ALA D 256 18.45 -17.04 53.69
CA ALA D 256 18.33 -16.41 52.38
C ALA D 256 16.94 -15.83 52.19
N ILE D 257 15.92 -16.58 52.58
CA ILE D 257 14.54 -16.14 52.44
C ILE D 257 14.33 -14.87 53.26
N LYS D 258 14.87 -14.86 54.48
CA LYS D 258 14.73 -13.71 55.36
C LYS D 258 15.45 -12.50 54.80
N GLU D 259 16.61 -12.70 54.18
CA GLU D 259 17.35 -11.58 53.61
C GLU D 259 16.53 -10.97 52.46
N ALA D 260 16.06 -11.82 51.56
CA ALA D 260 15.25 -11.38 50.43
C ALA D 260 14.01 -10.61 50.88
N THR D 261 13.35 -11.10 51.93
CA THR D 261 12.15 -10.43 52.44
C THR D 261 12.50 -9.04 52.94
N ARG D 262 13.53 -8.94 53.77
CA ARG D 262 13.99 -7.66 54.32
C ARG D 262 14.38 -6.66 53.23
N VAL D 263 15.24 -7.10 52.31
CA VAL D 263 15.71 -6.26 51.20
C VAL D 263 14.56 -5.78 50.30
N GLY D 264 13.60 -6.66 50.06
CA GLY D 264 12.47 -6.28 49.21
C GLY D 264 11.61 -5.22 49.85
N ILE D 265 11.30 -5.38 51.13
CA ILE D 265 10.49 -4.40 51.84
C ILE D 265 11.17 -3.04 51.93
N LEU D 266 12.45 -3.03 52.27
CA LEU D 266 13.19 -1.78 52.36
C LEU D 266 13.08 -0.98 51.08
N ALA D 267 13.14 -1.67 49.94
CA ALA D 267 13.06 -0.99 48.64
C ALA D 267 11.63 -0.58 48.31
N ALA D 268 10.69 -1.47 48.58
CA ALA D 268 9.29 -1.21 48.30
C ALA D 268 8.77 0.06 48.96
N THR D 269 9.23 0.31 50.18
CA THR D 269 8.77 1.48 50.94
C THR D 269 9.39 2.80 50.55
N LYS D 270 10.15 2.84 49.46
CA LYS D 270 10.74 4.10 49.00
C LYS D 270 9.80 4.76 47.99
N ILE D 271 8.77 4.03 47.57
CA ILE D 271 7.84 4.51 46.56
C ILE D 271 6.62 5.24 47.09
N PRO D 272 6.35 6.47 46.59
CA PRO D 272 5.20 7.27 47.03
C PRO D 272 3.88 6.55 46.79
N GLY D 273 2.99 6.61 47.78
CA GLY D 273 1.69 5.98 47.65
C GLY D 273 1.53 4.69 48.42
N VAL D 274 2.64 4.11 48.89
CA VAL D 274 2.59 2.87 49.64
C VAL D 274 2.09 3.15 51.06
N VAL D 275 1.04 2.46 51.46
CA VAL D 275 0.44 2.68 52.77
C VAL D 275 0.64 1.59 53.81
N LYS D 276 0.76 0.34 53.37
CA LYS D 276 0.92 -0.78 54.30
C LYS D 276 1.68 -1.94 53.68
N ILE D 277 2.42 -2.65 54.54
CA ILE D 277 3.20 -3.84 54.15
C ILE D 277 2.77 -4.97 55.10
N THR D 278 2.55 -6.17 54.57
CA THR D 278 2.21 -7.32 55.40
C THR D 278 2.72 -8.58 54.73
N ALA D 279 2.20 -9.73 55.13
CA ALA D 279 2.61 -11.02 54.57
C ALA D 279 1.42 -11.98 54.63
N GLY D 280 1.50 -13.08 53.90
CA GLY D 280 0.40 -14.04 53.89
C GLY D 280 0.71 -15.36 54.56
N ASN D 281 -0.24 -15.88 55.33
CA ASN D 281 -0.06 -17.15 56.04
C ASN D 281 -1.37 -17.93 56.08
N TYR D 282 -1.34 -19.13 56.68
CA TYR D 282 -2.52 -19.98 56.77
C TYR D 282 -2.58 -20.71 58.11
N GLY D 283 -2.80 -22.02 58.03
CA GLY D 283 -2.87 -22.85 59.22
C GLY D 283 -1.49 -23.18 59.74
N GLY D 284 -1.26 -22.89 61.02
CA GLY D 284 0.03 -23.14 61.64
C GLY D 284 0.75 -24.39 61.18
N LYS D 285 0.09 -25.53 61.31
CA LYS D 285 0.68 -26.81 60.90
C LYS D 285 0.55 -27.11 59.41
N LEU D 286 0.25 -26.08 58.62
CA LEU D 286 0.12 -26.23 57.16
C LEU D 286 1.43 -25.89 56.46
N GLY D 287 2.14 -24.89 56.98
CA GLY D 287 3.42 -24.51 56.41
C GLY D 287 4.48 -24.68 57.47
N LYS D 288 5.54 -25.42 57.14
CA LYS D 288 6.61 -25.67 58.10
C LYS D 288 7.41 -24.44 58.53
N HIS D 289 7.84 -23.64 57.56
CA HIS D 289 8.65 -22.47 57.86
C HIS D 289 7.88 -21.18 58.01
N ILE D 290 8.20 -20.47 59.09
CA ILE D 290 7.57 -19.19 59.41
C ILE D 290 8.62 -18.09 59.32
N ILE D 291 8.25 -16.96 58.73
CA ILE D 291 9.15 -15.83 58.60
C ILE D 291 8.46 -14.64 59.27
N ASN D 292 8.87 -14.32 60.50
CA ASN D 292 8.30 -13.21 61.24
C ASN D 292 8.89 -11.89 60.75
N LEU D 293 8.05 -10.99 60.25
CA LEU D 293 8.50 -9.70 59.75
C LEU D 293 9.15 -8.85 60.83
N ASN D 294 8.65 -8.96 62.05
CA ASN D 294 9.17 -8.15 63.16
C ASN D 294 10.63 -8.45 63.51
N GLU D 295 11.18 -9.54 62.98
CA GLU D 295 12.57 -9.88 63.28
C GLU D 295 13.53 -9.44 62.18
N LEU D 296 13.00 -8.80 61.15
CA LEU D 296 13.83 -8.36 60.02
C LEU D 296 14.21 -6.89 60.06
N PHE D 297 13.59 -6.12 60.96
CA PHE D 297 13.88 -4.71 61.02
C PHE D 297 14.12 -4.20 62.44
N MET E 1 1.86 -28.50 -35.78
CA MET E 1 0.46 -28.18 -35.38
C MET E 1 -0.03 -26.92 -36.08
N LYS E 2 -1.29 -26.94 -36.51
CA LYS E 2 -1.84 -25.79 -37.21
C LYS E 2 -3.27 -25.43 -36.79
N VAL E 3 -3.52 -24.13 -36.66
CA VAL E 3 -4.83 -23.62 -36.27
C VAL E 3 -5.23 -22.54 -37.27
N ASN E 4 -6.33 -22.78 -38.00
CA ASN E 4 -6.81 -21.84 -39.00
C ASN E 4 -5.72 -21.58 -40.05
N GLY E 5 -4.94 -22.62 -40.37
CA GLY E 5 -3.89 -22.47 -41.35
C GLY E 5 -2.62 -21.83 -40.84
N VAL E 6 -2.58 -21.53 -39.55
CA VAL E 6 -1.40 -20.90 -38.95
C VAL E 6 -0.62 -21.87 -38.08
N GLU E 7 0.71 -21.79 -38.15
CA GLU E 7 1.60 -22.64 -37.39
C GLU E 7 1.61 -22.27 -35.92
N VAL E 8 1.34 -23.26 -35.05
CA VAL E 8 1.34 -23.03 -33.61
C VAL E 8 2.36 -23.96 -32.96
N GLU E 9 3.50 -23.39 -32.57
CA GLU E 9 4.56 -24.18 -31.93
C GLU E 9 4.02 -25.02 -30.79
N GLU E 10 4.34 -26.30 -30.78
CA GLU E 10 3.88 -27.18 -29.72
C GLU E 10 4.76 -26.98 -28.49
N THR E 11 4.56 -25.85 -27.82
CA THR E 11 5.30 -25.51 -26.62
C THR E 11 4.32 -25.06 -25.52
N PHE E 12 4.85 -24.44 -24.46
CA PHE E 12 4.01 -24.04 -23.34
C PHE E 12 4.27 -22.66 -22.77
N ALA E 13 3.29 -22.17 -22.02
CA ALA E 13 3.35 -20.89 -21.33
C ALA E 13 3.58 -21.26 -19.86
N GLU E 14 4.40 -20.49 -19.17
CA GLU E 14 4.69 -20.76 -17.77
C GLU E 14 4.21 -19.61 -16.87
N ALA E 15 3.08 -19.82 -16.21
CA ALA E 15 2.47 -18.81 -15.35
C ALA E 15 2.92 -18.88 -13.90
N PHE E 16 2.35 -18.01 -13.06
CA PHE E 16 2.73 -17.95 -11.65
C PHE E 16 1.54 -17.80 -10.71
N ASP E 17 1.80 -18.02 -9.42
CA ASP E 17 0.76 -17.89 -8.41
C ASP E 17 0.60 -16.42 -8.02
N ILE E 18 -0.64 -16.02 -7.73
CA ILE E 18 -0.93 -14.65 -7.34
C ILE E 18 -2.29 -14.62 -6.65
N LYS E 19 -2.48 -13.66 -5.76
CA LYS E 19 -3.75 -13.49 -5.05
C LYS E 19 -4.65 -12.58 -5.89
N ILE E 20 -5.93 -12.92 -5.98
CA ILE E 20 -6.87 -12.14 -6.78
C ILE E 20 -8.21 -11.88 -6.10
N ALA E 21 -8.62 -10.61 -6.10
CA ALA E 21 -9.88 -10.18 -5.52
C ALA E 21 -10.80 -9.82 -6.69
N ARG E 22 -12.08 -10.18 -6.56
CA ARG E 22 -13.06 -9.92 -7.61
C ARG E 22 -14.11 -8.95 -7.07
N VAL E 23 -14.21 -7.80 -7.73
CA VAL E 23 -15.14 -6.74 -7.33
C VAL E 23 -16.17 -6.39 -8.41
N LEU E 24 -17.42 -6.22 -7.99
CA LEU E 24 -18.50 -5.83 -8.89
C LEU E 24 -18.83 -4.36 -8.65
N ILE E 25 -18.88 -3.57 -9.71
CA ILE E 25 -19.19 -2.15 -9.62
C ILE E 25 -20.43 -1.85 -10.46
N THR E 26 -21.45 -1.24 -9.86
CA THR E 26 -22.67 -0.93 -10.60
C THR E 26 -22.91 0.57 -10.59
N GLY E 27 -23.74 1.04 -11.51
CA GLY E 27 -24.07 2.46 -11.60
C GLY E 27 -25.36 2.70 -12.37
N TYR E 28 -25.57 3.93 -12.84
CA TYR E 28 -26.80 4.26 -13.60
C TYR E 28 -26.92 3.34 -14.82
N ASP E 29 -25.83 3.26 -15.59
CA ASP E 29 -25.79 2.44 -16.79
C ASP E 29 -24.38 1.92 -16.98
N TYR E 30 -24.14 1.21 -18.08
CA TYR E 30 -22.81 0.67 -18.36
C TYR E 30 -21.74 1.74 -18.49
N TYR E 31 -22.11 2.90 -19.01
CA TYR E 31 -21.11 3.96 -19.14
C TYR E 31 -20.56 4.40 -17.80
N TRP E 32 -21.44 4.72 -16.86
CA TRP E 32 -20.95 5.17 -15.56
C TRP E 32 -20.22 4.09 -14.76
N ALA E 33 -20.66 2.84 -14.86
CA ALA E 33 -19.96 1.77 -14.15
C ALA E 33 -18.56 1.60 -14.77
N TRP E 34 -18.49 1.70 -16.10
CA TRP E 34 -17.21 1.56 -16.81
C TRP E 34 -16.25 2.65 -16.37
N VAL E 35 -16.73 3.88 -16.27
CA VAL E 35 -15.93 5.03 -15.84
C VAL E 35 -15.16 4.66 -14.57
N ALA E 36 -15.86 4.06 -13.61
CA ALA E 36 -15.26 3.67 -12.33
C ALA E 36 -14.29 2.51 -12.50
N ALA E 37 -14.76 1.44 -13.12
CA ALA E 37 -13.95 0.26 -13.34
C ALA E 37 -12.64 0.61 -14.02
N ASN E 38 -12.74 1.41 -15.08
CA ASN E 38 -11.59 1.86 -15.87
C ASN E 38 -10.56 2.61 -15.03
N GLU E 39 -11.02 3.62 -14.29
CA GLU E 39 -10.10 4.40 -13.46
C GLU E 39 -9.43 3.53 -12.38
N ALA E 40 -10.22 2.69 -11.72
CA ALA E 40 -9.70 1.85 -10.64
C ALA E 40 -8.72 0.77 -11.06
N THR E 41 -8.73 0.42 -12.33
CA THR E 41 -7.83 -0.63 -12.81
C THR E 41 -6.63 -0.13 -13.61
N GLY E 42 -6.53 1.18 -13.77
CA GLY E 42 -5.41 1.75 -14.50
C GLY E 42 -4.11 1.58 -13.74
N PHE E 43 -2.98 2.00 -14.32
CA PHE E 43 -1.67 1.87 -13.70
C PHE E 43 -1.65 0.51 -12.99
N GLY E 44 -1.91 -0.54 -13.77
CA GLY E 44 -1.94 -1.90 -13.25
C GLY E 44 -1.68 -2.98 -14.28
N THR E 45 -0.56 -2.89 -14.98
CA THR E 45 -0.20 -3.87 -15.99
C THR E 45 0.66 -5.01 -15.42
N SER E 46 1.65 -4.66 -14.62
CA SER E 46 2.58 -5.63 -14.03
C SER E 46 3.03 -5.31 -12.61
N VAL E 47 3.21 -6.34 -11.78
CA VAL E 47 3.63 -6.14 -10.40
C VAL E 47 5.10 -5.76 -10.32
N ILE E 48 5.79 -5.78 -11.46
CA ILE E 48 7.20 -5.42 -11.48
C ILE E 48 7.38 -3.95 -11.10
N MET E 49 6.47 -3.09 -11.54
CA MET E 49 6.59 -1.68 -11.19
C MET E 49 5.26 -0.93 -11.07
N CYS E 50 4.18 -1.68 -10.97
CA CYS E 50 2.83 -1.11 -10.77
C CYS E 50 2.38 -1.60 -9.38
N PRO E 51 1.54 -0.82 -8.70
CA PRO E 51 1.05 -1.22 -7.37
C PRO E 51 0.24 -2.53 -7.36
N ALA E 52 -0.12 -3.02 -8.54
CA ALA E 52 -0.89 -4.25 -8.68
C ALA E 52 -1.17 -4.53 -10.17
N GLU E 53 -1.80 -5.68 -10.43
CA GLU E 53 -2.17 -6.05 -11.79
C GLU E 53 -3.70 -6.10 -11.73
N ALA E 54 -4.37 -5.31 -12.57
CA ALA E 54 -5.83 -5.27 -12.55
C ALA E 54 -6.44 -5.11 -13.94
N GLY E 55 -7.76 -5.21 -14.03
CA GLY E 55 -8.43 -5.09 -15.31
C GLY E 55 -9.91 -5.39 -15.23
N ILE E 56 -10.63 -5.09 -16.30
CA ILE E 56 -12.07 -5.34 -16.36
C ILE E 56 -12.28 -6.76 -16.86
N GLU E 57 -13.05 -7.55 -16.13
CA GLU E 57 -13.32 -8.92 -16.50
C GLU E 57 -14.50 -9.05 -17.46
N ILE E 58 -15.71 -8.79 -16.99
CA ILE E 58 -16.87 -8.90 -17.86
C ILE E 58 -18.00 -8.00 -17.41
N LYS E 59 -18.91 -7.74 -18.35
CA LYS E 59 -20.08 -6.92 -18.11
C LYS E 59 -21.03 -7.70 -17.19
N ALA E 60 -21.75 -6.98 -16.33
CA ALA E 60 -22.71 -7.58 -15.40
C ALA E 60 -24.11 -7.06 -15.70
N LYS E 61 -24.99 -7.97 -16.12
CA LYS E 61 -26.36 -7.61 -16.45
C LYS E 61 -27.18 -7.28 -15.20
N PRO E 62 -28.12 -6.33 -15.31
CA PRO E 62 -28.93 -5.96 -14.15
C PRO E 62 -29.61 -7.19 -13.54
N SER E 63 -29.95 -8.16 -14.37
CA SER E 63 -30.60 -9.38 -13.89
C SER E 63 -29.68 -10.23 -13.02
N GLU E 64 -28.41 -9.86 -12.93
CA GLU E 64 -27.47 -10.64 -12.11
C GLU E 64 -26.74 -9.82 -11.05
N THR E 65 -27.22 -8.61 -10.80
CA THR E 65 -26.58 -7.77 -9.79
C THR E 65 -27.50 -7.66 -8.58
N PRO E 66 -26.92 -7.49 -7.38
CA PRO E 66 -27.67 -7.36 -6.13
C PRO E 66 -28.66 -6.19 -6.14
N ASP E 67 -28.31 -5.12 -6.83
CA ASP E 67 -29.20 -3.96 -6.86
C ASP E 67 -30.06 -3.81 -8.11
N GLY E 68 -29.82 -4.67 -9.08
CA GLY E 68 -30.59 -4.62 -10.31
C GLY E 68 -30.13 -3.59 -11.33
N ARG E 69 -28.94 -3.05 -11.14
CA ARG E 69 -28.41 -2.06 -12.07
C ARG E 69 -27.24 -2.64 -12.84
N PRO E 70 -27.00 -2.14 -14.06
CA PRO E 70 -25.88 -2.67 -14.85
C PRO E 70 -24.54 -2.36 -14.18
N GLY E 71 -23.52 -3.14 -14.51
CA GLY E 71 -22.20 -2.93 -13.93
C GLY E 71 -21.09 -3.69 -14.63
N TYR E 72 -19.98 -3.87 -13.94
CA TYR E 72 -18.82 -4.59 -14.47
C TYR E 72 -18.10 -5.31 -13.33
N TYR E 73 -17.51 -6.47 -13.64
CA TYR E 73 -16.74 -7.19 -12.64
C TYR E 73 -15.28 -6.82 -12.89
N ILE E 74 -14.54 -6.62 -11.82
CA ILE E 74 -13.14 -6.26 -11.93
C ILE E 74 -12.29 -7.22 -11.11
N GLN E 75 -11.03 -7.35 -11.50
CA GLN E 75 -10.10 -8.19 -10.76
C GLN E 75 -8.90 -7.32 -10.42
N ILE E 76 -8.42 -7.45 -9.18
CA ILE E 76 -7.25 -6.72 -8.72
C ILE E 76 -6.36 -7.83 -8.15
N CYS E 77 -5.12 -7.89 -8.62
CA CYS E 77 -4.20 -8.95 -8.20
C CYS E 77 -2.92 -8.45 -7.53
N HIS E 78 -2.41 -9.24 -6.59
CA HIS E 78 -1.18 -8.92 -5.89
C HIS E 78 -0.52 -10.22 -5.39
N MET E 79 0.80 -10.20 -5.26
CA MET E 79 1.56 -11.38 -4.81
C MET E 79 1.28 -11.80 -3.36
N SER E 80 0.92 -10.84 -2.50
CA SER E 80 0.65 -11.14 -1.09
C SER E 80 -0.69 -10.63 -0.57
N LYS E 81 -1.11 -11.17 0.56
CA LYS E 81 -2.37 -10.76 1.20
C LYS E 81 -2.41 -9.27 1.49
N LYS E 82 -1.50 -8.83 2.35
CA LYS E 82 -1.43 -7.43 2.74
C LYS E 82 -1.42 -6.50 1.54
N GLY E 83 -0.66 -6.86 0.52
CA GLY E 83 -0.60 -6.03 -0.68
C GLY E 83 -1.96 -5.91 -1.35
N LEU E 84 -2.67 -7.03 -1.42
CA LEU E 84 -3.98 -7.04 -2.06
C LEU E 84 -4.99 -6.25 -1.24
N GLU E 85 -5.00 -6.46 0.08
CA GLU E 85 -5.91 -5.71 0.96
C GLU E 85 -5.64 -4.23 0.77
N GLU E 86 -4.35 -3.90 0.71
CA GLU E 86 -3.87 -2.54 0.55
C GLU E 86 -4.42 -1.94 -0.74
N GLN E 87 -4.23 -2.68 -1.85
CA GLN E 87 -4.71 -2.21 -3.15
C GLN E 87 -6.22 -2.09 -3.25
N LEU E 88 -6.95 -2.95 -2.54
CA LEU E 88 -8.40 -2.87 -2.59
C LEU E 88 -8.86 -1.59 -1.91
N LEU E 89 -8.23 -1.28 -0.78
CA LEU E 89 -8.61 -0.09 -0.02
C LEU E 89 -8.36 1.20 -0.78
N ALA E 90 -7.21 1.30 -1.43
CA ALA E 90 -6.84 2.50 -2.18
C ALA E 90 -7.55 2.66 -3.52
N ARG E 91 -7.54 1.62 -4.34
CA ARG E 91 -8.19 1.70 -5.64
C ARG E 91 -9.70 1.90 -5.53
N LEU E 92 -10.35 1.20 -4.61
CA LEU E 92 -11.79 1.36 -4.46
C LEU E 92 -12.10 2.65 -3.71
N GLY E 93 -11.34 2.92 -2.65
CA GLY E 93 -11.58 4.12 -1.85
C GLY E 93 -11.23 5.44 -2.53
N GLN E 94 -10.40 5.39 -3.56
CA GLN E 94 -10.00 6.60 -4.28
C GLN E 94 -10.60 6.73 -5.68
N CYS E 95 -10.94 5.61 -6.30
CA CYS E 95 -11.47 5.61 -7.67
C CYS E 95 -12.90 5.12 -7.88
N VAL E 96 -13.51 4.51 -6.88
CA VAL E 96 -14.89 4.02 -7.03
C VAL E 96 -15.86 4.71 -6.05
N LEU E 97 -15.44 4.90 -4.81
CA LEU E 97 -16.27 5.60 -3.84
C LEU E 97 -16.39 7.04 -4.27
N THR E 98 -15.50 7.46 -5.18
CA THR E 98 -15.48 8.84 -5.67
C THR E 98 -16.16 9.03 -7.02
N ALA E 99 -16.45 7.95 -7.72
CA ALA E 99 -17.07 8.00 -9.04
C ALA E 99 -18.58 8.14 -8.98
N PRO E 100 -19.17 8.94 -9.88
CA PRO E 100 -20.62 9.14 -9.89
C PRO E 100 -21.49 7.87 -9.97
N THR E 101 -22.56 7.85 -9.17
CA THR E 101 -23.57 6.78 -9.15
C THR E 101 -23.22 5.35 -8.74
N THR E 102 -21.93 5.06 -8.54
CA THR E 102 -21.54 3.69 -8.20
C THR E 102 -21.94 3.15 -6.84
N ALA E 103 -21.91 1.81 -6.78
CA ALA E 103 -22.20 1.03 -5.59
C ALA E 103 -21.27 -0.16 -5.79
N VAL E 104 -20.68 -0.70 -4.73
CA VAL E 104 -19.80 -1.85 -4.93
C VAL E 104 -20.26 -3.05 -4.13
N PHE E 105 -20.10 -4.23 -4.72
CA PHE E 105 -20.50 -5.47 -4.08
C PHE E 105 -19.41 -6.53 -4.22
N ASN E 106 -19.51 -7.59 -3.42
CA ASN E 106 -18.57 -8.70 -3.43
C ASN E 106 -18.66 -9.43 -4.77
N GLY E 107 -17.52 -9.54 -5.46
CA GLY E 107 -17.50 -10.22 -6.76
C GLY E 107 -17.18 -11.71 -6.65
N LEU E 108 -16.94 -12.18 -5.42
CA LEU E 108 -16.66 -13.59 -5.14
C LEU E 108 -17.43 -14.02 -3.89
N PRO E 109 -18.76 -14.13 -4.00
CA PRO E 109 -19.59 -14.53 -2.87
C PRO E 109 -19.17 -15.82 -2.17
N ASP E 110 -18.93 -16.88 -2.94
CA ASP E 110 -18.57 -18.19 -2.37
C ASP E 110 -17.14 -18.39 -1.88
N ALA E 111 -16.32 -17.34 -1.89
CA ALA E 111 -14.94 -17.47 -1.44
C ALA E 111 -14.83 -17.55 0.08
N GLU E 112 -14.11 -18.55 0.57
CA GLU E 112 -13.93 -18.74 2.01
C GLU E 112 -13.17 -17.58 2.63
N GLU E 113 -12.06 -17.18 1.99
CA GLU E 113 -11.25 -16.08 2.49
C GLU E 113 -11.74 -14.74 1.94
N LYS E 114 -12.11 -13.84 2.84
CA LYS E 114 -12.63 -12.54 2.47
C LYS E 114 -11.79 -11.41 3.06
N ASP E 115 -11.85 -10.25 2.41
CA ASP E 115 -11.11 -9.09 2.86
C ASP E 115 -12.04 -8.05 3.46
N ASP E 116 -11.51 -7.33 4.45
CA ASP E 116 -12.27 -6.29 5.11
C ASP E 116 -11.91 -4.98 4.41
N THR E 117 -12.85 -4.44 3.64
CA THR E 117 -12.63 -3.18 2.94
C THR E 117 -13.87 -2.29 2.95
N GLY E 118 -15.05 -2.89 2.91
CA GLY E 118 -16.27 -2.09 2.97
C GLY E 118 -16.39 -1.52 4.37
N PHE E 119 -16.15 -2.39 5.35
CA PHE E 119 -16.21 -2.01 6.75
C PHE E 119 -15.22 -0.88 7.02
N LYS E 120 -14.04 -0.99 6.43
CA LYS E 120 -13.02 0.04 6.64
C LYS E 120 -13.37 1.36 5.96
N LEU E 121 -13.78 1.28 4.69
CA LEU E 121 -14.12 2.46 3.93
C LEU E 121 -15.31 3.25 4.46
N LYS E 122 -16.29 2.56 5.04
CA LYS E 122 -17.48 3.24 5.55
C LYS E 122 -17.18 4.22 6.69
N PHE E 123 -16.00 4.11 7.28
CA PHE E 123 -15.63 5.03 8.34
C PHE E 123 -15.55 6.44 7.75
N PHE E 124 -15.42 6.52 6.44
CA PHE E 124 -15.36 7.81 5.75
C PHE E 124 -16.63 8.60 6.05
N ALA E 125 -17.69 7.89 6.48
CA ALA E 125 -18.95 8.54 6.81
C ALA E 125 -18.89 9.34 8.11
N ASP E 126 -17.77 9.20 8.82
CA ASP E 126 -17.52 9.91 10.08
C ASP E 126 -18.71 9.99 11.05
N GLY E 127 -19.35 8.85 11.30
CA GLY E 127 -20.47 8.83 12.21
C GLY E 127 -21.84 8.71 11.56
N TYR E 128 -21.95 9.10 10.30
CA TYR E 128 -23.25 9.01 9.62
C TYR E 128 -23.47 7.74 8.78
N GLN E 129 -22.68 6.69 9.02
CA GLN E 129 -22.86 5.45 8.26
C GLN E 129 -24.13 4.78 8.74
N LYS E 130 -24.67 3.90 7.91
CA LYS E 130 -25.90 3.18 8.25
C LYS E 130 -25.85 1.84 7.53
N GLU E 131 -26.37 0.80 8.19
CA GLU E 131 -26.39 -0.53 7.60
C GLU E 131 -27.63 -0.70 6.72
N VAL E 132 -27.46 -1.41 5.61
CA VAL E 132 -28.55 -1.66 4.67
C VAL E 132 -28.30 -2.97 3.93
N GLU E 133 -29.37 -3.71 3.67
CA GLU E 133 -29.27 -4.96 2.96
C GLU E 133 -29.79 -4.73 1.54
N VAL E 134 -29.04 -5.22 0.56
CA VAL E 134 -29.43 -5.07 -0.84
C VAL E 134 -29.23 -6.41 -1.54
N GLY E 135 -30.32 -6.96 -2.03
CA GLY E 135 -30.25 -8.25 -2.70
C GLY E 135 -29.62 -9.30 -1.81
N GLY E 136 -29.93 -9.23 -0.52
CA GLY E 136 -29.41 -10.18 0.43
C GLY E 136 -27.95 -9.99 0.79
N ARG E 137 -27.40 -8.82 0.47
CA ARG E 137 -26.00 -8.50 0.77
C ARG E 137 -25.92 -7.48 1.91
N LYS E 138 -25.02 -7.69 2.86
CA LYS E 138 -24.88 -6.75 3.99
C LYS E 138 -23.99 -5.57 3.59
N CYS E 139 -24.59 -4.38 3.47
CA CYS E 139 -23.85 -3.19 3.06
C CYS E 139 -23.93 -1.98 3.98
N TRP E 140 -23.16 -0.96 3.60
CA TRP E 140 -23.12 0.30 4.33
C TRP E 140 -23.48 1.42 3.38
N ALA E 141 -24.20 2.42 3.88
CA ALA E 141 -24.57 3.60 3.10
C ALA E 141 -23.67 4.73 3.61
N VAL E 142 -22.91 5.33 2.70
CA VAL E 142 -21.97 6.39 3.05
C VAL E 142 -22.43 7.74 2.51
N PRO E 143 -22.94 8.62 3.39
CA PRO E 143 -23.39 9.93 2.93
C PRO E 143 -22.26 10.80 2.39
N MET E 144 -22.47 11.40 1.23
CA MET E 144 -21.49 12.28 0.61
C MET E 144 -22.24 13.30 -0.26
N MET E 145 -21.53 13.97 -1.16
CA MET E 145 -22.19 14.98 -2.00
C MET E 145 -23.28 14.47 -2.93
N GLU E 146 -22.98 13.45 -3.71
CA GLU E 146 -23.95 12.93 -4.67
C GLU E 146 -25.15 12.26 -4.00
N GLY E 147 -24.95 11.82 -2.75
CA GLY E 147 -26.00 11.14 -2.00
C GLY E 147 -25.39 10.08 -1.12
N ASP E 148 -25.87 8.83 -1.22
CA ASP E 148 -25.33 7.74 -0.40
C ASP E 148 -24.62 6.66 -1.21
N PHE E 149 -23.35 6.43 -0.90
CA PHE E 149 -22.55 5.40 -1.56
C PHE E 149 -22.74 4.08 -0.81
N ILE E 150 -23.21 3.07 -1.53
CA ILE E 150 -23.46 1.76 -0.96
C ILE E 150 -22.31 0.79 -1.24
N ILE E 151 -21.83 0.11 -0.20
CA ILE E 151 -20.75 -0.85 -0.35
C ILE E 151 -20.95 -2.06 0.56
N GLU E 152 -20.69 -3.23 0.02
CA GLU E 152 -20.82 -4.46 0.77
C GLU E 152 -19.73 -4.51 1.82
N ASN E 153 -20.02 -5.12 2.96
CA ASN E 153 -19.04 -5.19 4.03
C ASN E 153 -17.72 -5.89 3.67
N ASP E 154 -17.79 -6.96 2.88
CA ASP E 154 -16.58 -7.71 2.52
C ASP E 154 -16.39 -7.98 1.03
N ILE E 155 -15.14 -8.28 0.66
CA ILE E 155 -14.76 -8.61 -0.72
C ILE E 155 -13.92 -9.89 -0.67
N GLY E 156 -14.36 -10.91 -1.40
CA GLY E 156 -13.62 -12.17 -1.40
C GLY E 156 -12.43 -12.20 -2.35
N TYR E 157 -11.43 -13.02 -2.02
CA TYR E 157 -10.24 -13.17 -2.84
C TYR E 157 -9.82 -14.63 -2.88
N THR E 158 -9.04 -15.01 -3.88
CA THR E 158 -8.63 -16.41 -4.00
C THR E 158 -7.23 -16.54 -4.59
N ASN E 159 -6.68 -17.76 -4.56
CA ASN E 159 -5.36 -17.99 -5.12
C ASN E 159 -5.50 -18.15 -6.62
N GLY E 160 -5.05 -17.16 -7.37
CA GLY E 160 -5.16 -17.21 -8.82
C GLY E 160 -3.85 -17.42 -9.55
N ILE E 161 -3.85 -17.07 -10.83
CA ILE E 161 -2.68 -17.24 -11.67
C ILE E 161 -2.41 -16.02 -12.54
N ALA E 162 -1.14 -15.62 -12.61
CA ALA E 162 -0.76 -14.48 -13.43
C ALA E 162 0.25 -14.96 -14.46
N GLY E 163 0.26 -14.36 -15.64
CA GLY E 163 1.23 -14.77 -16.63
C GLY E 163 0.82 -15.74 -17.72
N GLY E 164 -0.45 -16.12 -17.77
CA GLY E 164 -0.87 -16.99 -18.86
C GLY E 164 -0.53 -16.15 -20.08
N ASN E 165 -0.15 -16.77 -21.20
CA ASN E 165 0.21 -15.97 -22.38
C ASN E 165 0.40 -16.77 -23.67
N PHE E 166 0.55 -16.03 -24.76
CA PHE E 166 0.84 -16.58 -26.08
C PHE E 166 1.34 -15.41 -26.94
N PHE E 167 2.21 -15.70 -27.91
CA PHE E 167 2.79 -14.68 -28.78
C PHE E 167 2.22 -14.71 -30.20
N ILE E 168 2.14 -13.54 -30.83
CA ILE E 168 1.63 -13.43 -32.19
C ILE E 168 2.74 -12.85 -33.09
N MET E 169 3.23 -13.66 -34.03
CA MET E 169 4.28 -13.24 -34.96
C MET E 169 3.65 -13.00 -36.33
N ALA E 170 3.93 -11.85 -36.93
CA ALA E 170 3.33 -11.53 -38.22
C ALA E 170 4.27 -10.87 -39.22
N GLU E 171 3.83 -10.81 -40.47
CA GLU E 171 4.61 -10.22 -41.55
C GLU E 171 4.78 -8.71 -41.43
N THR E 172 3.85 -8.04 -40.76
CA THR E 172 3.95 -6.58 -40.57
C THR E 172 3.40 -6.24 -39.19
N GLN E 173 3.75 -5.05 -38.69
CA GLN E 173 3.29 -4.62 -37.37
C GLN E 173 1.75 -4.54 -37.30
N PRO E 174 1.11 -3.93 -38.32
CA PRO E 174 -0.35 -3.84 -38.29
C PRO E 174 -1.03 -5.22 -38.25
N SER E 175 -0.46 -6.18 -38.97
CA SER E 175 -1.03 -7.52 -38.97
C SER E 175 -0.93 -8.13 -37.58
N ALA E 176 0.20 -7.95 -36.90
CA ALA E 176 0.32 -8.52 -35.56
C ALA E 176 -0.63 -7.82 -34.61
N LEU E 177 -0.69 -6.49 -34.67
CA LEU E 177 -1.56 -5.72 -33.78
C LEU E 177 -3.05 -6.05 -33.97
N ALA E 178 -3.48 -6.13 -35.22
CA ALA E 178 -4.89 -6.43 -35.49
C ALA E 178 -5.26 -7.80 -34.90
N ALA E 179 -4.35 -8.75 -34.98
CA ALA E 179 -4.60 -10.08 -34.44
C ALA E 179 -4.64 -10.01 -32.92
N ALA E 180 -3.76 -9.21 -32.33
CA ALA E 180 -3.73 -9.05 -30.88
C ALA E 180 -5.03 -8.40 -30.40
N LYS E 181 -5.53 -7.44 -31.17
CA LYS E 181 -6.77 -6.77 -30.80
C LYS E 181 -7.95 -7.72 -30.97
N ALA E 182 -7.90 -8.57 -32.00
CA ALA E 182 -8.99 -9.51 -32.19
C ALA E 182 -9.02 -10.48 -31.01
N ALA E 183 -7.84 -10.95 -30.59
CA ALA E 183 -7.74 -11.88 -29.46
C ALA E 183 -8.26 -11.25 -28.16
N VAL E 184 -7.89 -9.99 -27.92
CA VAL E 184 -8.33 -9.28 -26.72
C VAL E 184 -9.86 -9.15 -26.69
N ASP E 185 -10.47 -8.90 -27.85
CA ASP E 185 -11.92 -8.78 -27.93
C ASP E 185 -12.56 -10.14 -27.61
N ALA E 186 -12.02 -11.20 -28.20
CA ALA E 186 -12.53 -12.55 -27.97
C ALA E 186 -12.41 -12.89 -26.49
N ILE E 187 -11.24 -12.58 -25.92
CA ILE E 187 -10.97 -12.85 -24.52
C ILE E 187 -11.87 -12.02 -23.57
N SER E 188 -12.46 -10.94 -24.06
CA SER E 188 -13.32 -10.13 -23.19
C SER E 188 -14.57 -10.90 -22.75
N ASP E 189 -15.03 -11.85 -23.59
CA ASP E 189 -16.22 -12.65 -23.27
C ASP E 189 -15.94 -13.82 -22.32
N VAL E 190 -14.68 -14.15 -22.10
CA VAL E 190 -14.33 -15.26 -21.21
C VAL E 190 -14.46 -14.96 -19.71
N GLU E 191 -15.20 -15.80 -19.02
CA GLU E 191 -15.45 -15.68 -17.58
C GLU E 191 -14.19 -15.91 -16.75
N GLY E 192 -14.04 -15.16 -15.65
CA GLY E 192 -12.90 -15.32 -14.76
C GLY E 192 -11.51 -14.93 -15.26
N VAL E 193 -11.45 -14.15 -16.32
CA VAL E 193 -10.15 -13.74 -16.86
C VAL E 193 -10.06 -12.23 -17.13
N ILE E 194 -8.82 -11.72 -17.19
CA ILE E 194 -8.54 -10.31 -17.50
C ILE E 194 -7.19 -10.25 -18.24
N THR E 195 -7.03 -9.23 -19.09
CA THR E 195 -5.79 -9.01 -19.84
C THR E 195 -5.37 -7.63 -19.32
N PRO E 196 -4.49 -7.61 -18.30
CA PRO E 196 -3.95 -6.43 -17.62
C PRO E 196 -3.11 -5.39 -18.35
N PHE E 197 -2.56 -5.72 -19.52
CA PHE E 197 -1.75 -4.74 -20.21
C PHE E 197 -2.56 -3.66 -20.94
N PRO E 198 -1.89 -2.58 -21.39
CA PRO E 198 -2.56 -1.47 -22.09
C PRO E 198 -3.39 -1.96 -23.28
N GLY E 199 -4.70 -1.76 -23.21
CA GLY E 199 -5.55 -2.22 -24.30
C GLY E 199 -5.54 -3.74 -24.30
N GLY E 200 -4.96 -4.32 -23.26
CA GLY E 200 -4.89 -5.77 -23.12
C GLY E 200 -3.76 -6.39 -23.93
N ILE E 201 -2.87 -5.55 -24.48
CA ILE E 201 -1.77 -6.01 -25.32
C ILE E 201 -0.36 -5.65 -24.86
N VAL E 202 0.56 -6.61 -24.96
CA VAL E 202 1.95 -6.39 -24.58
C VAL E 202 2.79 -6.15 -25.84
N ALA E 203 3.34 -4.94 -25.97
CA ALA E 203 4.15 -4.60 -27.13
C ALA E 203 5.65 -4.77 -26.87
N SER E 204 6.01 -4.80 -25.59
CA SER E 204 7.41 -4.94 -25.20
C SER E 204 7.93 -6.36 -25.08
N GLY E 205 7.48 -7.08 -24.06
CA GLY E 205 7.95 -8.44 -23.85
C GLY E 205 9.17 -8.32 -22.96
N SER E 206 9.48 -9.34 -22.17
CA SER E 206 10.65 -9.23 -21.30
C SER E 206 11.20 -10.55 -20.80
N LYS E 207 12.42 -10.50 -20.27
CA LYS E 207 13.09 -11.66 -19.70
C LYS E 207 13.49 -11.28 -18.28
N VAL E 208 13.49 -12.25 -17.38
CA VAL E 208 13.81 -12.00 -15.98
C VAL E 208 15.12 -11.27 -15.71
N GLY E 209 16.20 -11.73 -16.33
CA GLY E 209 17.48 -11.09 -16.08
C GLY E 209 17.76 -9.80 -16.82
N ALA E 210 19.03 -9.66 -17.19
CA ALA E 210 19.57 -8.53 -17.92
C ALA E 210 21.05 -8.83 -18.03
N ASN E 211 21.57 -8.86 -19.26
CA ASN E 211 22.97 -9.18 -19.49
C ASN E 211 23.95 -8.03 -19.27
N LYS E 212 23.64 -6.85 -19.78
CA LYS E 212 24.54 -5.70 -19.62
C LYS E 212 24.29 -4.84 -18.40
N TYR E 213 23.07 -4.86 -17.86
CA TYR E 213 22.75 -4.06 -16.68
C TYR E 213 22.13 -4.91 -15.60
N LYS E 214 22.88 -5.16 -14.53
CA LYS E 214 22.39 -5.98 -13.42
C LYS E 214 21.49 -5.23 -12.45
N PHE E 215 21.55 -3.90 -12.46
CA PHE E 215 20.72 -3.10 -11.58
C PHE E 215 19.31 -3.09 -12.16
N LEU E 216 19.08 -3.98 -13.13
CA LEU E 216 17.80 -4.12 -13.81
C LEU E 216 17.23 -5.50 -13.45
N LYS E 217 15.95 -5.55 -13.08
CA LYS E 217 15.35 -6.82 -12.69
C LYS E 217 14.53 -7.47 -13.81
N ALA E 218 14.46 -6.77 -14.94
CA ALA E 218 13.73 -7.25 -16.11
C ALA E 218 14.15 -6.40 -17.29
N SER E 219 14.26 -7.01 -18.46
CA SER E 219 14.67 -6.29 -19.65
C SER E 219 14.07 -6.91 -20.91
N THR E 220 14.25 -6.24 -22.04
CA THR E 220 13.72 -6.72 -23.31
C THR E 220 14.26 -8.11 -23.63
N ASN E 221 13.39 -9.00 -24.09
CA ASN E 221 13.83 -10.34 -24.46
C ASN E 221 14.25 -10.26 -25.91
N GLU E 222 15.50 -9.86 -26.13
CA GLU E 222 16.06 -9.69 -27.47
C GLU E 222 15.80 -10.87 -28.40
N LYS E 223 15.60 -12.05 -27.83
CA LYS E 223 15.34 -13.26 -28.62
C LYS E 223 14.09 -13.12 -29.48
N PHE E 224 13.13 -12.31 -29.02
CA PHE E 224 11.90 -12.12 -29.77
C PHE E 224 11.72 -10.67 -30.23
N ALA E 225 12.83 -10.04 -30.61
CA ALA E 225 12.82 -8.66 -31.09
C ALA E 225 13.23 -8.74 -32.56
N PRO E 226 12.24 -8.60 -33.46
CA PRO E 226 12.49 -8.65 -34.91
C PRO E 226 13.52 -7.65 -35.45
N SER E 227 13.48 -6.41 -34.98
CA SER E 227 14.38 -5.37 -35.46
C SER E 227 15.88 -5.63 -35.29
N ILE E 228 16.26 -6.52 -34.38
CA ILE E 228 17.68 -6.83 -34.17
C ILE E 228 18.00 -8.31 -34.42
N ARG E 229 17.07 -9.00 -35.09
CA ARG E 229 17.19 -10.42 -35.42
C ARG E 229 18.58 -10.86 -35.89
N ASP E 230 19.12 -10.14 -36.86
CA ASP E 230 20.44 -10.45 -37.42
C ASP E 230 21.57 -10.27 -36.42
N GLN E 231 21.41 -9.29 -35.53
CA GLN E 231 22.43 -8.99 -34.53
C GLN E 231 22.37 -9.83 -33.27
N VAL E 232 21.16 -10.20 -32.85
CA VAL E 232 21.01 -10.99 -31.62
C VAL E 232 21.62 -12.38 -31.71
N GLU E 233 21.43 -13.06 -32.84
CA GLU E 233 21.99 -14.40 -33.04
C GLU E 233 21.62 -15.36 -31.90
N GLY E 234 20.67 -16.23 -32.19
CA GLY E 234 20.16 -17.17 -31.20
C GLY E 234 18.70 -16.83 -31.09
N THR E 235 18.31 -15.90 -31.96
CA THR E 235 16.95 -15.38 -32.06
C THR E 235 15.89 -16.44 -32.31
N GLN E 236 14.66 -16.13 -31.93
CA GLN E 236 13.54 -17.03 -32.14
C GLN E 236 12.60 -16.37 -33.16
N ILE E 237 13.12 -15.35 -33.84
CA ILE E 237 12.33 -14.63 -34.84
C ILE E 237 12.54 -15.17 -36.25
N PRO E 238 11.55 -15.91 -36.77
CA PRO E 238 11.65 -16.49 -38.11
C PRO E 238 11.93 -15.39 -39.14
N ALA E 239 12.59 -15.75 -40.23
CA ALA E 239 12.95 -14.82 -41.29
C ALA E 239 11.88 -13.79 -41.68
N GLY E 240 10.80 -14.25 -42.30
CA GLY E 240 9.77 -13.32 -42.75
C GLY E 240 8.95 -12.55 -41.72
N VAL E 241 9.34 -12.60 -40.45
CA VAL E 241 8.62 -11.93 -39.36
C VAL E 241 9.19 -10.56 -39.03
N LYS E 242 8.32 -9.55 -38.98
CA LYS E 242 8.77 -8.19 -38.68
C LYS E 242 8.26 -7.61 -37.36
N ALA E 243 7.20 -8.21 -36.82
CA ALA E 243 6.64 -7.73 -35.57
C ALA E 243 6.02 -8.84 -34.72
N VAL E 244 6.08 -8.66 -33.41
CA VAL E 244 5.52 -9.60 -32.46
C VAL E 244 4.77 -8.87 -31.34
N TYR E 245 3.66 -9.45 -30.90
CA TYR E 245 2.83 -8.92 -29.80
C TYR E 245 2.48 -10.11 -28.89
N GLU E 246 2.42 -9.85 -27.59
CA GLU E 246 2.08 -10.87 -26.61
C GLU E 246 0.81 -10.49 -25.85
N ILE E 247 0.02 -11.49 -25.50
CA ILE E 247 -1.20 -11.27 -24.73
C ILE E 247 -0.99 -11.94 -23.37
N VAL E 248 -1.06 -11.15 -22.29
CA VAL E 248 -0.90 -11.69 -20.95
C VAL E 248 -2.28 -11.84 -20.35
N ILE E 249 -2.50 -12.95 -19.66
CA ILE E 249 -3.79 -13.27 -19.06
C ILE E 249 -3.68 -13.66 -17.59
N ASN E 250 -4.50 -13.04 -16.74
CA ASN E 250 -4.55 -13.34 -15.31
C ASN E 250 -5.92 -13.94 -15.05
N GLY E 251 -6.02 -14.92 -14.16
CA GLY E 251 -7.33 -15.53 -13.92
C GLY E 251 -7.53 -16.27 -12.61
N LEU E 252 -8.79 -16.55 -12.30
CA LEU E 252 -9.15 -17.23 -11.06
C LEU E 252 -8.68 -18.67 -10.93
N ASN E 253 -8.48 -19.35 -12.06
CA ASN E 253 -8.00 -20.73 -12.07
C ASN E 253 -7.45 -21.13 -13.42
N ALA E 254 -6.78 -22.28 -13.45
CA ALA E 254 -6.15 -22.82 -14.65
C ALA E 254 -7.08 -23.04 -15.84
N ASP E 255 -8.25 -23.60 -15.59
CA ASP E 255 -9.19 -23.84 -16.68
C ASP E 255 -9.59 -22.55 -17.36
N ALA E 256 -9.76 -21.48 -16.58
CA ALA E 256 -10.13 -20.19 -17.17
C ALA E 256 -8.98 -19.66 -18.03
N ILE E 257 -7.76 -19.85 -17.54
CA ILE E 257 -6.57 -19.41 -18.25
C ILE E 257 -6.45 -20.16 -19.57
N LYS E 258 -6.70 -21.47 -19.53
CA LYS E 258 -6.63 -22.29 -20.72
C LYS E 258 -7.73 -21.94 -21.72
N GLU E 259 -8.90 -21.54 -21.22
CA GLU E 259 -9.98 -21.18 -22.13
C GLU E 259 -9.63 -19.86 -22.85
N ALA E 260 -9.09 -18.89 -22.14
CA ALA E 260 -8.74 -17.60 -22.75
C ALA E 260 -7.63 -17.80 -23.78
N THR E 261 -6.66 -18.66 -23.46
CA THR E 261 -5.56 -18.92 -24.39
C THR E 261 -6.09 -19.47 -25.71
N ARG E 262 -6.95 -20.48 -25.62
CA ARG E 262 -7.53 -21.10 -26.81
C ARG E 262 -8.35 -20.12 -27.65
N VAL E 263 -9.30 -19.45 -27.01
CA VAL E 263 -10.17 -18.48 -27.70
C VAL E 263 -9.40 -17.30 -28.30
N GLY E 264 -8.37 -16.86 -27.59
CA GLY E 264 -7.55 -15.76 -28.07
C GLY E 264 -6.80 -16.13 -29.34
N ILE E 265 -6.26 -17.36 -29.37
CA ILE E 265 -5.52 -17.82 -30.54
C ILE E 265 -6.41 -18.06 -31.77
N LEU E 266 -7.60 -18.60 -31.56
CA LEU E 266 -8.52 -18.84 -32.67
C LEU E 266 -8.92 -17.53 -33.33
N ALA E 267 -9.11 -16.50 -32.52
CA ALA E 267 -9.49 -15.18 -33.03
C ALA E 267 -8.32 -14.50 -33.72
N ALA E 268 -7.14 -14.61 -33.11
CA ALA E 268 -5.94 -13.98 -33.67
C ALA E 268 -5.53 -14.56 -35.03
N THR E 269 -5.71 -15.87 -35.19
CA THR E 269 -5.35 -16.53 -36.43
C THR E 269 -6.28 -16.26 -37.60
N LYS E 270 -7.31 -15.45 -37.39
CA LYS E 270 -8.25 -15.12 -38.46
C LYS E 270 -7.73 -13.90 -39.24
N ILE E 271 -6.69 -13.26 -38.71
CA ILE E 271 -6.13 -12.05 -39.32
C ILE E 271 -5.05 -12.32 -40.37
N PRO E 272 -5.22 -11.79 -41.59
CA PRO E 272 -4.21 -12.02 -42.65
C PRO E 272 -2.85 -11.44 -42.24
N GLY E 273 -1.78 -12.18 -42.51
CA GLY E 273 -0.45 -11.72 -42.18
C GLY E 273 0.22 -12.42 -41.00
N VAL E 274 -0.58 -13.12 -40.19
CA VAL E 274 -0.05 -13.85 -39.04
C VAL E 274 0.71 -15.08 -39.52
N VAL E 275 1.96 -15.21 -39.10
CA VAL E 275 2.81 -16.31 -39.52
C VAL E 275 2.97 -17.43 -38.50
N LYS E 276 3.13 -17.07 -37.23
CA LYS E 276 3.31 -18.07 -36.19
C LYS E 276 2.73 -17.67 -34.83
N ILE E 277 2.41 -18.69 -34.04
CA ILE E 277 1.89 -18.53 -32.69
C ILE E 277 2.80 -19.39 -31.81
N THR E 278 3.11 -18.89 -30.62
CA THR E 278 3.95 -19.62 -29.66
C THR E 278 3.64 -19.00 -28.31
N ALA E 279 4.40 -19.36 -27.28
CA ALA E 279 4.21 -18.82 -25.95
C ALA E 279 5.56 -18.64 -25.27
N GLY E 280 5.56 -17.92 -24.14
CA GLY E 280 6.79 -17.68 -23.43
C GLY E 280 6.90 -18.50 -22.17
N ASN E 281 8.10 -19.00 -21.90
CA ASN E 281 8.33 -19.81 -20.71
C ASN E 281 9.74 -19.57 -20.21
N TYR E 282 10.07 -20.20 -19.08
CA TYR E 282 11.40 -20.07 -18.49
C TYR E 282 12.01 -21.44 -18.27
N GLY E 283 11.69 -22.37 -19.18
CA GLY E 283 12.21 -23.72 -19.09
C GLY E 283 11.65 -24.50 -17.91
N GLY E 284 10.55 -24.01 -17.35
CA GLY E 284 9.95 -24.67 -16.20
C GLY E 284 10.75 -24.35 -14.97
N LYS E 285 11.48 -23.23 -15.02
CA LYS E 285 12.33 -22.77 -13.93
C LYS E 285 11.87 -21.44 -13.36
N LEU E 286 10.60 -21.35 -12.97
CA LEU E 286 10.08 -20.11 -12.40
C LEU E 286 8.58 -20.16 -12.08
N GLY E 287 7.83 -21.00 -12.78
CA GLY E 287 6.40 -21.08 -12.55
C GLY E 287 5.85 -22.46 -12.27
N LYS E 288 4.78 -22.50 -11.47
CA LYS E 288 4.12 -23.75 -11.10
C LYS E 288 3.09 -24.22 -12.13
N HIS E 289 2.44 -23.27 -12.80
CA HIS E 289 1.41 -23.61 -13.78
C HIS E 289 1.91 -23.55 -15.21
N ILE E 290 1.81 -24.68 -15.91
CA ILE E 290 2.24 -24.77 -17.30
C ILE E 290 1.00 -24.92 -18.18
N ILE E 291 0.94 -24.12 -19.25
CA ILE E 291 -0.18 -24.17 -20.17
C ILE E 291 0.32 -24.72 -21.50
N ASN E 292 0.02 -25.99 -21.77
CA ASN E 292 0.45 -26.64 -23.00
C ASN E 292 -0.51 -26.37 -24.17
N LEU E 293 -0.08 -25.49 -25.08
CA LEU E 293 -0.88 -25.13 -26.23
C LEU E 293 -1.30 -26.39 -26.98
N ASN E 294 -0.45 -27.41 -26.87
CA ASN E 294 -0.64 -28.70 -27.51
C ASN E 294 -1.99 -29.33 -27.19
N GLU E 295 -2.54 -29.03 -26.01
CA GLU E 295 -3.80 -29.63 -25.59
C GLU E 295 -5.01 -28.72 -25.68
N LEU E 296 -4.87 -27.59 -26.38
CA LEU E 296 -5.96 -26.63 -26.50
C LEU E 296 -6.71 -26.75 -27.82
N PHE E 297 -6.15 -27.52 -28.75
CA PHE E 297 -6.77 -27.67 -30.05
C PHE E 297 -6.89 -29.13 -30.47
N MET F 1 -24.59 36.52 -7.41
CA MET F 1 -24.67 36.91 -8.84
C MET F 1 -25.29 35.78 -9.68
N LYS F 2 -25.59 36.08 -10.93
CA LYS F 2 -26.22 35.10 -11.82
C LYS F 2 -25.40 34.82 -13.09
N VAL F 3 -25.35 33.56 -13.49
CA VAL F 3 -24.65 33.13 -14.71
C VAL F 3 -25.64 32.28 -15.49
N ASN F 4 -26.13 32.80 -16.61
CA ASN F 4 -27.11 32.09 -17.42
C ASN F 4 -28.38 31.83 -16.60
N GLY F 5 -28.76 32.82 -15.80
CA GLY F 5 -29.96 32.70 -14.99
C GLY F 5 -29.80 31.83 -13.75
N VAL F 6 -28.62 31.26 -13.54
CA VAL F 6 -28.38 30.42 -12.37
C VAL F 6 -27.60 31.16 -11.30
N GLU F 7 -27.98 30.93 -10.04
CA GLU F 7 -27.33 31.57 -8.91
C GLU F 7 -25.92 31.04 -8.68
N VAL F 8 -24.96 31.96 -8.59
CA VAL F 8 -23.56 31.63 -8.37
C VAL F 8 -23.06 32.33 -7.11
N GLU F 9 -22.83 31.57 -6.04
CA GLU F 9 -22.34 32.13 -4.79
C GLU F 9 -21.00 32.84 -5.01
N GLU F 10 -20.92 34.09 -4.56
CA GLU F 10 -19.69 34.87 -4.73
C GLU F 10 -18.65 34.48 -3.68
N THR F 11 -18.17 33.24 -3.79
CA THR F 11 -17.15 32.74 -2.89
C THR F 11 -15.92 32.32 -3.71
N PHE F 12 -15.02 31.56 -3.10
CA PHE F 12 -13.81 31.17 -3.81
C PHE F 12 -13.39 29.72 -3.62
N ALA F 13 -12.53 29.26 -4.52
CA ALA F 13 -11.97 27.93 -4.47
C ALA F 13 -10.55 28.18 -3.96
N GLU F 14 -10.03 27.26 -3.16
CA GLU F 14 -8.69 27.38 -2.58
C GLU F 14 -7.84 26.17 -3.02
N ALA F 15 -6.84 26.44 -3.85
CA ALA F 15 -5.96 25.40 -4.40
C ALA F 15 -4.55 25.38 -3.80
N PHE F 16 -3.78 24.36 -4.18
CA PHE F 16 -2.42 24.19 -3.66
C PHE F 16 -1.35 24.01 -4.74
N ASP F 17 -0.08 24.19 -4.35
CA ASP F 17 1.03 24.03 -5.28
C ASP F 17 1.28 22.55 -5.51
N ILE F 18 1.70 22.19 -6.71
CA ILE F 18 1.99 20.80 -7.02
C ILE F 18 2.88 20.72 -8.26
N LYS F 19 3.72 19.70 -8.31
CA LYS F 19 4.62 19.51 -9.44
C LYS F 19 3.91 18.77 -10.56
N ILE F 20 4.02 19.28 -11.78
CA ILE F 20 3.36 18.63 -12.91
C ILE F 20 4.25 18.49 -14.12
N ALA F 21 4.35 17.26 -14.63
CA ALA F 21 5.12 16.95 -15.82
C ALA F 21 4.10 16.72 -16.95
N ARG F 22 4.40 17.21 -18.15
CA ARG F 22 3.51 17.07 -19.29
C ARG F 22 4.17 16.11 -20.27
N VAL F 23 3.45 15.08 -20.70
CA VAL F 23 4.02 14.10 -21.62
C VAL F 23 3.16 13.93 -22.86
N LEU F 24 3.82 13.85 -24.02
CA LEU F 24 3.13 13.64 -25.28
C LEU F 24 3.27 12.20 -25.73
N ILE F 25 2.13 11.54 -25.94
CA ILE F 25 2.10 10.15 -26.38
C ILE F 25 1.45 10.08 -27.75
N THR F 26 2.15 9.51 -28.72
CA THR F 26 1.61 9.37 -30.08
C THR F 26 1.46 7.91 -30.45
N GLY F 27 0.82 7.66 -31.59
CA GLY F 27 0.64 6.30 -32.06
C GLY F 27 0.07 6.31 -33.47
N TYR F 28 -0.45 5.15 -33.89
CA TYR F 28 -1.04 5.01 -35.21
C TYR F 28 -2.16 6.01 -35.40
N ASP F 29 -3.09 6.03 -34.45
CA ASP F 29 -4.24 6.92 -34.50
C ASP F 29 -4.64 7.36 -33.09
N TYR F 30 -5.70 8.14 -32.99
CA TYR F 30 -6.15 8.61 -31.68
C TYR F 30 -6.51 7.46 -30.75
N TYR F 31 -7.07 6.39 -31.30
CA TYR F 31 -7.45 5.26 -30.47
C TYR F 31 -6.26 4.65 -29.71
N TRP F 32 -5.21 4.23 -30.43
CA TRP F 32 -4.07 3.63 -29.76
C TRP F 32 -3.32 4.62 -28.89
N ALA F 33 -3.31 5.90 -29.25
CA ALA F 33 -2.64 6.89 -28.42
C ALA F 33 -3.42 7.00 -27.10
N TRP F 34 -4.75 7.03 -27.20
CA TRP F 34 -5.61 7.13 -26.02
C TRP F 34 -5.44 5.88 -25.15
N VAL F 35 -5.37 4.71 -25.78
CA VAL F 35 -5.20 3.45 -25.04
C VAL F 35 -4.07 3.56 -24.03
N ALA F 36 -2.91 4.03 -24.48
CA ALA F 36 -1.77 4.17 -23.59
C ALA F 36 -1.94 5.32 -22.58
N ALA F 37 -2.49 6.44 -23.03
CA ALA F 37 -2.68 7.58 -22.15
C ALA F 37 -3.65 7.23 -21.03
N ASN F 38 -4.72 6.54 -21.39
CA ASN F 38 -5.72 6.13 -20.41
C ASN F 38 -5.10 5.22 -19.35
N GLU F 39 -4.40 4.18 -19.78
CA GLU F 39 -3.79 3.25 -18.82
C GLU F 39 -2.80 3.98 -17.90
N ALA F 40 -1.91 4.76 -18.50
CA ALA F 40 -0.89 5.48 -17.75
C ALA F 40 -1.41 6.50 -16.74
N THR F 41 -2.62 7.01 -16.95
CA THR F 41 -3.16 8.01 -16.03
C THR F 41 -4.23 7.51 -15.06
N GLY F 42 -4.56 6.22 -15.13
CA GLY F 42 -5.56 5.67 -14.23
C GLY F 42 -5.03 5.63 -12.79
N PHE F 43 -5.86 5.20 -11.85
CA PHE F 43 -5.44 5.12 -10.45
C PHE F 43 -4.67 6.39 -10.11
N GLY F 44 -5.30 7.53 -10.37
CA GLY F 44 -4.65 8.82 -10.10
C GLY F 44 -5.64 9.95 -9.89
N THR F 45 -6.54 9.78 -8.93
CA THR F 45 -7.53 10.83 -8.65
C THR F 45 -7.03 11.84 -7.62
N SER F 46 -6.41 11.34 -6.55
CA SER F 46 -5.92 12.20 -5.48
C SER F 46 -4.70 11.61 -4.79
N VAL F 47 -3.73 12.46 -4.50
CA VAL F 47 -2.51 12.01 -3.83
C VAL F 47 -2.74 11.58 -2.39
N ILE F 48 -3.97 11.72 -1.89
CA ILE F 48 -4.26 11.32 -0.52
C ILE F 48 -3.99 9.81 -0.36
N MET F 49 -4.28 9.04 -1.39
CA MET F 49 -4.04 7.60 -1.38
C MET F 49 -3.68 7.02 -2.74
N CYS F 50 -3.53 7.86 -3.75
CA CYS F 50 -3.13 7.38 -5.08
C CYS F 50 -1.66 7.75 -5.29
N PRO F 51 -0.93 6.96 -6.09
CA PRO F 51 0.50 7.24 -6.35
C PRO F 51 0.78 8.62 -6.93
N ALA F 52 -0.23 9.22 -7.55
CA ALA F 52 -0.10 10.56 -8.14
C ALA F 52 -1.46 11.00 -8.66
N GLU F 53 -1.53 12.24 -9.14
CA GLU F 53 -2.76 12.75 -9.71
C GLU F 53 -2.40 12.96 -11.17
N ALA F 54 -3.14 12.32 -12.06
CA ALA F 54 -2.84 12.42 -13.49
C ALA F 54 -4.09 12.41 -14.34
N GLY F 55 -3.93 12.65 -15.64
CA GLY F 55 -5.10 12.65 -16.52
C GLY F 55 -4.75 13.06 -17.93
N ILE F 56 -5.72 12.97 -18.83
CA ILE F 56 -5.54 13.36 -20.22
C ILE F 56 -5.87 14.86 -20.33
N GLU F 57 -4.94 15.64 -20.86
CA GLU F 57 -5.16 17.08 -21.00
C GLU F 57 -5.84 17.40 -22.33
N ILE F 58 -5.19 17.07 -23.44
CA ILE F 58 -5.80 17.40 -24.72
C ILE F 58 -5.22 16.60 -25.87
N LYS F 59 -6.01 16.47 -26.93
CA LYS F 59 -5.57 15.75 -28.12
C LYS F 59 -4.48 16.56 -28.80
N ALA F 60 -3.61 15.86 -29.53
CA ALA F 60 -2.54 16.50 -30.27
C ALA F 60 -2.70 16.04 -31.72
N LYS F 61 -2.91 16.99 -32.64
CA LYS F 61 -3.07 16.68 -34.05
C LYS F 61 -1.74 16.32 -34.71
N PRO F 62 -1.79 15.55 -35.81
CA PRO F 62 -0.56 15.17 -36.49
C PRO F 62 0.31 16.38 -36.86
N SER F 63 -0.33 17.50 -37.19
CA SER F 63 0.39 18.71 -37.58
C SER F 63 1.20 19.34 -36.46
N GLU F 64 0.97 18.90 -35.22
CA GLU F 64 1.67 19.48 -34.08
C GLU F 64 2.58 18.53 -33.29
N THR F 65 2.77 17.32 -33.79
CA THR F 65 3.62 16.36 -33.08
C THR F 65 4.98 16.20 -33.76
N PRO F 66 6.01 15.80 -32.99
CA PRO F 66 7.37 15.61 -33.53
C PRO F 66 7.47 14.57 -34.63
N ASP F 67 6.68 13.50 -34.54
CA ASP F 67 6.73 12.43 -35.52
C ASP F 67 5.64 12.49 -36.57
N GLY F 68 4.74 13.45 -36.43
CA GLY F 68 3.66 13.60 -37.39
C GLY F 68 2.51 12.61 -37.23
N ARG F 69 2.37 12.02 -36.03
CA ARG F 69 1.28 11.07 -35.81
C ARG F 69 0.30 11.66 -34.80
N PRO F 70 -0.93 11.10 -34.75
CA PRO F 70 -1.95 11.60 -33.81
C PRO F 70 -1.51 11.25 -32.40
N GLY F 71 -1.99 11.99 -31.41
CA GLY F 71 -1.61 11.69 -30.04
C GLY F 71 -2.37 12.44 -28.97
N TYR F 72 -1.88 12.32 -27.74
CA TYR F 72 -2.49 12.99 -26.58
C TYR F 72 -1.46 13.44 -25.57
N TYR F 73 -1.69 14.62 -25.00
CA TYR F 73 -0.84 15.18 -23.96
C TYR F 73 -1.50 14.76 -22.65
N ILE F 74 -0.69 14.34 -21.69
CA ILE F 74 -1.20 13.96 -20.37
C ILE F 74 -0.42 14.72 -19.29
N GLN F 75 -0.98 14.80 -18.09
CA GLN F 75 -0.30 15.45 -16.99
C GLN F 75 -0.21 14.50 -15.81
N ILE F 76 0.99 14.34 -15.27
CA ILE F 76 1.20 13.51 -14.10
C ILE F 76 1.68 14.46 -13.00
N CYS F 77 0.98 14.46 -11.87
CA CYS F 77 1.28 15.37 -10.76
C CYS F 77 1.67 14.68 -9.44
N HIS F 78 2.57 15.32 -8.70
CA HIS F 78 3.02 14.81 -7.39
C HIS F 78 3.57 16.00 -6.58
N MET F 79 3.42 15.92 -5.26
CA MET F 79 3.88 16.99 -4.38
C MET F 79 5.39 17.18 -4.34
N SER F 80 6.17 16.17 -4.71
CA SER F 80 7.63 16.30 -4.68
C SER F 80 8.32 15.93 -5.98
N LYS F 81 9.50 16.49 -6.20
CA LYS F 81 10.29 16.24 -7.40
C LYS F 81 10.67 14.78 -7.58
N LYS F 82 11.25 14.17 -6.55
CA LYS F 82 11.65 12.78 -6.68
C LYS F 82 10.42 11.89 -6.80
N GLY F 83 9.32 12.29 -6.16
CA GLY F 83 8.10 11.53 -6.26
C GLY F 83 7.61 11.61 -7.70
N LEU F 84 7.64 12.82 -8.26
CA LEU F 84 7.20 13.01 -9.64
C LEU F 84 8.12 12.23 -10.56
N GLU F 85 9.43 12.34 -10.33
CA GLU F 85 10.41 11.63 -11.13
C GLU F 85 10.07 10.13 -11.10
N GLU F 86 9.74 9.63 -9.92
CA GLU F 86 9.42 8.22 -9.75
C GLU F 86 8.14 7.81 -10.48
N GLN F 87 7.13 8.67 -10.47
CA GLN F 87 5.86 8.35 -11.12
C GLN F 87 5.97 8.28 -12.63
N LEU F 88 6.86 9.09 -13.21
CA LEU F 88 7.08 9.09 -14.64
C LEU F 88 7.70 7.75 -15.09
N LEU F 89 8.71 7.29 -14.34
CA LEU F 89 9.40 6.04 -14.68
C LEU F 89 8.44 4.86 -14.61
N ALA F 90 7.67 4.79 -13.53
CA ALA F 90 6.74 3.69 -13.33
C ALA F 90 5.54 3.70 -14.30
N ARG F 91 4.87 4.83 -14.44
CA ARG F 91 3.71 4.92 -15.34
C ARG F 91 4.05 4.82 -16.84
N LEU F 92 5.08 5.54 -17.29
CA LEU F 92 5.44 5.45 -18.70
C LEU F 92 6.15 4.14 -19.02
N GLY F 93 7.02 3.70 -18.11
CA GLY F 93 7.75 2.46 -18.31
C GLY F 93 6.88 1.23 -18.29
N GLN F 94 5.83 1.27 -17.45
CA GLN F 94 4.94 0.12 -17.31
C GLN F 94 3.67 0.19 -18.17
N CYS F 95 3.24 1.40 -18.52
CA CYS F 95 1.99 1.55 -19.28
C CYS F 95 2.04 2.17 -20.67
N VAL F 96 3.18 2.73 -21.05
CA VAL F 96 3.29 3.32 -22.38
C VAL F 96 4.34 2.61 -23.22
N LEU F 97 5.51 2.38 -22.63
CA LEU F 97 6.57 1.67 -23.33
C LEU F 97 6.06 0.27 -23.68
N THR F 98 5.10 -0.22 -22.90
CA THR F 98 4.51 -1.55 -23.13
C THR F 98 3.23 -1.52 -23.99
N ALA F 99 2.78 -0.34 -24.39
CA ALA F 99 1.55 -0.21 -25.20
C ALA F 99 1.77 -0.31 -26.71
N PRO F 100 0.78 -0.84 -27.45
CA PRO F 100 0.96 -0.94 -28.90
C PRO F 100 1.16 0.36 -29.68
N THR F 101 2.21 0.37 -30.50
CA THR F 101 2.55 1.49 -31.40
C THR F 101 2.92 2.85 -30.83
N THR F 102 3.11 2.96 -29.52
CA THR F 102 3.42 4.28 -28.96
C THR F 102 4.84 4.79 -29.15
N ALA F 103 4.99 6.09 -28.86
CA ALA F 103 6.25 6.83 -28.91
C ALA F 103 5.99 7.97 -27.93
N VAL F 104 6.99 8.38 -27.16
CA VAL F 104 6.76 9.46 -26.21
C VAL F 104 7.75 10.61 -26.36
N PHE F 105 7.24 11.84 -26.24
CA PHE F 105 8.06 13.02 -26.37
C PHE F 105 7.82 14.03 -25.24
N ASN F 106 8.76 14.95 -25.05
CA ASN F 106 8.65 15.97 -24.03
C ASN F 106 7.45 16.86 -24.30
N GLY F 107 6.59 17.00 -23.30
CA GLY F 107 5.40 17.83 -23.44
C GLY F 107 5.64 19.30 -23.16
N LEU F 108 6.67 19.62 -22.37
CA LEU F 108 7.04 21.00 -22.04
C LEU F 108 8.49 21.20 -22.45
N PRO F 109 8.75 21.30 -23.77
CA PRO F 109 10.11 21.49 -24.27
C PRO F 109 10.83 22.75 -23.81
N ASP F 110 10.07 23.75 -23.38
CA ASP F 110 10.68 25.00 -22.92
C ASP F 110 10.74 25.10 -21.39
N ALA F 111 10.35 24.02 -20.71
CA ALA F 111 10.38 23.99 -19.26
C ALA F 111 11.81 24.19 -18.78
N GLU F 112 11.96 24.89 -17.66
CA GLU F 112 13.28 25.18 -17.10
C GLU F 112 13.92 23.96 -16.45
N GLU F 113 13.09 23.07 -15.90
CA GLU F 113 13.59 21.87 -15.24
C GLU F 113 13.05 20.63 -15.96
N LYS F 114 13.82 19.55 -15.93
CA LYS F 114 13.40 18.33 -16.62
C LYS F 114 14.01 17.08 -15.99
N ASP F 115 13.31 15.95 -16.17
CA ASP F 115 13.79 14.67 -15.67
C ASP F 115 14.26 13.86 -16.89
N ASP F 116 15.29 13.05 -16.71
CA ASP F 116 15.85 12.22 -17.78
C ASP F 116 15.10 10.89 -17.84
N THR F 117 13.78 10.94 -18.00
CA THR F 117 12.98 9.72 -18.04
C THR F 117 13.40 8.80 -19.18
N GLY F 118 13.63 9.36 -20.35
CA GLY F 118 14.04 8.57 -21.50
C GLY F 118 15.38 7.86 -21.30
N PHE F 119 16.39 8.60 -20.88
CA PHE F 119 17.72 8.03 -20.65
C PHE F 119 17.65 6.83 -19.72
N LYS F 120 16.78 6.88 -18.72
CA LYS F 120 16.65 5.77 -17.78
C LYS F 120 15.87 4.59 -18.34
N LEU F 121 14.79 4.87 -19.06
CA LEU F 121 13.99 3.78 -19.61
C LEU F 121 14.63 3.02 -20.77
N LYS F 122 15.57 3.66 -21.47
CA LYS F 122 16.21 2.98 -22.59
C LYS F 122 17.13 1.84 -22.18
N PHE F 123 17.50 1.80 -20.91
CA PHE F 123 18.36 0.74 -20.41
C PHE F 123 17.64 -0.60 -20.55
N PHE F 124 16.36 -0.54 -20.89
CA PHE F 124 15.53 -1.73 -21.08
C PHE F 124 16.05 -2.52 -22.29
N ALA F 125 16.67 -1.81 -23.21
CA ALA F 125 17.21 -2.41 -24.42
C ALA F 125 18.38 -3.36 -24.14
N ASP F 126 18.78 -3.46 -22.88
CA ASP F 126 19.88 -4.32 -22.46
C ASP F 126 21.12 -4.19 -23.33
N GLY F 127 21.44 -2.95 -23.73
CA GLY F 127 22.61 -2.73 -24.55
C GLY F 127 22.35 -2.60 -26.04
N TYR F 128 21.11 -2.78 -26.46
CA TYR F 128 20.75 -2.69 -27.87
C TYR F 128 20.13 -1.35 -28.27
N GLN F 129 20.17 -0.35 -27.38
CA GLN F 129 19.59 0.94 -27.71
C GLN F 129 20.38 1.66 -28.79
N LYS F 130 19.74 2.62 -29.44
CA LYS F 130 20.36 3.41 -30.49
C LYS F 130 19.78 4.81 -30.37
N GLU F 131 20.60 5.82 -30.62
CA GLU F 131 20.12 7.19 -30.55
C GLU F 131 19.46 7.56 -31.86
N VAL F 132 18.42 8.40 -31.79
CA VAL F 132 17.72 8.85 -32.97
C VAL F 132 17.11 10.23 -32.74
N GLU F 133 17.03 11.02 -33.80
CA GLU F 133 16.46 12.35 -33.72
C GLU F 133 15.13 12.34 -34.48
N VAL F 134 14.09 12.73 -33.79
CA VAL F 134 12.74 12.76 -34.36
C VAL F 134 12.13 14.14 -34.20
N GLY F 135 11.91 14.81 -35.33
CA GLY F 135 11.31 16.14 -35.31
C GLY F 135 12.09 17.14 -34.48
N GLY F 136 13.41 17.01 -34.48
CA GLY F 136 14.23 17.93 -33.73
C GLY F 136 14.38 17.53 -32.28
N ARG F 137 13.88 16.36 -31.92
CA ARG F 137 13.99 15.89 -30.55
C ARG F 137 15.03 14.76 -30.47
N LYS F 138 15.86 14.76 -29.44
CA LYS F 138 16.88 13.74 -29.27
C LYS F 138 16.27 12.59 -28.46
N CYS F 139 15.99 11.47 -29.14
CA CYS F 139 15.36 10.31 -28.50
C CYS F 139 16.21 9.04 -28.53
N TRP F 140 15.64 7.97 -27.98
CA TRP F 140 16.28 6.67 -27.95
C TRP F 140 15.34 5.64 -28.57
N ALA F 141 15.90 4.72 -29.35
CA ALA F 141 15.12 3.66 -29.97
C ALA F 141 15.36 2.41 -29.12
N VAL F 142 14.29 1.84 -28.59
CA VAL F 142 14.38 0.66 -27.75
C VAL F 142 13.75 -0.57 -28.40
N PRO F 143 14.59 -1.52 -28.85
CA PRO F 143 14.20 -2.77 -29.50
C PRO F 143 13.40 -3.68 -28.59
N MET F 144 12.22 -4.12 -29.06
CA MET F 144 11.35 -5.01 -28.30
C MET F 144 10.51 -5.84 -29.27
N MET F 145 9.51 -6.56 -28.75
CA MET F 145 8.66 -7.40 -29.60
C MET F 145 7.99 -6.72 -30.79
N GLU F 146 7.27 -5.62 -30.54
CA GLU F 146 6.55 -4.93 -31.60
C GLU F 146 7.43 -4.24 -32.63
N GLY F 147 8.63 -3.84 -32.21
CA GLY F 147 9.55 -3.15 -33.08
C GLY F 147 10.39 -2.26 -32.20
N ASP F 148 10.64 -1.02 -32.61
CA ASP F 148 11.44 -0.14 -31.78
C ASP F 148 10.60 0.95 -31.12
N PHE F 149 10.69 1.00 -29.80
CA PHE F 149 9.96 2.02 -29.05
C PHE F 149 10.79 3.29 -29.04
N ILE F 150 10.18 4.41 -29.43
CA ILE F 150 10.90 5.69 -29.47
C ILE F 150 10.54 6.62 -28.30
N ILE F 151 11.55 7.09 -27.58
CA ILE F 151 11.34 8.00 -26.45
C ILE F 151 12.40 9.10 -26.32
N GLU F 152 11.94 10.32 -26.09
CA GLU F 152 12.83 11.45 -25.94
C GLU F 152 13.63 11.28 -24.66
N ASN F 153 14.84 11.82 -24.63
CA ASN F 153 15.69 11.68 -23.46
C ASN F 153 15.14 12.30 -22.18
N ASP F 154 14.45 13.43 -22.27
CA ASP F 154 13.91 14.09 -21.07
C ASP F 154 12.43 14.43 -21.14
N ILE F 155 11.87 14.80 -19.98
CA ILE F 155 10.48 15.22 -19.85
C ILE F 155 10.50 16.40 -18.89
N GLY F 156 9.99 17.54 -19.34
CA GLY F 156 9.99 18.72 -18.50
C GLY F 156 8.81 18.76 -17.56
N TYR F 157 9.00 19.41 -16.42
CA TYR F 157 7.94 19.55 -15.43
C TYR F 157 7.89 20.99 -14.94
N THR F 158 6.91 21.33 -14.12
CA THR F 158 6.80 22.71 -13.65
C THR F 158 6.00 22.80 -12.36
N ASN F 159 6.00 23.99 -11.78
CA ASN F 159 5.24 24.23 -10.56
C ASN F 159 3.83 24.59 -10.97
N GLY F 160 2.92 23.65 -10.75
CA GLY F 160 1.53 23.87 -11.11
C GLY F 160 0.59 24.04 -9.94
N ILE F 161 -0.71 23.96 -10.25
CA ILE F 161 -1.75 24.12 -9.26
C ILE F 161 -2.64 22.89 -9.23
N ALA F 162 -3.00 22.47 -8.04
CA ALA F 162 -3.86 21.31 -7.86
C ALA F 162 -5.02 21.72 -6.97
N GLY F 163 -6.23 21.28 -7.33
CA GLY F 163 -7.37 21.61 -6.49
C GLY F 163 -8.33 22.70 -6.95
N GLY F 164 -8.16 23.20 -8.18
CA GLY F 164 -9.10 24.19 -8.67
C GLY F 164 -10.43 23.46 -8.58
N ASN F 165 -11.54 24.17 -8.40
CA ASN F 165 -12.82 23.49 -8.28
C ASN F 165 -14.06 24.39 -8.28
N PHE F 166 -15.22 23.74 -8.27
CA PHE F 166 -16.51 24.38 -8.17
C PHE F 166 -17.53 23.27 -7.90
N PHE F 167 -18.61 23.61 -7.20
CA PHE F 167 -19.63 22.64 -6.87
C PHE F 167 -20.88 22.90 -7.69
N ILE F 168 -21.61 21.83 -8.03
CA ILE F 168 -22.85 21.96 -8.79
C ILE F 168 -23.97 21.37 -7.92
N MET F 169 -24.95 22.19 -7.59
CA MET F 169 -26.09 21.77 -6.77
C MET F 169 -27.36 21.71 -7.63
N ALA F 170 -28.11 20.61 -7.50
CA ALA F 170 -29.32 20.44 -8.29
C ALA F 170 -30.51 19.83 -7.54
N GLU F 171 -31.66 19.83 -8.21
CA GLU F 171 -32.91 19.31 -7.67
C GLU F 171 -32.92 17.78 -7.63
N THR F 172 -32.14 17.14 -8.50
CA THR F 172 -32.06 15.69 -8.55
C THR F 172 -30.62 15.25 -8.88
N GLN F 173 -30.30 14.00 -8.60
CA GLN F 173 -28.97 13.48 -8.84
C GLN F 173 -28.65 13.52 -10.34
N PRO F 174 -29.59 13.05 -11.19
CA PRO F 174 -29.32 13.08 -12.63
C PRO F 174 -29.03 14.48 -13.16
N SER F 175 -29.75 15.48 -12.65
CA SER F 175 -29.55 16.86 -13.09
C SER F 175 -28.16 17.36 -12.73
N ALA F 176 -27.73 17.06 -11.51
CA ALA F 176 -26.41 17.48 -11.06
C ALA F 176 -25.31 16.76 -11.84
N LEU F 177 -25.54 15.48 -12.13
CA LEU F 177 -24.54 14.70 -12.89
C LEU F 177 -24.42 15.15 -14.35
N ALA F 178 -25.56 15.35 -15.00
CA ALA F 178 -25.55 15.79 -16.40
C ALA F 178 -24.83 17.14 -16.51
N ALA F 179 -25.05 17.99 -15.51
CA ALA F 179 -24.40 19.28 -15.48
C ALA F 179 -22.89 19.08 -15.33
N ALA F 180 -22.49 18.19 -14.43
CA ALA F 180 -21.07 17.91 -14.20
C ALA F 180 -20.44 17.33 -15.46
N LYS F 181 -21.15 16.42 -16.13
CA LYS F 181 -20.63 15.81 -17.36
C LYS F 181 -20.43 16.87 -18.43
N ALA F 182 -21.40 17.77 -18.56
CA ALA F 182 -21.31 18.85 -19.54
C ALA F 182 -20.08 19.71 -19.23
N ALA F 183 -19.80 19.92 -17.95
CA ALA F 183 -18.66 20.70 -17.52
C ALA F 183 -17.34 20.02 -17.90
N VAL F 184 -17.28 18.71 -17.75
CA VAL F 184 -16.07 17.95 -18.08
C VAL F 184 -15.80 18.01 -19.58
N ASP F 185 -16.85 17.79 -20.39
CA ASP F 185 -16.69 17.85 -21.84
C ASP F 185 -16.14 19.22 -22.25
N ALA F 186 -16.72 20.27 -21.68
CA ALA F 186 -16.31 21.64 -21.98
C ALA F 186 -14.86 21.90 -21.58
N ILE F 187 -14.48 21.42 -20.42
CA ILE F 187 -13.11 21.62 -19.92
C ILE F 187 -12.08 20.81 -20.69
N SER F 188 -12.49 19.73 -21.35
CA SER F 188 -11.55 18.90 -22.13
C SER F 188 -10.88 19.69 -23.26
N ASP F 189 -11.53 20.74 -23.75
CA ASP F 189 -10.97 21.56 -24.83
C ASP F 189 -10.02 22.64 -24.30
N VAL F 190 -10.00 22.86 -22.99
CA VAL F 190 -9.16 23.89 -22.38
C VAL F 190 -7.70 23.43 -22.24
N GLU F 191 -6.77 24.06 -22.95
CA GLU F 191 -5.37 23.64 -22.84
C GLU F 191 -4.79 23.87 -21.44
N GLY F 192 -3.80 23.07 -21.07
CA GLY F 192 -3.13 23.20 -19.78
C GLY F 192 -3.82 22.73 -18.52
N VAL F 193 -4.93 22.01 -18.66
CA VAL F 193 -5.69 21.54 -17.51
C VAL F 193 -6.14 20.07 -17.61
N ILE F 194 -6.42 19.47 -16.45
CA ILE F 194 -6.92 18.10 -16.40
C ILE F 194 -7.93 17.99 -15.26
N THR F 195 -8.83 17.01 -15.36
CA THR F 195 -9.82 16.75 -14.30
C THR F 195 -9.54 15.30 -13.94
N PRO F 196 -8.70 15.07 -12.91
CA PRO F 196 -8.24 13.80 -12.34
C PRO F 196 -9.20 12.76 -11.71
N PHE F 197 -10.39 13.17 -11.30
CA PHE F 197 -11.28 12.16 -10.72
C PHE F 197 -11.91 11.29 -11.81
N PRO F 198 -12.59 10.18 -11.43
CA PRO F 198 -13.23 9.28 -12.39
C PRO F 198 -14.18 10.01 -13.34
N GLY F 199 -13.89 9.94 -14.64
CA GLY F 199 -14.71 10.63 -15.61
C GLY F 199 -14.60 12.12 -15.36
N GLY F 200 -13.61 12.52 -14.57
CA GLY F 200 -13.39 13.91 -14.25
C GLY F 200 -14.31 14.50 -13.21
N ILE F 201 -15.16 13.67 -12.61
CA ILE F 201 -16.14 14.13 -11.64
C ILE F 201 -15.99 13.57 -10.21
N VAL F 202 -16.25 14.43 -9.23
CA VAL F 202 -16.18 14.06 -7.82
C VAL F 202 -17.59 13.88 -7.26
N ALA F 203 -17.90 12.66 -6.82
CA ALA F 203 -19.21 12.35 -6.27
C ALA F 203 -19.17 12.33 -4.74
N SER F 204 -17.98 12.27 -4.17
CA SER F 204 -17.81 12.24 -2.72
C SER F 204 -17.68 13.59 -2.02
N GLY F 205 -16.53 14.24 -2.19
CA GLY F 205 -16.27 15.51 -1.54
C GLY F 205 -15.65 15.19 -0.19
N SER F 206 -14.88 16.11 0.40
CA SER F 206 -14.26 15.81 1.68
C SER F 206 -13.78 17.03 2.48
N LYS F 207 -13.51 16.78 3.76
CA LYS F 207 -13.01 17.80 4.67
C LYS F 207 -11.71 17.26 5.26
N VAL F 208 -10.77 18.17 5.55
CA VAL F 208 -9.47 17.81 6.09
C VAL F 208 -9.46 16.59 7.00
N GLY F 209 -9.89 16.73 8.24
CA GLY F 209 -9.88 15.57 9.14
C GLY F 209 -11.24 14.93 9.33
N ALA F 210 -11.57 14.62 10.58
CA ALA F 210 -12.86 14.02 10.92
C ALA F 210 -13.31 14.57 12.27
N ASN F 211 -14.61 14.51 12.52
CA ASN F 211 -15.18 15.01 13.77
C ASN F 211 -15.35 13.89 14.78
N LYS F 212 -15.51 12.66 14.30
CA LYS F 212 -15.71 11.50 15.17
C LYS F 212 -14.60 10.47 15.13
N TYR F 213 -14.11 10.14 13.95
CA TYR F 213 -13.04 9.15 13.83
C TYR F 213 -11.72 9.85 13.59
N LYS F 214 -11.16 10.40 14.67
CA LYS F 214 -9.91 11.14 14.63
C LYS F 214 -8.72 10.43 13.98
N PHE F 215 -8.76 9.10 13.89
CA PHE F 215 -7.66 8.37 13.28
C PHE F 215 -7.64 8.53 11.77
N LEU F 216 -8.64 9.22 11.22
CA LEU F 216 -8.72 9.43 9.77
C LEU F 216 -8.03 10.72 9.34
N LYS F 217 -7.44 10.69 8.15
CA LYS F 217 -6.75 11.87 7.61
C LYS F 217 -7.75 12.73 6.85
N ALA F 218 -8.92 12.15 6.55
CA ALA F 218 -9.95 12.87 5.81
C ALA F 218 -11.27 12.12 5.89
N SER F 219 -12.39 12.85 5.80
CA SER F 219 -13.71 12.24 5.87
C SER F 219 -14.72 13.03 5.02
N THR F 220 -15.96 12.55 4.99
CA THR F 220 -16.98 13.22 4.20
C THR F 220 -17.27 14.61 4.75
N ASN F 221 -17.49 15.57 3.86
CA ASN F 221 -17.81 16.93 4.29
C ASN F 221 -19.32 16.94 4.47
N GLU F 222 -19.77 16.56 5.66
CA GLU F 222 -21.19 16.48 5.96
C GLU F 222 -21.99 17.78 5.75
N LYS F 223 -21.31 18.90 5.58
CA LYS F 223 -22.02 20.16 5.38
C LYS F 223 -22.47 20.32 3.93
N PHE F 224 -22.12 19.34 3.09
CA PHE F 224 -22.51 19.36 1.70
C PHE F 224 -23.05 18.00 1.29
N ALA F 225 -23.52 17.25 2.29
CA ALA F 225 -24.11 15.94 2.08
C ALA F 225 -25.61 16.13 2.23
N PRO F 226 -26.32 16.28 1.10
CA PRO F 226 -27.78 16.48 1.10
C PRO F 226 -28.57 15.42 1.85
N SER F 227 -28.13 14.19 1.74
CA SER F 227 -28.76 13.03 2.39
C SER F 227 -28.95 13.17 3.90
N ILE F 228 -28.15 14.04 4.52
CA ILE F 228 -28.22 14.26 5.96
C ILE F 228 -28.30 15.73 6.37
N ARG F 229 -28.78 16.58 5.47
CA ARG F 229 -28.87 18.02 5.73
C ARG F 229 -29.65 18.35 7.00
N ASP F 230 -30.66 17.54 7.32
CA ASP F 230 -31.48 17.76 8.50
C ASP F 230 -30.79 17.38 9.81
N GLN F 231 -29.68 16.65 9.73
CA GLN F 231 -28.95 16.23 10.93
C GLN F 231 -27.64 16.99 11.10
N VAL F 232 -27.38 17.95 10.23
CA VAL F 232 -26.15 18.73 10.31
C VAL F 232 -26.48 20.20 10.55
N GLU F 233 -26.02 20.73 11.69
CA GLU F 233 -26.28 22.13 12.07
C GLU F 233 -26.22 23.15 10.95
N GLY F 234 -25.01 23.57 10.59
CA GLY F 234 -24.86 24.55 9.53
C GLY F 234 -24.71 23.96 8.14
N THR F 235 -25.58 23.00 7.80
CA THR F 235 -25.53 22.39 6.48
C THR F 235 -25.56 23.48 5.41
N GLN F 236 -24.72 23.34 4.38
CA GLN F 236 -24.67 24.31 3.31
C GLN F 236 -25.55 23.87 2.13
N ILE F 237 -26.42 22.89 2.37
CA ILE F 237 -27.32 22.40 1.34
C ILE F 237 -28.68 23.11 1.43
N PRO F 238 -29.07 23.84 0.38
CA PRO F 238 -30.35 24.56 0.38
C PRO F 238 -31.53 23.58 0.41
N ALA F 239 -32.67 24.06 0.87
CA ALA F 239 -33.89 23.26 1.00
C ALA F 239 -34.18 22.20 -0.07
N GLY F 240 -34.45 22.64 -1.29
CA GLY F 240 -34.78 21.69 -2.35
C GLY F 240 -33.64 21.03 -3.11
N VAL F 241 -32.42 21.15 -2.61
CA VAL F 241 -31.26 20.55 -3.27
C VAL F 241 -31.08 19.10 -2.82
N LYS F 242 -31.09 18.18 -3.78
CA LYS F 242 -30.95 16.76 -3.45
C LYS F 242 -29.61 16.12 -3.84
N ALA F 243 -28.82 16.81 -4.66
CA ALA F 243 -27.54 16.26 -5.08
C ALA F 243 -26.51 17.31 -5.44
N VAL F 244 -25.24 17.01 -5.12
CA VAL F 244 -24.13 17.91 -5.41
C VAL F 244 -22.97 17.12 -6.03
N TYR F 245 -22.28 17.76 -6.97
CA TYR F 245 -21.11 17.17 -7.63
C TYR F 245 -20.05 18.28 -7.74
N GLU F 246 -18.80 17.88 -7.57
CA GLU F 246 -17.68 18.81 -7.64
C GLU F 246 -16.78 18.46 -8.82
N ILE F 247 -16.18 19.49 -9.42
CA ILE F 247 -15.27 19.31 -10.53
C ILE F 247 -13.88 19.75 -10.04
N VAL F 248 -12.93 18.82 -9.97
CA VAL F 248 -11.56 19.18 -9.55
C VAL F 248 -10.69 19.42 -10.78
N ILE F 249 -9.88 20.47 -10.73
CA ILE F 249 -9.01 20.85 -11.84
C ILE F 249 -7.55 21.03 -11.42
N ASN F 250 -6.64 20.45 -12.20
CA ASN F 250 -5.22 20.60 -11.94
C ASN F 250 -4.71 21.26 -13.22
N GLY F 251 -3.68 22.09 -13.12
CA GLY F 251 -3.20 22.75 -14.30
C GLY F 251 -1.84 23.42 -14.18
N LEU F 252 -1.29 23.81 -15.32
CA LEU F 252 0.03 24.43 -15.37
C LEU F 252 0.16 25.80 -14.70
N ASN F 253 -0.91 26.58 -14.66
CA ASN F 253 -0.89 27.90 -14.03
C ASN F 253 -2.30 28.40 -13.67
N ALA F 254 -2.36 29.54 -12.98
CA ALA F 254 -3.65 30.09 -12.57
C ALA F 254 -4.56 30.52 -13.72
N ASP F 255 -3.99 31.09 -14.78
CA ASP F 255 -4.82 31.52 -15.90
C ASP F 255 -5.61 30.35 -16.48
N ALA F 256 -4.94 29.21 -16.64
CA ALA F 256 -5.59 28.01 -17.17
C ALA F 256 -6.66 27.50 -16.21
N ILE F 257 -6.37 27.53 -14.90
CA ILE F 257 -7.34 27.07 -13.91
C ILE F 257 -8.58 27.97 -13.98
N LYS F 258 -8.38 29.28 -14.04
CA LYS F 258 -9.49 30.23 -14.10
C LYS F 258 -10.30 30.02 -15.37
N GLU F 259 -9.61 29.69 -16.46
CA GLU F 259 -10.28 29.45 -17.73
C GLU F 259 -11.15 28.19 -17.59
N ALA F 260 -10.59 27.17 -16.95
CA ALA F 260 -11.28 25.89 -16.75
C ALA F 260 -12.54 26.02 -15.90
N THR F 261 -12.45 26.80 -14.83
CA THR F 261 -13.59 27.00 -13.95
C THR F 261 -14.72 27.72 -14.70
N ARG F 262 -14.38 28.79 -15.38
CA ARG F 262 -15.35 29.58 -16.15
C ARG F 262 -16.04 28.72 -17.20
N VAL F 263 -15.24 28.06 -18.04
CA VAL F 263 -15.77 27.21 -19.10
C VAL F 263 -16.65 26.08 -18.55
N GLY F 264 -16.31 25.58 -17.37
CA GLY F 264 -17.09 24.51 -16.80
C GLY F 264 -18.41 24.99 -16.22
N ILE F 265 -18.37 26.13 -15.53
CA ILE F 265 -19.57 26.66 -14.93
C ILE F 265 -20.58 27.04 -16.02
N LEU F 266 -20.09 27.75 -17.03
CA LEU F 266 -20.94 28.17 -18.14
C LEU F 266 -21.71 27.00 -18.75
N ALA F 267 -21.01 25.90 -19.03
CA ALA F 267 -21.64 24.72 -19.63
C ALA F 267 -22.58 24.02 -18.68
N ALA F 268 -22.21 23.97 -17.40
CA ALA F 268 -23.03 23.29 -16.40
C ALA F 268 -24.35 23.99 -16.15
N THR F 269 -24.37 25.31 -16.27
CA THR F 269 -25.58 26.08 -16.01
C THR F 269 -26.65 25.96 -17.10
N LYS F 270 -26.34 25.25 -18.18
CA LYS F 270 -27.30 25.10 -19.26
C LYS F 270 -28.16 23.84 -19.10
N ILE F 271 -27.88 23.07 -18.05
CA ILE F 271 -28.60 21.83 -17.77
C ILE F 271 -29.79 22.08 -16.84
N PRO F 272 -31.01 21.75 -17.28
CA PRO F 272 -32.19 21.97 -16.42
C PRO F 272 -32.05 21.27 -15.07
N GLY F 273 -32.49 21.95 -14.01
CA GLY F 273 -32.43 21.38 -12.67
C GLY F 273 -31.34 21.90 -11.76
N VAL F 274 -30.34 22.58 -12.32
CA VAL F 274 -29.26 23.12 -11.51
C VAL F 274 -29.76 24.29 -10.67
N VAL F 275 -29.63 24.16 -9.35
CA VAL F 275 -30.12 25.19 -8.46
C VAL F 275 -29.10 26.23 -8.05
N LYS F 276 -27.84 25.81 -7.90
CA LYS F 276 -26.79 26.73 -7.49
C LYS F 276 -25.37 26.25 -7.78
N ILE F 277 -24.47 27.22 -7.98
CA ILE F 277 -23.05 26.94 -8.23
C ILE F 277 -22.23 27.65 -7.17
N THR F 278 -21.33 26.93 -6.51
CA THR F 278 -20.46 27.52 -5.49
C THR F 278 -19.08 26.86 -5.63
N ALA F 279 -18.25 26.96 -4.60
CA ALA F 279 -16.93 26.35 -4.66
C ALA F 279 -16.43 25.96 -3.27
N GLY F 280 -15.46 25.05 -3.23
CA GLY F 280 -14.93 24.60 -1.96
C GLY F 280 -13.62 25.30 -1.60
N ASN F 281 -13.46 25.59 -0.32
CA ASN F 281 -12.26 26.25 0.17
C ASN F 281 -12.01 25.83 1.61
N TYR F 282 -10.95 26.36 2.22
CA TYR F 282 -10.64 26.02 3.59
C TYR F 282 -10.45 27.31 4.39
N GLY F 283 -11.25 28.31 4.07
CA GLY F 283 -11.16 29.58 4.76
C GLY F 283 -9.95 30.39 4.32
N GLY F 284 -9.05 29.75 3.59
CA GLY F 284 -7.84 30.43 3.14
C GLY F 284 -6.69 30.15 4.06
N LYS F 285 -6.84 29.11 4.88
CA LYS F 285 -5.82 28.72 5.85
C LYS F 285 -4.83 27.67 5.32
N LEU F 286 -5.18 26.98 4.25
CA LEU F 286 -4.31 25.93 3.73
C LEU F 286 -3.64 26.16 2.37
N GLY F 287 -4.45 26.51 1.36
CA GLY F 287 -3.90 26.72 0.03
C GLY F 287 -3.48 28.13 -0.29
N LYS F 288 -2.48 28.26 -1.16
CA LYS F 288 -1.95 29.55 -1.56
C LYS F 288 -2.57 30.13 -2.83
N HIS F 289 -3.43 29.35 -3.50
CA HIS F 289 -4.07 29.84 -4.72
C HIS F 289 -5.56 30.05 -4.56
N ILE F 290 -5.98 31.31 -4.65
CA ILE F 290 -7.37 31.66 -4.50
C ILE F 290 -8.03 32.06 -5.82
N ILE F 291 -9.15 31.41 -6.11
CA ILE F 291 -9.94 31.66 -7.30
C ILE F 291 -11.33 32.15 -6.91
N ASN F 292 -11.56 33.45 -7.07
CA ASN F 292 -12.83 34.08 -6.75
C ASN F 292 -13.76 34.00 -7.96
N LEU F 293 -14.91 33.36 -7.79
CA LEU F 293 -15.86 33.19 -8.88
C LEU F 293 -16.37 34.50 -9.47
N ASN F 294 -16.56 35.51 -8.63
CA ASN F 294 -17.06 36.80 -9.08
C ASN F 294 -16.13 37.51 -10.07
N GLU F 295 -14.87 37.10 -10.12
CA GLU F 295 -13.90 37.72 -11.03
C GLU F 295 -13.82 36.95 -12.33
N LEU F 296 -14.53 35.83 -12.42
CA LEU F 296 -14.52 34.99 -13.63
C LEU F 296 -15.52 35.43 -14.67
N PHE F 297 -16.54 36.18 -14.26
CA PHE F 297 -17.56 36.63 -15.19
C PHE F 297 -17.73 38.15 -15.21
N MET G 1 8.21 10.68 -56.84
CA MET G 1 7.67 11.44 -55.67
C MET G 1 7.38 10.51 -54.51
N LYS G 2 8.00 10.78 -53.37
CA LYS G 2 7.80 9.96 -52.18
C LYS G 2 7.43 10.83 -50.98
N VAL G 3 6.46 10.36 -50.21
CA VAL G 3 6.02 11.07 -49.01
C VAL G 3 6.31 10.17 -47.82
N ASN G 4 7.16 10.65 -46.91
CA ASN G 4 7.53 9.86 -45.75
C ASN G 4 8.05 8.49 -46.16
N GLY G 5 8.87 8.45 -47.21
CA GLY G 5 9.42 7.19 -47.67
C GLY G 5 8.48 6.33 -48.50
N VAL G 6 7.24 6.78 -48.70
CA VAL G 6 6.29 6.00 -49.47
C VAL G 6 6.02 6.57 -50.86
N GLU G 7 6.00 5.69 -51.85
CA GLU G 7 5.75 6.08 -53.23
C GLU G 7 4.32 6.59 -53.43
N VAL G 8 4.21 7.79 -53.99
CA VAL G 8 2.91 8.39 -54.28
C VAL G 8 2.89 8.66 -55.79
N GLU G 9 2.00 7.96 -56.51
CA GLU G 9 1.90 8.15 -57.95
C GLU G 9 1.49 9.57 -58.30
N GLU G 10 2.20 10.18 -59.25
CA GLU G 10 1.87 11.54 -59.65
C GLU G 10 0.66 11.57 -60.55
N THR G 11 -0.51 11.29 -59.98
CA THR G 11 -1.73 11.28 -60.77
C THR G 11 -2.77 12.17 -60.11
N PHE G 12 -4.02 12.03 -60.49
CA PHE G 12 -5.04 12.90 -59.91
C PHE G 12 -6.36 12.22 -59.55
N ALA G 13 -7.05 12.83 -58.59
CA ALA G 13 -8.34 12.36 -58.17
C ALA G 13 -9.28 13.18 -59.05
N GLU G 14 -10.45 12.62 -59.35
CA GLU G 14 -11.42 13.31 -60.20
C GLU G 14 -12.75 13.40 -59.45
N ALA G 15 -13.05 14.56 -58.89
CA ALA G 15 -14.28 14.76 -58.11
C ALA G 15 -15.39 15.48 -58.88
N PHE G 16 -16.61 15.42 -58.35
CA PHE G 16 -17.76 16.03 -59.02
C PHE G 16 -18.50 17.09 -58.21
N ASP G 17 -19.49 17.70 -58.84
CA ASP G 17 -20.29 18.73 -58.20
C ASP G 17 -21.43 18.17 -57.39
N ILE G 18 -21.73 18.81 -56.27
CA ILE G 18 -22.81 18.35 -55.41
C ILE G 18 -23.27 19.51 -54.53
N LYS G 19 -24.53 19.45 -54.10
CA LYS G 19 -25.10 20.46 -53.22
C LYS G 19 -24.88 20.00 -51.78
N ILE G 20 -24.43 20.90 -50.92
CA ILE G 20 -24.17 20.56 -49.52
C ILE G 20 -24.73 21.58 -48.55
N ALA G 21 -25.47 21.09 -47.56
CA ALA G 21 -26.04 21.93 -46.51
C ALA G 21 -25.28 21.60 -45.22
N ARG G 22 -24.97 22.62 -44.42
CA ARG G 22 -24.24 22.42 -43.18
C ARG G 22 -25.19 22.65 -42.02
N VAL G 23 -25.31 21.67 -41.14
CA VAL G 23 -26.19 21.76 -39.98
C VAL G 23 -25.40 21.62 -38.68
N LEU G 24 -25.70 22.50 -37.72
CA LEU G 24 -25.07 22.45 -36.41
C LEU G 24 -26.10 21.81 -35.48
N ILE G 25 -25.65 20.83 -34.70
CA ILE G 25 -26.50 20.12 -33.74
C ILE G 25 -25.85 20.20 -32.36
N THR G 26 -26.57 20.75 -31.38
CA THR G 26 -26.02 20.83 -30.03
C THR G 26 -26.81 19.96 -29.07
N GLY G 27 -26.28 19.78 -27.86
CA GLY G 27 -26.95 18.96 -26.86
C GLY G 27 -26.39 19.20 -25.47
N TYR G 28 -26.72 18.32 -24.53
CA TYR G 28 -26.23 18.45 -23.16
C TYR G 28 -24.72 18.44 -23.15
N ASP G 29 -24.14 17.51 -23.90
CA ASP G 29 -22.70 17.35 -23.99
C ASP G 29 -22.38 16.73 -25.35
N TYR G 30 -21.11 16.40 -25.56
CA TYR G 30 -20.69 15.82 -26.83
C TYR G 30 -21.33 14.48 -27.14
N TYR G 31 -21.55 13.66 -26.12
CA TYR G 31 -22.18 12.36 -26.36
C TYR G 31 -23.56 12.51 -26.98
N TRP G 32 -24.43 13.28 -26.33
CA TRP G 32 -25.79 13.45 -26.83
C TRP G 32 -25.88 14.13 -28.19
N ALA G 33 -25.03 15.12 -28.45
CA ALA G 33 -25.06 15.78 -29.74
C ALA G 33 -24.61 14.76 -30.79
N TRP G 34 -23.63 13.94 -30.41
CA TRP G 34 -23.10 12.90 -31.30
C TRP G 34 -24.16 11.85 -31.67
N VAL G 35 -24.97 11.44 -30.70
CA VAL G 35 -26.03 10.47 -30.95
C VAL G 35 -26.96 10.92 -32.08
N ALA G 36 -27.30 12.20 -32.08
CA ALA G 36 -28.19 12.74 -33.11
C ALA G 36 -27.49 12.89 -34.46
N ALA G 37 -26.27 13.40 -34.44
CA ALA G 37 -25.52 13.57 -35.69
C ALA G 37 -25.26 12.21 -36.29
N ASN G 38 -24.90 11.24 -35.45
CA ASN G 38 -24.62 9.90 -35.93
C ASN G 38 -25.84 9.28 -36.63
N GLU G 39 -26.97 9.29 -35.95
CA GLU G 39 -28.19 8.73 -36.51
C GLU G 39 -28.56 9.44 -37.81
N ALA G 40 -28.66 10.76 -37.75
CA ALA G 40 -29.03 11.57 -38.91
C ALA G 40 -28.19 11.36 -40.17
N THR G 41 -26.91 11.04 -39.98
CA THR G 41 -26.01 10.84 -41.11
C THR G 41 -25.76 9.41 -41.55
N GLY G 42 -26.50 8.45 -40.99
CA GLY G 42 -26.33 7.06 -41.39
C GLY G 42 -26.94 6.77 -42.76
N PHE G 43 -26.85 5.52 -43.21
CA PHE G 43 -27.39 5.11 -44.51
C PHE G 43 -27.14 6.28 -45.49
N GLY G 44 -25.88 6.71 -45.56
CA GLY G 44 -25.53 7.81 -46.42
C GLY G 44 -24.09 7.82 -46.91
N THR G 45 -23.67 6.71 -47.51
CA THR G 45 -22.31 6.58 -48.02
C THR G 45 -22.17 7.08 -49.46
N SER G 46 -23.18 6.80 -50.28
CA SER G 46 -23.14 7.17 -51.70
C SER G 46 -24.54 7.42 -52.28
N VAL G 47 -24.60 8.30 -53.26
CA VAL G 47 -25.86 8.66 -53.93
C VAL G 47 -26.30 7.57 -54.91
N ILE G 48 -25.41 6.63 -55.20
CA ILE G 48 -25.75 5.54 -56.11
C ILE G 48 -26.97 4.79 -55.60
N MET G 49 -27.02 4.53 -54.30
CA MET G 49 -28.17 3.82 -53.76
C MET G 49 -28.59 4.26 -52.36
N CYS G 50 -27.97 5.31 -51.82
CA CYS G 50 -28.36 5.83 -50.51
C CYS G 50 -29.14 7.12 -50.78
N PRO G 51 -30.06 7.49 -49.89
CA PRO G 51 -30.87 8.71 -50.06
C PRO G 51 -30.03 9.97 -50.19
N ALA G 52 -28.80 9.91 -49.66
CA ALA G 52 -27.88 11.03 -49.71
C ALA G 52 -26.50 10.62 -49.19
N GLU G 53 -25.54 11.54 -49.28
CA GLU G 53 -24.19 11.32 -48.80
C GLU G 53 -24.06 12.28 -47.62
N ALA G 54 -23.71 11.76 -46.45
CA ALA G 54 -23.63 12.60 -45.25
C ALA G 54 -22.54 12.15 -44.31
N GLY G 55 -22.32 12.91 -43.24
CA GLY G 55 -21.31 12.55 -42.27
C GLY G 55 -21.04 13.66 -41.28
N ILE G 56 -20.32 13.35 -40.20
CA ILE G 56 -19.96 14.32 -39.18
C ILE G 56 -18.73 15.11 -39.63
N GLU G 57 -18.83 16.44 -39.62
CA GLU G 57 -17.71 17.29 -40.04
C GLU G 57 -16.72 17.58 -38.91
N ILE G 58 -17.16 18.27 -37.87
CA ILE G 58 -16.23 18.57 -36.80
C ILE G 58 -16.95 18.91 -35.49
N LYS G 59 -16.25 18.76 -34.37
CA LYS G 59 -16.80 19.10 -33.07
C LYS G 59 -17.07 20.60 -33.08
N ALA G 60 -18.04 21.03 -32.27
CA ALA G 60 -18.38 22.44 -32.15
C ALA G 60 -18.27 22.74 -30.65
N LYS G 61 -17.34 23.63 -30.28
CA LYS G 61 -17.14 23.98 -28.88
C LYS G 61 -18.22 24.93 -28.37
N PRO G 62 -18.57 24.83 -27.07
CA PRO G 62 -19.59 25.71 -26.50
C PRO G 62 -19.30 27.18 -26.74
N SER G 63 -18.04 27.53 -26.93
CA SER G 63 -17.68 28.92 -27.16
C SER G 63 -18.00 29.33 -28.59
N GLU G 64 -18.32 28.34 -29.43
CA GLU G 64 -18.63 28.58 -30.84
C GLU G 64 -20.11 28.47 -31.21
N THR G 65 -20.93 27.93 -30.31
CA THR G 65 -22.36 27.75 -30.60
C THR G 65 -23.30 28.84 -30.09
N PRO G 66 -24.36 29.13 -30.86
CA PRO G 66 -25.38 30.13 -30.56
C PRO G 66 -26.02 29.95 -29.19
N ASP G 67 -26.19 28.70 -28.76
CA ASP G 67 -26.80 28.46 -27.45
C ASP G 67 -25.78 28.24 -26.32
N GLY G 68 -24.51 28.10 -26.70
CA GLY G 68 -23.47 27.92 -25.71
C GLY G 68 -23.26 26.51 -25.18
N ARG G 69 -23.80 25.52 -25.86
CA ARG G 69 -23.66 24.12 -25.44
C ARG G 69 -22.81 23.39 -26.46
N PRO G 70 -22.30 22.20 -26.10
CA PRO G 70 -21.47 21.38 -26.98
C PRO G 70 -22.26 20.91 -28.21
N GLY G 71 -21.55 20.62 -29.30
CA GLY G 71 -22.23 20.16 -30.51
C GLY G 71 -21.31 19.64 -31.60
N TYR G 72 -21.90 19.38 -32.77
CA TYR G 72 -21.18 18.88 -33.94
C TYR G 72 -21.79 19.47 -35.22
N TYR G 73 -20.95 19.72 -36.23
CA TYR G 73 -21.46 20.21 -37.51
C TYR G 73 -21.56 18.97 -38.39
N ILE G 74 -22.62 18.85 -39.19
CA ILE G 74 -22.72 17.72 -40.09
C ILE G 74 -22.99 18.26 -41.49
N GLN G 75 -22.67 17.44 -42.49
CA GLN G 75 -22.92 17.81 -43.88
C GLN G 75 -23.83 16.76 -44.48
N ILE G 76 -24.79 17.23 -45.26
CA ILE G 76 -25.72 16.35 -45.95
C ILE G 76 -25.67 16.85 -47.38
N CYS G 77 -25.40 15.94 -48.31
CA CYS G 77 -25.25 16.30 -49.71
C CYS G 77 -26.21 15.56 -50.64
N HIS G 78 -26.54 16.21 -51.76
CA HIS G 78 -27.43 15.63 -52.76
C HIS G 78 -27.19 16.36 -54.09
N MET G 79 -27.38 15.63 -55.18
CA MET G 79 -27.16 16.20 -56.51
C MET G 79 -28.12 17.34 -56.90
N SER G 80 -29.33 17.35 -56.34
CA SER G 80 -30.30 18.39 -56.69
C SER G 80 -30.86 19.18 -55.50
N LYS G 81 -31.21 20.44 -55.75
CA LYS G 81 -31.76 21.31 -54.72
C LYS G 81 -32.99 20.67 -54.08
N LYS G 82 -33.87 20.14 -54.91
CA LYS G 82 -35.08 19.49 -54.42
C LYS G 82 -34.72 18.33 -53.51
N GLY G 83 -33.84 17.46 -53.99
CA GLY G 83 -33.43 16.33 -53.20
C GLY G 83 -32.82 16.71 -51.87
N LEU G 84 -32.00 17.75 -51.86
CA LEU G 84 -31.35 18.19 -50.62
C LEU G 84 -32.35 18.79 -49.63
N GLU G 85 -33.34 19.56 -50.14
CA GLU G 85 -34.34 20.14 -49.24
C GLU G 85 -35.09 18.99 -48.57
N GLU G 86 -35.41 17.98 -49.37
CA GLU G 86 -36.11 16.78 -48.91
C GLU G 86 -35.33 16.08 -47.80
N GLN G 87 -34.06 15.74 -48.09
CA GLN G 87 -33.21 15.05 -47.12
C GLN G 87 -33.09 15.79 -45.81
N LEU G 88 -32.95 17.12 -45.87
CA LEU G 88 -32.85 17.91 -44.65
C LEU G 88 -34.08 17.69 -43.76
N LEU G 89 -35.27 17.82 -44.34
CA LEU G 89 -36.51 17.64 -43.58
C LEU G 89 -36.65 16.23 -43.02
N ALA G 90 -36.27 15.23 -43.80
CA ALA G 90 -36.39 13.85 -43.38
C ALA G 90 -35.37 13.46 -42.30
N ARG G 91 -34.09 13.71 -42.57
CA ARG G 91 -33.05 13.34 -41.61
C ARG G 91 -33.14 14.13 -40.31
N LEU G 92 -33.30 15.44 -40.39
CA LEU G 92 -33.40 16.26 -39.18
C LEU G 92 -34.75 16.05 -38.50
N GLY G 93 -35.81 15.99 -39.29
CA GLY G 93 -37.14 15.81 -38.73
C GLY G 93 -37.36 14.47 -38.06
N GLN G 94 -36.71 13.43 -38.59
CA GLN G 94 -36.84 12.09 -38.05
C GLN G 94 -35.70 11.64 -37.12
N CYS G 95 -34.52 12.24 -37.27
CA CYS G 95 -33.35 11.82 -36.48
C CYS G 95 -32.72 12.85 -35.55
N VAL G 96 -33.18 14.10 -35.61
CA VAL G 96 -32.61 15.11 -34.71
C VAL G 96 -33.72 15.74 -33.85
N LEU G 97 -34.88 15.94 -34.45
CA LEU G 97 -36.02 16.50 -33.72
C LEU G 97 -36.52 15.42 -32.74
N THR G 98 -36.16 14.18 -33.02
CA THR G 98 -36.57 13.05 -32.19
C THR G 98 -35.51 12.65 -31.14
N ALA G 99 -34.29 13.18 -31.28
CA ALA G 99 -33.18 12.83 -30.38
C ALA G 99 -33.15 13.65 -29.09
N PRO G 100 -32.70 13.05 -27.99
CA PRO G 100 -32.62 13.75 -26.70
C PRO G 100 -31.78 15.03 -26.65
N THR G 101 -32.31 16.04 -25.96
CA THR G 101 -31.67 17.33 -25.72
C THR G 101 -31.19 18.18 -26.89
N THR G 102 -31.39 17.75 -28.12
CA THR G 102 -30.87 18.53 -29.24
C THR G 102 -31.53 19.85 -29.56
N ALA G 103 -30.77 20.66 -30.28
CA ALA G 103 -31.18 21.96 -30.76
C ALA G 103 -30.52 22.01 -32.13
N VAL G 104 -31.09 22.75 -33.07
CA VAL G 104 -30.51 22.81 -34.41
C VAL G 104 -30.42 24.23 -34.95
N PHE G 105 -29.22 24.57 -35.43
CA PHE G 105 -28.94 25.89 -35.97
C PHE G 105 -28.29 25.83 -37.34
N ASN G 106 -28.40 26.92 -38.09
CA ASN G 106 -27.82 27.03 -39.41
C ASN G 106 -26.30 26.90 -39.30
N GLY G 107 -25.73 25.94 -40.02
CA GLY G 107 -24.29 25.73 -39.97
C GLY G 107 -23.51 26.52 -41.00
N LEU G 108 -24.23 27.24 -41.85
CA LEU G 108 -23.63 28.09 -42.89
C LEU G 108 -24.42 29.39 -42.90
N PRO G 109 -24.36 30.17 -41.80
CA PRO G 109 -25.08 31.43 -41.72
C PRO G 109 -24.79 32.42 -42.84
N ASP G 110 -23.59 32.38 -43.41
CA ASP G 110 -23.21 33.29 -44.48
C ASP G 110 -23.64 32.86 -45.88
N ALA G 111 -24.12 31.63 -46.01
CA ALA G 111 -24.55 31.13 -47.32
C ALA G 111 -25.72 31.97 -47.80
N GLU G 112 -25.68 32.34 -49.08
CA GLU G 112 -26.73 33.15 -49.68
C GLU G 112 -28.01 32.33 -49.80
N GLU G 113 -27.86 31.09 -50.28
CA GLU G 113 -29.00 30.18 -50.47
C GLU G 113 -29.32 29.39 -49.21
N LYS G 114 -30.61 29.18 -48.96
CA LYS G 114 -31.03 28.44 -47.77
C LYS G 114 -32.44 27.88 -47.89
N ASP G 115 -32.69 26.79 -47.18
CA ASP G 115 -34.02 26.16 -47.17
C ASP G 115 -34.67 26.51 -45.84
N ASP G 116 -35.99 26.69 -45.84
CA ASP G 116 -36.69 27.01 -44.60
C ASP G 116 -37.08 25.72 -43.88
N THR G 117 -36.10 24.85 -43.64
CA THR G 117 -36.41 23.59 -43.00
C THR G 117 -36.98 23.79 -41.60
N GLY G 118 -36.53 24.83 -40.91
CA GLY G 118 -37.03 25.09 -39.57
C GLY G 118 -38.49 25.52 -39.58
N PHE G 119 -38.83 26.46 -40.47
CA PHE G 119 -40.20 26.96 -40.58
C PHE G 119 -41.17 25.82 -40.90
N LYS G 120 -40.73 24.86 -41.70
CA LYS G 120 -41.61 23.75 -42.05
C LYS G 120 -41.71 22.74 -40.90
N LEU G 121 -40.57 22.37 -40.32
CA LEU G 121 -40.57 21.40 -39.23
C LEU G 121 -41.33 21.89 -37.99
N LYS G 122 -41.38 23.20 -37.79
CA LYS G 122 -42.05 23.74 -36.61
C LYS G 122 -43.57 23.48 -36.63
N PHE G 123 -44.12 23.15 -37.79
CA PHE G 123 -45.56 22.86 -37.90
C PHE G 123 -45.93 21.66 -37.04
N PHE G 124 -44.93 20.84 -36.71
CA PHE G 124 -45.12 19.66 -35.88
C PHE G 124 -45.73 20.08 -34.54
N ALA G 125 -45.55 21.34 -34.16
CA ALA G 125 -46.09 21.85 -32.89
C ALA G 125 -47.62 21.98 -32.89
N ASP G 126 -48.20 21.98 -34.08
CA ASP G 126 -49.65 22.07 -34.26
C ASP G 126 -50.28 23.31 -33.63
N GLY G 127 -49.61 24.45 -33.77
CA GLY G 127 -50.15 25.68 -33.22
C GLY G 127 -49.56 26.17 -31.91
N TYR G 128 -48.82 25.31 -31.22
CA TYR G 128 -48.20 25.68 -29.95
C TYR G 128 -46.77 26.16 -30.13
N GLN G 129 -46.33 26.27 -31.38
CA GLN G 129 -44.97 26.73 -31.62
C GLN G 129 -44.87 28.20 -31.23
N LYS G 130 -43.65 28.68 -31.04
CA LYS G 130 -43.43 30.08 -30.66
C LYS G 130 -42.09 30.52 -31.20
N GLU G 131 -41.91 31.83 -31.34
CA GLU G 131 -40.65 32.34 -31.83
C GLU G 131 -39.73 32.68 -30.66
N VAL G 132 -38.43 32.45 -30.86
CA VAL G 132 -37.42 32.74 -29.84
C VAL G 132 -36.11 33.00 -30.55
N GLU G 133 -35.36 34.00 -30.08
CA GLU G 133 -34.08 34.30 -30.68
C GLU G 133 -33.01 33.74 -29.74
N VAL G 134 -32.05 33.02 -30.32
CA VAL G 134 -30.96 32.42 -29.56
C VAL G 134 -29.65 32.82 -30.22
N GLY G 135 -28.79 33.48 -29.46
CA GLY G 135 -27.51 33.91 -29.99
C GLY G 135 -27.64 34.65 -31.32
N GLY G 136 -28.66 35.48 -31.42
CA GLY G 136 -28.86 36.26 -32.64
C GLY G 136 -29.49 35.50 -33.78
N ARG G 137 -29.89 34.26 -33.54
CA ARG G 137 -30.52 33.44 -34.57
C ARG G 137 -32.05 33.48 -34.35
N LYS G 138 -32.83 33.55 -35.43
CA LYS G 138 -34.29 33.55 -35.28
C LYS G 138 -34.76 32.10 -35.34
N CYS G 139 -35.36 31.61 -34.25
CA CYS G 139 -35.80 30.23 -34.20
C CYS G 139 -37.24 30.03 -33.73
N TRP G 140 -37.61 28.76 -33.61
CA TRP G 140 -38.92 28.35 -33.15
C TRP G 140 -38.74 27.29 -32.07
N ALA G 141 -39.58 27.35 -31.04
CA ALA G 141 -39.56 26.39 -29.95
C ALA G 141 -40.74 25.46 -30.23
N VAL G 142 -40.48 24.17 -30.25
CA VAL G 142 -41.51 23.17 -30.54
C VAL G 142 -41.79 22.29 -29.34
N PRO G 143 -42.95 22.49 -28.67
CA PRO G 143 -43.31 21.68 -27.49
C PRO G 143 -43.48 20.20 -27.83
N MET G 144 -42.88 19.35 -27.02
CA MET G 144 -42.96 17.91 -27.20
C MET G 144 -42.69 17.22 -25.85
N MET G 145 -42.55 15.90 -25.88
CA MET G 145 -42.32 15.13 -24.65
C MET G 145 -41.20 15.58 -23.71
N GLU G 146 -40.00 15.83 -24.23
CA GLU G 146 -38.89 16.22 -23.37
C GLU G 146 -38.88 17.69 -22.98
N GLY G 147 -39.64 18.49 -23.72
CA GLY G 147 -39.69 19.92 -23.48
C GLY G 147 -39.83 20.62 -24.82
N ASP G 148 -39.09 21.71 -25.02
CA ASP G 148 -39.16 22.45 -26.29
C ASP G 148 -37.96 22.23 -27.20
N PHE G 149 -38.22 21.89 -28.47
CA PHE G 149 -37.16 21.69 -29.44
C PHE G 149 -36.88 23.02 -30.14
N ILE G 150 -35.60 23.39 -30.21
CA ILE G 150 -35.22 24.66 -30.83
C ILE G 150 -34.58 24.46 -32.21
N ILE G 151 -35.20 25.05 -33.23
CA ILE G 151 -34.74 24.93 -34.62
C ILE G 151 -34.67 26.32 -35.25
N GLU G 152 -33.55 26.61 -35.91
CA GLU G 152 -33.44 27.90 -36.57
C GLU G 152 -34.41 27.87 -37.74
N ASN G 153 -34.80 29.04 -38.23
CA ASN G 153 -35.77 29.09 -39.32
C ASN G 153 -35.24 28.55 -40.64
N ASP G 154 -34.00 28.87 -40.98
CA ASP G 154 -33.40 28.41 -42.23
C ASP G 154 -32.07 27.71 -42.01
N ILE G 155 -31.66 26.93 -43.02
CA ILE G 155 -30.39 26.22 -43.02
C ILE G 155 -29.72 26.49 -44.36
N GLY G 156 -28.51 27.05 -44.33
CA GLY G 156 -27.81 27.37 -45.56
C GLY G 156 -27.18 26.20 -46.31
N TYR G 157 -27.02 26.37 -47.62
CA TYR G 157 -26.41 25.34 -48.46
C TYR G 157 -25.61 26.01 -49.57
N THR G 158 -24.67 25.26 -50.15
CA THR G 158 -23.82 25.80 -51.21
C THR G 158 -23.44 24.73 -52.22
N ASN G 159 -22.72 25.13 -53.26
CA ASN G 159 -22.28 24.17 -54.28
C ASN G 159 -20.95 23.60 -53.84
N GLY G 160 -21.00 22.36 -53.35
CA GLY G 160 -19.79 21.71 -52.88
C GLY G 160 -19.20 20.71 -53.85
N ILE G 161 -18.38 19.80 -53.32
CA ILE G 161 -17.73 18.79 -54.13
C ILE G 161 -17.72 17.42 -53.45
N ALA G 162 -18.03 16.38 -54.21
CA ALA G 162 -18.04 15.01 -53.69
C ALA G 162 -17.08 14.14 -54.50
N GLY G 163 -16.49 13.14 -53.85
CA GLY G 163 -15.60 12.26 -54.60
C GLY G 163 -14.11 12.56 -54.54
N GLY G 164 -13.70 13.46 -53.65
CA GLY G 164 -12.27 13.69 -53.53
C GLY G 164 -11.77 12.36 -53.02
N ASN G 165 -10.52 11.97 -53.30
CA ASN G 165 -10.06 10.66 -52.83
C ASN G 165 -8.58 10.36 -53.06
N PHE G 166 -8.18 9.21 -52.52
CA PHE G 166 -6.84 8.66 -52.69
C PHE G 166 -6.86 7.19 -52.25
N PHE G 167 -6.03 6.36 -52.89
CA PHE G 167 -5.96 4.92 -52.58
C PHE G 167 -4.71 4.59 -51.78
N ILE G 168 -4.82 3.59 -50.92
CA ILE G 168 -3.72 3.15 -50.09
C ILE G 168 -3.48 1.67 -50.39
N MET G 169 -2.30 1.34 -50.88
CA MET G 169 -1.93 -0.05 -51.19
C MET G 169 -0.88 -0.57 -50.21
N ALA G 170 -1.12 -1.75 -49.64
CA ALA G 170 -0.19 -2.29 -48.66
C ALA G 170 0.15 -3.78 -48.86
N GLU G 171 1.13 -4.24 -48.10
CA GLU G 171 1.59 -5.62 -48.16
C GLU G 171 0.59 -6.62 -47.56
N THR G 172 -0.23 -6.17 -46.61
CA THR G 172 -1.25 -7.02 -46.00
C THR G 172 -2.50 -6.17 -45.79
N GLN G 173 -3.65 -6.82 -45.58
CA GLN G 173 -4.90 -6.11 -45.37
C GLN G 173 -4.80 -5.22 -44.13
N PRO G 174 -4.33 -5.78 -43.00
CA PRO G 174 -4.22 -4.97 -41.78
C PRO G 174 -3.41 -3.68 -41.97
N SER G 175 -2.28 -3.77 -42.67
CA SER G 175 -1.47 -2.57 -42.90
C SER G 175 -2.28 -1.52 -43.67
N ALA G 176 -3.01 -1.96 -44.68
CA ALA G 176 -3.80 -1.01 -45.46
C ALA G 176 -4.90 -0.40 -44.61
N LEU G 177 -5.56 -1.24 -43.81
CA LEU G 177 -6.64 -0.76 -42.95
C LEU G 177 -6.13 0.19 -41.88
N ALA G 178 -5.01 -0.16 -41.27
CA ALA G 178 -4.42 0.67 -40.22
C ALA G 178 -4.05 2.04 -40.80
N ALA G 179 -3.57 2.04 -42.04
CA ALA G 179 -3.18 3.27 -42.72
C ALA G 179 -4.44 4.08 -43.04
N ALA G 180 -5.48 3.37 -43.45
CA ALA G 180 -6.76 3.99 -43.80
C ALA G 180 -7.38 4.68 -42.60
N LYS G 181 -7.36 3.98 -41.47
CA LYS G 181 -7.94 4.50 -40.23
C LYS G 181 -7.16 5.72 -39.74
N ALA G 182 -5.84 5.71 -39.88
CA ALA G 182 -5.02 6.83 -39.46
C ALA G 182 -5.42 8.09 -40.23
N ALA G 183 -5.64 7.94 -41.53
CA ALA G 183 -6.02 9.06 -42.38
C ALA G 183 -7.40 9.62 -42.04
N VAL G 184 -8.35 8.76 -41.67
CA VAL G 184 -9.69 9.20 -41.30
C VAL G 184 -9.62 10.06 -40.04
N ASP G 185 -8.78 9.65 -39.10
CA ASP G 185 -8.60 10.41 -37.86
C ASP G 185 -7.98 11.77 -38.16
N ALA G 186 -6.95 11.77 -39.00
CA ALA G 186 -6.28 13.02 -39.37
C ALA G 186 -7.25 13.96 -40.10
N ILE G 187 -8.07 13.38 -40.97
CA ILE G 187 -9.03 14.16 -41.74
C ILE G 187 -10.21 14.65 -40.89
N SER G 188 -10.43 14.01 -39.74
CA SER G 188 -11.53 14.39 -38.85
C SER G 188 -11.31 15.80 -38.30
N ASP G 189 -10.07 16.25 -38.27
CA ASP G 189 -9.72 17.56 -37.76
C ASP G 189 -9.79 18.66 -38.81
N VAL G 190 -9.84 18.28 -40.08
CA VAL G 190 -9.90 19.29 -41.15
C VAL G 190 -11.29 19.93 -41.24
N GLU G 191 -11.35 21.25 -41.34
CA GLU G 191 -12.65 21.91 -41.42
C GLU G 191 -13.26 21.92 -42.83
N GLY G 192 -14.59 21.87 -42.90
CA GLY G 192 -15.29 21.89 -44.19
C GLY G 192 -15.37 20.59 -44.97
N VAL G 193 -14.90 19.49 -44.38
CA VAL G 193 -14.90 18.20 -45.06
C VAL G 193 -15.59 17.07 -44.29
N ILE G 194 -15.96 16.00 -45.00
CA ILE G 194 -16.56 14.81 -44.39
C ILE G 194 -16.09 13.59 -45.18
N THR G 195 -16.05 12.44 -44.53
CA THR G 195 -15.66 11.18 -45.16
C THR G 195 -16.90 10.30 -44.97
N PRO G 196 -17.81 10.33 -45.95
CA PRO G 196 -19.09 9.60 -45.99
C PRO G 196 -19.15 8.06 -45.92
N PHE G 197 -18.08 7.36 -46.23
CA PHE G 197 -18.17 5.91 -46.15
C PHE G 197 -18.11 5.34 -44.72
N PRO G 198 -18.45 4.05 -44.55
CA PRO G 198 -18.43 3.38 -43.25
C PRO G 198 -17.11 3.54 -42.52
N GLY G 199 -17.13 4.28 -41.42
CA GLY G 199 -15.90 4.49 -40.66
C GLY G 199 -15.00 5.42 -41.44
N GLY G 200 -15.55 6.00 -42.52
CA GLY G 200 -14.82 6.91 -43.37
C GLY G 200 -13.92 6.19 -44.36
N ILE G 201 -14.12 4.89 -44.49
CA ILE G 201 -13.29 4.07 -45.38
C ILE G 201 -14.02 3.26 -46.45
N VAL G 202 -13.48 3.29 -47.68
CA VAL G 202 -14.06 2.53 -48.79
C VAL G 202 -13.29 1.23 -48.92
N ALA G 203 -13.99 0.11 -48.75
CA ALA G 203 -13.36 -1.21 -48.82
C ALA G 203 -13.56 -1.88 -50.18
N SER G 204 -14.57 -1.43 -50.91
CA SER G 204 -14.88 -2.02 -52.21
C SER G 204 -14.25 -1.31 -53.41
N GLY G 205 -14.59 -0.03 -53.57
CA GLY G 205 -14.07 0.72 -54.70
C GLY G 205 -14.98 0.39 -55.88
N SER G 206 -15.06 1.24 -56.88
CA SER G 206 -15.96 0.93 -57.99
C SER G 206 -15.64 1.62 -59.31
N LYS G 207 -16.24 1.09 -60.38
CA LYS G 207 -16.09 1.64 -61.72
C LYS G 207 -17.50 1.86 -62.26
N VAL G 208 -17.65 2.77 -63.22
CA VAL G 208 -18.95 3.07 -63.79
C VAL G 208 -19.51 1.92 -64.61
N GLY G 209 -20.76 1.57 -64.35
CA GLY G 209 -21.39 0.48 -65.09
C GLY G 209 -20.72 -0.86 -64.83
N ALA G 210 -20.73 -1.72 -65.84
CA ALA G 210 -20.13 -3.06 -65.74
C ALA G 210 -19.94 -3.66 -67.12
N ASN G 211 -18.95 -4.55 -67.25
CA ASN G 211 -18.65 -5.20 -68.52
C ASN G 211 -19.56 -6.37 -68.87
N LYS G 212 -19.72 -7.30 -67.93
CA LYS G 212 -20.54 -8.48 -68.15
C LYS G 212 -22.02 -8.33 -67.82
N TYR G 213 -22.35 -7.46 -66.88
CA TYR G 213 -23.74 -7.23 -66.49
C TYR G 213 -24.05 -5.76 -66.72
N LYS G 214 -24.32 -5.40 -67.97
CA LYS G 214 -24.60 -4.01 -68.31
C LYS G 214 -25.87 -3.41 -67.74
N PHE G 215 -26.40 -3.99 -66.68
CA PHE G 215 -27.61 -3.46 -66.05
C PHE G 215 -27.30 -2.80 -64.71
N LEU G 216 -26.04 -2.87 -64.29
CA LEU G 216 -25.61 -2.25 -63.04
C LEU G 216 -25.25 -0.79 -63.28
N LYS G 217 -25.36 0.03 -62.25
CA LYS G 217 -25.00 1.44 -62.37
C LYS G 217 -23.50 1.53 -62.12
N ALA G 218 -22.96 0.52 -61.46
CA ALA G 218 -21.54 0.44 -61.14
C ALA G 218 -21.19 -0.99 -60.72
N SER G 219 -19.90 -1.28 -60.64
CA SER G 219 -19.45 -2.61 -60.26
C SER G 219 -17.99 -2.55 -59.81
N THR G 220 -17.45 -3.68 -59.39
CA THR G 220 -16.06 -3.71 -58.92
C THR G 220 -15.07 -3.20 -59.95
N ASN G 221 -14.05 -2.50 -59.47
CA ASN G 221 -13.00 -1.99 -60.34
C ASN G 221 -11.93 -3.06 -60.22
N GLU G 222 -12.10 -4.13 -61.01
CA GLU G 222 -11.18 -5.27 -60.99
C GLU G 222 -9.71 -4.88 -61.13
N LYS G 223 -9.44 -3.74 -61.75
CA LYS G 223 -8.06 -3.31 -61.94
C LYS G 223 -7.36 -2.98 -60.63
N PHE G 224 -8.13 -2.82 -59.55
CA PHE G 224 -7.52 -2.53 -58.26
C PHE G 224 -7.92 -3.59 -57.23
N ALA G 225 -8.23 -4.79 -57.72
CA ALA G 225 -8.61 -5.92 -56.87
C ALA G 225 -7.40 -6.85 -56.81
N PRO G 226 -6.64 -6.80 -55.70
CA PRO G 226 -5.44 -7.61 -55.43
C PRO G 226 -5.58 -9.12 -55.58
N SER G 227 -6.68 -9.68 -55.08
CA SER G 227 -6.88 -11.12 -55.14
C SER G 227 -7.06 -11.72 -56.54
N ILE G 228 -7.34 -10.89 -57.53
CA ILE G 228 -7.53 -11.38 -58.89
C ILE G 228 -6.56 -10.77 -59.89
N ARG G 229 -5.49 -10.17 -59.40
CA ARG G 229 -4.50 -9.53 -60.26
C ARG G 229 -3.93 -10.43 -61.35
N ASP G 230 -3.88 -11.74 -61.11
CA ASP G 230 -3.35 -12.67 -62.12
C ASP G 230 -4.41 -13.06 -63.14
N GLN G 231 -5.56 -12.40 -63.10
CA GLN G 231 -6.65 -12.71 -64.03
C GLN G 231 -7.18 -11.45 -64.70
N VAL G 232 -6.60 -10.30 -64.36
CA VAL G 232 -7.05 -9.05 -64.92
C VAL G 232 -6.03 -8.39 -65.83
N GLU G 233 -6.46 -8.11 -67.05
CA GLU G 233 -5.60 -7.46 -68.03
C GLU G 233 -5.59 -5.99 -67.65
N GLY G 234 -4.39 -5.42 -67.53
CA GLY G 234 -4.27 -4.02 -67.18
C GLY G 234 -4.38 -3.76 -65.67
N THR G 235 -4.25 -4.82 -64.88
CA THR G 235 -4.33 -4.69 -63.42
C THR G 235 -3.40 -3.57 -62.96
N GLN G 236 -3.81 -2.84 -61.94
CA GLN G 236 -2.99 -1.75 -61.42
C GLN G 236 -2.43 -2.08 -60.04
N ILE G 237 -2.47 -3.37 -59.69
CA ILE G 237 -1.96 -3.83 -58.40
C ILE G 237 -0.52 -4.33 -58.50
N PRO G 238 0.42 -3.68 -57.79
CA PRO G 238 1.83 -4.09 -57.82
C PRO G 238 1.98 -5.51 -57.25
N ALA G 239 3.04 -6.20 -57.67
CA ALA G 239 3.30 -7.57 -57.24
C ALA G 239 3.28 -7.86 -55.74
N GLY G 240 3.86 -6.98 -54.92
CA GLY G 240 3.87 -7.23 -53.50
C GLY G 240 2.69 -6.70 -52.70
N VAL G 241 1.67 -6.19 -53.39
CA VAL G 241 0.49 -5.66 -52.72
C VAL G 241 -0.65 -6.66 -52.61
N LYS G 242 -1.20 -6.82 -51.41
CA LYS G 242 -2.29 -7.77 -51.18
C LYS G 242 -3.62 -7.10 -50.81
N ALA G 243 -3.59 -5.81 -50.49
CA ALA G 243 -4.82 -5.12 -50.13
C ALA G 243 -4.78 -3.64 -50.47
N VAL G 244 -5.98 -3.09 -50.69
CA VAL G 244 -6.15 -1.68 -51.00
C VAL G 244 -7.42 -1.14 -50.32
N TYR G 245 -7.36 0.11 -49.89
CA TYR G 245 -8.48 0.81 -49.27
C TYR G 245 -8.47 2.22 -49.85
N GLU G 246 -9.66 2.79 -50.06
CA GLU G 246 -9.80 4.12 -50.61
C GLU G 246 -10.53 5.00 -49.60
N ILE G 247 -10.23 6.30 -49.66
CA ILE G 247 -10.84 7.30 -48.80
C ILE G 247 -11.57 8.34 -49.66
N VAL G 248 -12.89 8.40 -49.54
CA VAL G 248 -13.67 9.39 -50.29
C VAL G 248 -13.92 10.60 -49.39
N ILE G 249 -13.78 11.79 -49.98
CA ILE G 249 -13.91 13.05 -49.26
C ILE G 249 -14.83 14.05 -49.97
N ASN G 250 -15.87 14.50 -49.27
CA ASN G 250 -16.80 15.49 -49.82
C ASN G 250 -16.53 16.78 -49.03
N GLY G 251 -16.78 17.93 -49.64
CA GLY G 251 -16.51 19.18 -48.93
C GLY G 251 -17.10 20.44 -49.53
N LEU G 252 -16.99 21.53 -48.79
CA LEU G 252 -17.54 22.82 -49.20
C LEU G 252 -16.85 23.48 -50.39
N ASN G 253 -15.56 23.18 -50.60
CA ASN G 253 -14.80 23.76 -51.71
C ASN G 253 -13.54 22.98 -52.02
N ALA G 254 -12.86 23.38 -53.09
CA ALA G 254 -11.63 22.71 -53.52
C ALA G 254 -10.51 22.78 -52.49
N ASP G 255 -10.33 23.92 -51.85
CA ASP G 255 -9.27 24.06 -50.85
C ASP G 255 -9.38 23.03 -49.74
N ALA G 256 -10.59 22.83 -49.23
CA ALA G 256 -10.81 21.86 -48.15
C ALA G 256 -10.46 20.45 -48.61
N ILE G 257 -10.98 20.09 -49.78
CA ILE G 257 -10.72 18.78 -50.34
C ILE G 257 -9.22 18.57 -50.45
N LYS G 258 -8.51 19.58 -50.95
CA LYS G 258 -7.06 19.49 -51.11
C LYS G 258 -6.32 19.34 -49.79
N GLU G 259 -6.77 20.03 -48.75
CA GLU G 259 -6.10 19.92 -47.47
C GLU G 259 -6.36 18.54 -46.86
N ALA G 260 -7.58 18.03 -47.08
CA ALA G 260 -7.98 16.74 -46.57
C ALA G 260 -7.17 15.60 -47.19
N THR G 261 -6.96 15.68 -48.51
CA THR G 261 -6.20 14.67 -49.23
C THR G 261 -4.77 14.65 -48.72
N ARG G 262 -4.20 15.85 -48.58
CA ARG G 262 -2.85 16.05 -48.10
C ARG G 262 -2.65 15.50 -46.69
N VAL G 263 -3.43 15.99 -45.74
CA VAL G 263 -3.33 15.55 -44.34
C VAL G 263 -3.55 14.04 -44.24
N GLY G 264 -4.48 13.53 -45.04
CA GLY G 264 -4.77 12.11 -45.04
C GLY G 264 -3.60 11.25 -45.48
N ILE G 265 -3.00 11.64 -46.60
CA ILE G 265 -1.86 10.89 -47.12
C ILE G 265 -0.67 10.95 -46.16
N LEU G 266 -0.43 12.11 -45.56
CA LEU G 266 0.67 12.24 -44.60
C LEU G 266 0.48 11.27 -43.44
N ALA G 267 -0.74 11.17 -42.94
CA ALA G 267 -1.02 10.28 -41.81
C ALA G 267 -0.89 8.81 -42.17
N ALA G 268 -1.38 8.46 -43.36
CA ALA G 268 -1.36 7.07 -43.84
C ALA G 268 0.03 6.50 -44.03
N THR G 269 0.89 7.29 -44.68
CA THR G 269 2.25 6.86 -44.97
C THR G 269 3.13 6.59 -43.76
N LYS G 270 2.54 6.68 -42.56
CA LYS G 270 3.30 6.44 -41.33
C LYS G 270 3.15 5.03 -40.79
N ILE G 271 2.23 4.28 -41.39
CA ILE G 271 1.96 2.89 -40.97
C ILE G 271 2.81 1.89 -41.75
N PRO G 272 3.50 0.98 -41.04
CA PRO G 272 4.35 -0.03 -41.70
C PRO G 272 3.58 -0.93 -42.65
N GLY G 273 4.17 -1.19 -43.82
CA GLY G 273 3.53 -2.08 -44.77
C GLY G 273 2.84 -1.40 -45.94
N VAL G 274 2.79 -0.07 -45.93
CA VAL G 274 2.17 0.67 -47.03
C VAL G 274 3.17 0.71 -48.17
N VAL G 275 2.77 0.22 -49.34
CA VAL G 275 3.66 0.17 -50.49
C VAL G 275 3.52 1.30 -51.49
N LYS G 276 2.30 1.81 -51.67
CA LYS G 276 2.08 2.89 -52.65
C LYS G 276 0.78 3.66 -52.42
N ILE G 277 0.78 4.93 -52.81
CA ILE G 277 -0.38 5.80 -52.70
C ILE G 277 -0.72 6.30 -54.10
N THR G 278 -2.01 6.39 -54.40
CA THR G 278 -2.46 6.88 -55.71
C THR G 278 -3.86 7.48 -55.56
N ALA G 279 -4.58 7.64 -56.67
CA ALA G 279 -5.93 8.21 -56.62
C ALA G 279 -6.82 7.69 -57.76
N GLY G 280 -8.11 7.94 -57.65
CA GLY G 280 -9.04 7.47 -58.67
C GLY G 280 -9.61 8.55 -59.55
N ASN G 281 -9.54 8.35 -60.86
CA ASN G 281 -10.07 9.30 -61.82
C ASN G 281 -10.73 8.57 -62.99
N TYR G 282 -11.26 9.34 -63.94
CA TYR G 282 -11.92 8.77 -65.11
C TYR G 282 -11.37 9.34 -66.40
N GLY G 283 -10.11 9.73 -66.38
CA GLY G 283 -9.45 10.27 -67.57
C GLY G 283 -9.59 11.75 -67.88
N GLY G 284 -10.63 12.40 -67.36
CA GLY G 284 -10.80 13.81 -67.63
C GLY G 284 -12.26 14.18 -67.83
N LYS G 285 -13.03 13.30 -68.47
CA LYS G 285 -14.45 13.55 -68.68
C LYS G 285 -15.16 13.33 -67.36
N LEU G 286 -16.47 13.24 -67.40
CA LEU G 286 -17.27 13.00 -66.19
C LEU G 286 -17.15 14.10 -65.14
N GLY G 287 -16.03 14.14 -64.43
CA GLY G 287 -15.84 15.13 -63.40
C GLY G 287 -15.52 16.53 -63.88
N LYS G 288 -15.36 17.43 -62.92
CA LYS G 288 -15.04 18.82 -63.23
C LYS G 288 -13.88 19.27 -62.35
N HIS G 289 -13.85 18.77 -61.12
CA HIS G 289 -12.79 19.17 -60.20
C HIS G 289 -11.70 18.11 -60.13
N ILE G 290 -10.49 18.52 -60.48
CA ILE G 290 -9.35 17.62 -60.46
C ILE G 290 -8.41 17.99 -59.33
N ILE G 291 -7.87 16.98 -58.65
CA ILE G 291 -6.94 17.19 -57.55
C ILE G 291 -5.66 16.44 -57.87
N ASN G 292 -4.62 17.18 -58.27
CA ASN G 292 -3.34 16.57 -58.60
C ASN G 292 -2.52 16.32 -57.34
N LEU G 293 -2.27 15.05 -57.01
CA LEU G 293 -1.49 14.72 -55.83
C LEU G 293 -0.17 15.46 -55.93
N ASN G 294 0.22 15.71 -57.17
CA ASN G 294 1.44 16.41 -57.59
C ASN G 294 1.69 17.71 -56.82
N GLU G 295 0.65 18.52 -56.70
CA GLU G 295 0.77 19.82 -56.05
C GLU G 295 0.47 19.86 -54.55
N LEU G 296 0.36 18.70 -53.92
CA LEU G 296 0.04 18.63 -52.49
C LEU G 296 1.23 18.41 -51.56
N PHE G 297 2.39 18.05 -52.13
CA PHE G 297 3.58 17.80 -51.32
C PHE G 297 4.84 18.44 -51.91
N MET H 1 -50.05 0.40 -10.44
CA MET H 1 -49.24 -0.47 -9.54
C MET H 1 -47.87 0.13 -9.29
N LYS H 2 -47.05 -0.58 -8.53
CA LYS H 2 -45.70 -0.13 -8.20
C LYS H 2 -44.63 -1.08 -8.73
N VAL H 3 -43.53 -0.50 -9.21
CA VAL H 3 -42.41 -1.27 -9.70
C VAL H 3 -41.20 -0.57 -9.12
N ASN H 4 -40.54 -1.23 -8.17
CA ASN H 4 -39.39 -0.65 -7.49
C ASN H 4 -39.73 0.71 -6.89
N GLY H 5 -40.92 0.81 -6.30
CA GLY H 5 -41.35 2.05 -5.68
C GLY H 5 -41.99 3.05 -6.62
N VAL H 6 -41.75 2.89 -7.92
CA VAL H 6 -42.30 3.82 -8.89
C VAL H 6 -43.67 3.41 -9.38
N GLU H 7 -44.56 4.40 -9.49
CA GLU H 7 -45.92 4.19 -9.96
C GLU H 7 -45.92 3.84 -11.43
N VAL H 8 -46.56 2.72 -11.78
CA VAL H 8 -46.66 2.30 -13.17
C VAL H 8 -48.14 2.15 -13.50
N GLU H 9 -48.65 3.03 -14.37
CA GLU H 9 -50.05 3.04 -14.76
C GLU H 9 -50.46 1.74 -15.45
N GLU H 10 -51.61 1.22 -15.07
CA GLU H 10 -52.10 -0.04 -15.65
C GLU H 10 -52.81 0.19 -16.97
N THR H 11 -52.01 0.47 -18.00
CA THR H 11 -52.52 0.71 -19.34
C THR H 11 -51.75 -0.21 -20.29
N PHE H 12 -51.87 0.04 -21.59
CA PHE H 12 -51.18 -0.82 -22.54
C PHE H 12 -50.49 -0.09 -23.68
N ALA H 13 -49.58 -0.79 -24.33
CA ALA H 13 -48.88 -0.24 -25.49
C ALA H 13 -49.60 -0.90 -26.65
N GLU H 14 -49.82 -0.16 -27.73
CA GLU H 14 -50.51 -0.68 -28.91
C GLU H 14 -49.52 -0.81 -30.05
N ALA H 15 -49.13 -2.03 -30.39
CA ALA H 15 -48.15 -2.29 -31.43
C ALA H 15 -48.72 -2.66 -32.81
N PHE H 16 -47.85 -2.71 -33.81
CA PHE H 16 -48.26 -3.00 -35.18
C PHE H 16 -47.40 -4.08 -35.85
N ASP H 17 -47.95 -4.70 -36.89
CA ASP H 17 -47.23 -5.71 -37.62
C ASP H 17 -46.20 -5.03 -38.52
N ILE H 18 -45.09 -5.72 -38.78
CA ILE H 18 -44.04 -5.18 -39.63
C ILE H 18 -43.13 -6.33 -40.06
N LYS H 19 -42.51 -6.20 -41.23
CA LYS H 19 -41.61 -7.22 -41.75
C LYS H 19 -40.19 -6.95 -41.23
N ILE H 20 -39.54 -7.98 -40.73
CA ILE H 20 -38.20 -7.79 -40.17
C ILE H 20 -37.19 -8.84 -40.62
N ALA H 21 -36.07 -8.39 -41.17
CA ALA H 21 -35.00 -9.31 -41.58
C ALA H 21 -33.87 -9.18 -40.55
N ARG H 22 -33.16 -10.27 -40.30
CA ARG H 22 -32.05 -10.29 -39.34
C ARG H 22 -30.77 -10.64 -40.10
N VAL H 23 -29.73 -9.82 -39.94
CA VAL H 23 -28.47 -10.02 -40.64
C VAL H 23 -27.28 -10.03 -39.70
N LEU H 24 -26.38 -11.00 -39.89
CA LEU H 24 -25.17 -11.10 -39.09
C LEU H 24 -24.01 -10.50 -39.88
N ILE H 25 -23.33 -9.53 -39.27
CA ILE H 25 -22.18 -8.87 -39.88
C ILE H 25 -20.98 -9.13 -38.97
N THR H 26 -19.91 -9.73 -39.52
CA THR H 26 -18.71 -9.98 -38.69
C THR H 26 -17.56 -9.14 -39.26
N GLY H 27 -16.45 -9.13 -38.55
CA GLY H 27 -15.28 -8.39 -38.98
C GLY H 27 -14.08 -8.80 -38.14
N TYR H 28 -12.95 -8.12 -38.29
CA TYR H 28 -11.74 -8.42 -37.51
C TYR H 28 -12.07 -8.51 -36.02
N ASP H 29 -12.81 -7.52 -35.52
CA ASP H 29 -13.18 -7.44 -34.10
C ASP H 29 -14.53 -6.72 -33.95
N TYR H 30 -14.95 -6.49 -32.70
CA TYR H 30 -16.22 -5.82 -32.46
C TYR H 30 -16.29 -4.40 -33.01
N TYR H 31 -15.15 -3.69 -33.00
CA TYR H 31 -15.15 -2.33 -33.52
C TYR H 31 -15.51 -2.26 -35.00
N TRP H 32 -14.78 -2.99 -35.84
CA TRP H 32 -15.04 -2.97 -37.27
C TRP H 32 -16.40 -3.56 -37.61
N ALA H 33 -16.85 -4.55 -36.84
CA ALA H 33 -18.17 -5.13 -37.09
C ALA H 33 -19.23 -4.07 -36.79
N TRP H 34 -19.05 -3.38 -35.66
CA TRP H 34 -19.99 -2.34 -35.25
C TRP H 34 -19.99 -1.19 -36.26
N VAL H 35 -18.82 -0.79 -36.72
CA VAL H 35 -18.71 0.29 -37.69
C VAL H 35 -19.69 0.08 -38.86
N ALA H 36 -19.76 -1.15 -39.36
CA ALA H 36 -20.65 -1.46 -40.47
C ALA H 36 -22.09 -1.49 -40.01
N ALA H 37 -22.36 -2.19 -38.91
CA ALA H 37 -23.73 -2.30 -38.41
C ALA H 37 -24.32 -0.92 -38.13
N ASN H 38 -23.50 -0.03 -37.56
CA ASN H 38 -23.95 1.32 -37.25
C ASN H 38 -24.38 2.10 -38.50
N GLU H 39 -23.52 2.14 -39.51
CA GLU H 39 -23.82 2.88 -40.72
C GLU H 39 -25.06 2.33 -41.43
N ALA H 40 -25.17 1.00 -41.44
CA ALA H 40 -26.27 0.33 -42.11
C ALA H 40 -27.63 0.53 -41.44
N THR H 41 -27.63 0.86 -40.15
CA THR H 41 -28.89 1.02 -39.44
C THR H 41 -29.32 2.45 -39.16
N GLY H 42 -28.51 3.42 -39.58
CA GLY H 42 -28.86 4.83 -39.38
C GLY H 42 -30.04 5.24 -40.26
N PHE H 43 -30.40 6.53 -40.21
CA PHE H 43 -31.54 7.09 -40.95
C PHE H 43 -32.66 6.05 -40.98
N GLY H 44 -33.00 5.54 -39.79
CA GLY H 44 -34.03 4.53 -39.68
C GLY H 44 -34.70 4.48 -38.33
N THR H 45 -35.32 5.58 -37.92
CA THR H 45 -36.01 5.65 -36.65
C THR H 45 -37.50 5.32 -36.79
N SER H 46 -38.11 5.76 -37.90
CA SER H 46 -39.52 5.52 -38.13
C SER H 46 -39.86 5.43 -39.62
N VAL H 47 -40.75 4.51 -39.97
CA VAL H 47 -41.13 4.36 -41.37
C VAL H 47 -41.94 5.55 -41.88
N ILE H 48 -42.36 6.43 -40.98
CA ILE H 48 -43.16 7.58 -41.41
C ILE H 48 -42.42 8.49 -42.39
N MET H 49 -41.12 8.68 -42.18
CA MET H 49 -40.33 9.51 -43.08
C MET H 49 -38.93 8.98 -43.35
N CYS H 50 -38.60 7.81 -42.81
CA CYS H 50 -37.30 7.18 -43.05
C CYS H 50 -37.59 6.00 -43.96
N PRO H 51 -36.59 5.57 -44.76
CA PRO H 51 -36.87 4.43 -45.65
C PRO H 51 -37.10 3.09 -44.93
N ALA H 52 -36.83 3.04 -43.63
CA ALA H 52 -37.03 1.82 -42.86
C ALA H 52 -36.72 2.05 -41.38
N GLU H 53 -36.98 1.03 -40.58
CA GLU H 53 -36.70 1.07 -39.15
C GLU H 53 -35.63 0.00 -38.95
N ALA H 54 -34.48 0.37 -38.40
CA ALA H 54 -33.41 -0.59 -38.21
C ALA H 54 -32.58 -0.32 -36.98
N GLY H 55 -31.71 -1.26 -36.62
CA GLY H 55 -30.87 -1.07 -35.45
C GLY H 55 -30.05 -2.29 -35.11
N ILE H 56 -29.10 -2.12 -34.21
CA ILE H 56 -28.25 -3.21 -33.77
C ILE H 56 -29.02 -4.01 -32.73
N GLU H 57 -29.07 -5.32 -32.90
CA GLU H 57 -29.80 -6.14 -31.93
C GLU H 57 -28.91 -6.62 -30.80
N ILE H 58 -27.92 -7.44 -31.12
CA ILE H 58 -27.06 -7.97 -30.07
C ILE H 58 -25.69 -8.40 -30.59
N LYS H 59 -24.71 -8.45 -29.68
CA LYS H 59 -23.35 -8.87 -30.02
C LYS H 59 -23.35 -10.34 -30.41
N ALA H 60 -22.43 -10.71 -31.29
CA ALA H 60 -22.28 -12.10 -31.71
C ALA H 60 -20.85 -12.50 -31.37
N LYS H 61 -20.68 -13.52 -30.52
CA LYS H 61 -19.34 -13.98 -30.12
C LYS H 61 -18.71 -14.84 -31.22
N PRO H 62 -17.38 -14.83 -31.34
CA PRO H 62 -16.76 -15.67 -32.38
C PRO H 62 -17.19 -17.13 -32.31
N SER H 63 -17.41 -17.64 -31.10
CA SER H 63 -17.82 -19.03 -30.93
C SER H 63 -19.18 -19.33 -31.56
N GLU H 64 -19.95 -18.30 -31.86
CA GLU H 64 -21.29 -18.48 -32.44
C GLU H 64 -21.49 -18.04 -33.89
N THR H 65 -20.44 -17.56 -34.55
CA THR H 65 -20.57 -17.11 -35.94
C THR H 65 -20.01 -18.14 -36.92
N PRO H 66 -20.56 -18.18 -38.14
CA PRO H 66 -20.13 -19.12 -39.17
C PRO H 66 -18.64 -19.12 -39.45
N ASP H 67 -18.01 -17.95 -39.45
CA ASP H 67 -16.58 -17.84 -39.73
C ASP H 67 -15.69 -17.77 -38.48
N GLY H 68 -16.30 -17.84 -37.31
CA GLY H 68 -15.56 -17.78 -36.06
C GLY H 68 -15.00 -16.39 -35.73
N ARG H 69 -15.64 -15.34 -36.26
CA ARG H 69 -15.18 -13.98 -35.99
C ARG H 69 -16.21 -13.18 -35.20
N PRO H 70 -15.75 -12.13 -34.48
CA PRO H 70 -16.63 -11.27 -33.68
C PRO H 70 -17.63 -10.59 -34.61
N GLY H 71 -18.78 -10.22 -34.10
CA GLY H 71 -19.75 -9.54 -34.94
C GLY H 71 -20.97 -9.00 -34.22
N TYR H 72 -21.97 -8.59 -34.99
CA TYR H 72 -23.22 -8.05 -34.47
C TYR H 72 -24.40 -8.44 -35.35
N TYR H 73 -25.55 -8.64 -34.72
CA TYR H 73 -26.79 -8.96 -35.41
C TYR H 73 -27.59 -7.66 -35.45
N ILE H 74 -28.12 -7.33 -36.63
CA ILE H 74 -28.93 -6.12 -36.78
C ILE H 74 -30.29 -6.48 -37.34
N GLN H 75 -31.27 -5.61 -37.16
CA GLN H 75 -32.61 -5.86 -37.70
C GLN H 75 -32.97 -4.69 -38.61
N ILE H 76 -33.59 -5.00 -39.74
CA ILE H 76 -34.03 -4.00 -40.69
C ILE H 76 -35.52 -4.26 -40.86
N CYS H 77 -36.34 -3.22 -40.69
CA CYS H 77 -37.79 -3.37 -40.78
C CYS H 77 -38.49 -2.52 -41.82
N HIS H 78 -39.59 -3.04 -42.37
CA HIS H 78 -40.38 -2.33 -43.38
C HIS H 78 -41.78 -2.96 -43.40
N MET H 79 -42.77 -2.17 -43.79
CA MET H 79 -44.16 -2.64 -43.83
C MET H 79 -44.45 -3.67 -44.91
N SER H 80 -43.68 -3.69 -45.99
CA SER H 80 -43.94 -4.65 -47.05
C SER H 80 -42.73 -5.47 -47.49
N LYS H 81 -43.00 -6.63 -48.08
CA LYS H 81 -41.95 -7.52 -48.55
C LYS H 81 -41.02 -6.88 -49.57
N LYS H 82 -41.58 -6.31 -50.63
CA LYS H 82 -40.73 -5.69 -51.64
C LYS H 82 -40.01 -4.50 -51.04
N GLY H 83 -40.67 -3.81 -50.10
CA GLY H 83 -40.03 -2.67 -49.47
C GLY H 83 -38.81 -3.15 -48.67
N LEU H 84 -39.01 -4.21 -47.89
CA LEU H 84 -37.92 -4.76 -47.09
C LEU H 84 -36.84 -5.30 -48.01
N GLU H 85 -37.22 -6.10 -49.01
CA GLU H 85 -36.24 -6.65 -49.95
C GLU H 85 -35.34 -5.53 -50.44
N GLU H 86 -35.97 -4.39 -50.74
CA GLU H 86 -35.28 -3.21 -51.25
C GLU H 86 -34.32 -2.60 -50.25
N GLN H 87 -34.76 -2.47 -49.00
CA GLN H 87 -33.91 -1.90 -47.96
C GLN H 87 -32.70 -2.77 -47.64
N LEU H 88 -32.83 -4.08 -47.80
CA LEU H 88 -31.70 -4.97 -47.54
C LEU H 88 -30.61 -4.75 -48.59
N LEU H 89 -31.02 -4.72 -49.85
CA LEU H 89 -30.08 -4.52 -50.95
C LEU H 89 -29.36 -3.17 -50.86
N ALA H 90 -30.13 -2.12 -50.57
CA ALA H 90 -29.56 -0.78 -50.47
C ALA H 90 -28.64 -0.57 -49.27
N ARG H 91 -29.12 -0.92 -48.08
CA ARG H 91 -28.32 -0.73 -46.88
C ARG H 91 -27.08 -1.65 -46.80
N LEU H 92 -27.23 -2.94 -47.09
CA LEU H 92 -26.09 -3.84 -47.03
C LEU H 92 -25.13 -3.59 -48.18
N GLY H 93 -25.68 -3.28 -49.35
CA GLY H 93 -24.84 -3.05 -50.51
C GLY H 93 -24.05 -1.78 -50.46
N GLN H 94 -24.61 -0.74 -49.85
CA GLN H 94 -23.94 0.55 -49.74
C GLN H 94 -23.21 0.80 -48.42
N CYS H 95 -23.60 0.09 -47.37
CA CYS H 95 -23.00 0.31 -46.05
C CYS H 95 -22.26 -0.84 -45.40
N VAL H 96 -22.39 -2.04 -45.95
CA VAL H 96 -21.72 -3.21 -45.39
C VAL H 96 -20.73 -3.81 -46.38
N LEU H 97 -21.18 -4.03 -47.60
CA LEU H 97 -20.31 -4.57 -48.65
C LEU H 97 -19.17 -3.59 -48.87
N THR H 98 -19.37 -2.34 -48.45
CA THR H 98 -18.35 -1.31 -48.62
C THR H 98 -17.53 -1.02 -47.34
N ALA H 99 -17.84 -1.70 -46.24
CA ALA H 99 -17.15 -1.50 -44.97
C ALA H 99 -15.91 -2.38 -44.77
N PRO H 100 -14.90 -1.90 -44.05
CA PRO H 100 -13.71 -2.74 -43.88
C PRO H 100 -13.86 -4.09 -43.14
N THR H 101 -13.23 -5.10 -43.73
CA THR H 101 -13.17 -6.47 -43.21
C THR H 101 -14.47 -7.24 -42.99
N THR H 102 -15.59 -6.69 -43.44
CA THR H 102 -16.86 -7.37 -43.22
C THR H 102 -17.17 -8.60 -44.05
N ALA H 103 -18.13 -9.35 -43.52
CA ALA H 103 -18.67 -10.56 -44.14
C ALA H 103 -20.09 -10.59 -43.59
N VAL H 104 -21.04 -11.06 -44.37
CA VAL H 104 -22.40 -11.12 -43.85
C VAL H 104 -23.02 -12.50 -44.07
N PHE H 105 -23.81 -12.94 -43.10
CA PHE H 105 -24.47 -14.23 -43.18
C PHE H 105 -25.93 -14.07 -42.81
N ASN H 106 -26.71 -15.14 -42.99
CA ASN H 106 -28.13 -15.12 -42.67
C ASN H 106 -28.31 -15.05 -41.16
N GLY H 107 -29.09 -14.09 -40.69
CA GLY H 107 -29.34 -13.94 -39.27
C GLY H 107 -30.48 -14.80 -38.75
N LEU H 108 -31.28 -15.34 -39.68
CA LEU H 108 -32.40 -16.21 -39.32
C LEU H 108 -32.30 -17.44 -40.21
N PRO H 109 -31.31 -18.32 -39.94
CA PRO H 109 -31.09 -19.56 -40.70
C PRO H 109 -32.31 -20.42 -41.04
N ASP H 110 -33.17 -20.71 -40.07
CA ASP H 110 -34.34 -21.53 -40.39
C ASP H 110 -35.64 -20.76 -40.48
N ALA H 111 -35.60 -19.62 -41.15
CA ALA H 111 -36.80 -18.81 -41.36
C ALA H 111 -37.47 -19.32 -42.63
N GLU H 112 -38.79 -19.48 -42.59
CA GLU H 112 -39.53 -19.95 -43.75
C GLU H 112 -39.22 -19.08 -44.96
N GLU H 113 -39.61 -17.81 -44.85
CA GLU H 113 -39.41 -16.84 -45.92
C GLU H 113 -37.99 -16.32 -45.91
N LYS H 114 -37.38 -16.27 -47.08
CA LYS H 114 -36.01 -15.82 -47.23
C LYS H 114 -35.90 -14.91 -48.44
N ASP H 115 -34.89 -14.04 -48.42
CA ASP H 115 -34.66 -13.13 -49.53
C ASP H 115 -33.26 -13.44 -50.07
N ASP H 116 -33.09 -13.34 -51.39
CA ASP H 116 -31.79 -13.65 -52.00
C ASP H 116 -30.85 -12.45 -52.19
N THR H 117 -30.62 -11.68 -51.14
CA THR H 117 -29.75 -10.52 -51.26
C THR H 117 -28.32 -10.92 -51.64
N GLY H 118 -27.87 -12.06 -51.11
CA GLY H 118 -26.53 -12.53 -51.41
C GLY H 118 -26.33 -12.83 -52.88
N PHE H 119 -27.32 -13.44 -53.51
CA PHE H 119 -27.19 -13.76 -54.92
C PHE H 119 -27.20 -12.47 -55.75
N LYS H 120 -28.01 -11.50 -55.36
CA LYS H 120 -28.09 -10.25 -56.10
C LYS H 120 -26.90 -9.31 -55.94
N LEU H 121 -26.39 -9.14 -54.73
CA LEU H 121 -25.25 -8.25 -54.52
C LEU H 121 -23.96 -8.76 -55.13
N LYS H 122 -23.80 -10.07 -55.19
CA LYS H 122 -22.57 -10.66 -55.72
C LYS H 122 -22.37 -10.40 -57.21
N PHE H 123 -23.33 -9.76 -57.85
CA PHE H 123 -23.20 -9.43 -59.27
C PHE H 123 -22.22 -8.26 -59.38
N PHE H 124 -21.98 -7.59 -58.26
CA PHE H 124 -21.06 -6.45 -58.19
C PHE H 124 -19.67 -6.90 -58.65
N ALA H 125 -19.44 -8.21 -58.59
CA ALA H 125 -18.17 -8.82 -58.97
C ALA H 125 -17.93 -8.78 -60.49
N ASP H 126 -18.99 -8.52 -61.25
CA ASP H 126 -18.90 -8.45 -62.71
C ASP H 126 -18.15 -9.63 -63.35
N GLY H 127 -18.51 -10.85 -62.93
CA GLY H 127 -17.86 -12.02 -63.49
C GLY H 127 -16.84 -12.73 -62.63
N TYR H 128 -16.14 -12.00 -61.77
CA TYR H 128 -15.11 -12.61 -60.93
C TYR H 128 -15.62 -13.25 -59.63
N GLN H 129 -16.92 -13.30 -59.44
CA GLN H 129 -17.47 -13.90 -58.22
C GLN H 129 -17.19 -15.40 -58.13
N LYS H 130 -16.95 -15.86 -56.91
CA LYS H 130 -16.67 -17.27 -56.65
C LYS H 130 -17.57 -17.78 -55.53
N GLU H 131 -18.02 -19.02 -55.66
CA GLU H 131 -18.88 -19.62 -54.65
C GLU H 131 -18.01 -20.28 -53.60
N VAL H 132 -18.40 -20.18 -52.34
CA VAL H 132 -17.64 -20.79 -51.25
C VAL H 132 -18.55 -21.14 -50.08
N GLU H 133 -18.16 -22.14 -49.31
CA GLU H 133 -18.95 -22.52 -48.15
C GLU H 133 -18.18 -22.14 -46.89
N VAL H 134 -18.84 -21.39 -46.02
CA VAL H 134 -18.22 -20.97 -44.76
C VAL H 134 -19.07 -21.47 -43.60
N GLY H 135 -18.49 -22.35 -42.79
CA GLY H 135 -19.21 -22.90 -41.66
C GLY H 135 -20.58 -23.46 -42.02
N GLY H 136 -20.66 -24.14 -43.15
CA GLY H 136 -21.94 -24.72 -43.56
C GLY H 136 -22.83 -23.80 -44.37
N ARG H 137 -22.55 -22.50 -44.36
CA ARG H 137 -23.38 -21.58 -45.12
C ARG H 137 -22.89 -21.47 -46.57
N LYS H 138 -23.82 -21.33 -47.52
CA LYS H 138 -23.43 -21.21 -48.93
C LYS H 138 -23.26 -19.73 -49.22
N CYS H 139 -22.05 -19.32 -49.60
CA CYS H 139 -21.77 -17.92 -49.87
C CYS H 139 -21.10 -17.62 -51.19
N TRP H 140 -20.87 -16.32 -51.40
CA TRP H 140 -20.20 -15.84 -52.60
C TRP H 140 -19.02 -14.96 -52.19
N ALA H 141 -17.92 -15.11 -52.92
CA ALA H 141 -16.73 -14.32 -52.69
C ALA H 141 -16.75 -13.23 -53.77
N VAL H 142 -16.79 -11.97 -53.33
CA VAL H 142 -16.84 -10.81 -54.23
C VAL H 142 -15.52 -10.04 -54.18
N PRO H 143 -14.67 -10.21 -55.21
CA PRO H 143 -13.35 -9.57 -55.34
C PRO H 143 -13.42 -8.04 -55.44
N MET H 144 -12.80 -7.35 -54.49
CA MET H 144 -12.79 -5.89 -54.49
C MET H 144 -11.43 -5.35 -54.00
N MET H 145 -11.36 -4.05 -53.72
CA MET H 145 -10.09 -3.46 -53.27
C MET H 145 -9.42 -4.10 -52.05
N GLU H 146 -10.17 -4.28 -50.97
CA GLU H 146 -9.60 -4.83 -49.75
C GLU H 146 -9.31 -6.33 -49.82
N GLY H 147 -9.94 -7.01 -50.76
CA GLY H 147 -9.75 -8.44 -50.90
C GLY H 147 -11.08 -9.04 -51.31
N ASP H 148 -11.43 -10.20 -50.76
CA ASP H 148 -12.70 -10.83 -51.11
C ASP H 148 -13.79 -10.68 -50.04
N PHE H 149 -14.91 -10.10 -50.44
CA PHE H 149 -16.04 -9.90 -49.55
C PHE H 149 -16.89 -11.17 -49.57
N ILE H 150 -17.21 -11.70 -48.40
CA ILE H 150 -18.02 -12.91 -48.30
C ILE H 150 -19.45 -12.65 -47.82
N ILE H 151 -20.44 -13.01 -48.63
CA ILE H 151 -21.86 -12.84 -48.28
C ILE H 151 -22.71 -14.07 -48.61
N GLU H 152 -23.50 -14.53 -47.63
CA GLU H 152 -24.35 -15.69 -47.82
C GLU H 152 -25.40 -15.39 -48.92
N ASN H 153 -25.81 -16.41 -49.66
CA ASN H 153 -26.77 -16.22 -50.74
C ASN H 153 -28.11 -15.60 -50.34
N ASP H 154 -28.70 -16.07 -49.25
CA ASP H 154 -29.99 -15.57 -48.78
C ASP H 154 -29.98 -14.93 -47.39
N ILE H 155 -31.06 -14.22 -47.08
CA ILE H 155 -31.25 -13.57 -45.79
C ILE H 155 -32.72 -13.79 -45.42
N GLY H 156 -32.98 -14.30 -44.22
CA GLY H 156 -34.34 -14.56 -43.81
C GLY H 156 -35.04 -13.39 -43.16
N TYR H 157 -36.37 -13.41 -43.23
CA TYR H 157 -37.18 -12.37 -42.63
C TYR H 157 -38.42 -12.99 -42.00
N THR H 158 -39.14 -12.24 -41.17
CA THR H 158 -40.33 -12.76 -40.50
C THR H 158 -41.34 -11.66 -40.21
N ASN H 159 -42.52 -12.05 -39.76
CA ASN H 159 -43.54 -11.06 -39.42
C ASN H 159 -43.31 -10.63 -37.97
N GLY H 160 -42.72 -9.46 -37.79
CA GLY H 160 -42.42 -8.98 -36.46
C GLY H 160 -43.39 -7.92 -35.95
N ILE H 161 -42.98 -7.24 -34.90
CA ILE H 161 -43.80 -6.21 -34.28
C ILE H 161 -43.01 -4.92 -34.14
N ALA H 162 -43.65 -3.80 -34.45
CA ALA H 162 -43.02 -2.48 -34.35
C ALA H 162 -43.93 -1.60 -33.51
N GLY H 163 -43.36 -0.86 -32.57
CA GLY H 163 -44.20 0.02 -31.76
C GLY H 163 -44.32 -0.32 -30.28
N GLY H 164 -43.58 -1.33 -29.82
CA GLY H 164 -43.63 -1.64 -28.41
C GLY H 164 -43.11 -0.39 -27.74
N ASN H 165 -43.63 -0.04 -26.56
CA ASN H 165 -43.15 1.16 -25.89
C ASN H 165 -43.62 1.31 -24.45
N PHE H 166 -43.06 2.33 -23.80
CA PHE H 166 -43.42 2.72 -22.44
C PHE H 166 -42.86 4.12 -22.27
N PHE H 167 -43.54 4.96 -21.49
CA PHE H 167 -43.09 6.33 -21.28
C PHE H 167 -42.45 6.47 -19.90
N ILE H 168 -41.48 7.37 -19.79
CA ILE H 168 -40.83 7.61 -18.50
C ILE H 168 -41.12 9.08 -18.17
N MET H 169 -41.67 9.32 -16.99
CA MET H 169 -42.00 10.68 -16.55
C MET H 169 -41.16 11.05 -15.32
N ALA H 170 -40.54 12.23 -15.35
CA ALA H 170 -39.69 12.65 -14.23
C ALA H 170 -39.79 14.13 -13.83
N GLU H 171 -39.17 14.45 -12.70
CA GLU H 171 -39.17 15.80 -12.14
C GLU H 171 -38.32 16.80 -12.91
N THR H 172 -37.33 16.30 -13.64
CA THR H 172 -36.44 17.15 -14.44
C THR H 172 -36.11 16.41 -15.75
N GLN H 173 -35.60 17.14 -16.73
CA GLN H 173 -35.26 16.54 -18.00
C GLN H 173 -34.15 15.49 -17.83
N PRO H 174 -33.06 15.83 -17.12
CA PRO H 174 -31.97 14.87 -16.91
C PRO H 174 -32.40 13.58 -16.25
N SER H 175 -33.34 13.66 -15.30
CA SER H 175 -33.82 12.48 -14.60
C SER H 175 -34.53 11.53 -15.55
N ALA H 176 -35.39 12.09 -16.41
CA ALA H 176 -36.12 11.26 -17.35
C ALA H 176 -35.13 10.63 -18.35
N LEU H 177 -34.18 11.42 -18.83
CA LEU H 177 -33.19 10.96 -19.78
C LEU H 177 -32.25 9.86 -19.23
N ALA H 178 -31.74 10.06 -18.02
CA ALA H 178 -30.84 9.06 -17.42
C ALA H 178 -31.57 7.73 -17.27
N ALA H 179 -32.85 7.81 -16.92
CA ALA H 179 -33.67 6.61 -16.75
C ALA H 179 -33.89 5.97 -18.11
N ALA H 180 -34.07 6.80 -19.13
CA ALA H 180 -34.28 6.31 -20.47
C ALA H 180 -33.01 5.65 -21.01
N LYS H 181 -31.86 6.25 -20.73
CA LYS H 181 -30.58 5.70 -21.17
C LYS H 181 -30.29 4.36 -20.49
N ALA H 182 -30.65 4.28 -19.22
CA ALA H 182 -30.45 3.04 -18.47
C ALA H 182 -31.33 1.96 -19.10
N ALA H 183 -32.53 2.34 -19.51
CA ALA H 183 -33.48 1.43 -20.13
C ALA H 183 -32.91 0.85 -21.43
N VAL H 184 -32.33 1.73 -22.25
CA VAL H 184 -31.75 1.32 -23.51
C VAL H 184 -30.61 0.33 -23.25
N ASP H 185 -29.73 0.65 -22.31
CA ASP H 185 -28.62 -0.25 -21.99
C ASP H 185 -29.13 -1.61 -21.56
N ALA H 186 -30.12 -1.63 -20.67
CA ALA H 186 -30.69 -2.87 -20.18
C ALA H 186 -31.27 -3.68 -21.35
N ILE H 187 -31.99 -3.00 -22.23
CA ILE H 187 -32.60 -3.68 -23.38
C ILE H 187 -31.57 -4.19 -24.39
N SER H 188 -30.43 -3.51 -24.50
CA SER H 188 -29.38 -3.94 -25.44
C SER H 188 -29.00 -5.41 -25.29
N ASP H 189 -29.17 -5.95 -24.08
CA ASP H 189 -28.83 -7.36 -23.83
C ASP H 189 -29.95 -8.36 -24.17
N VAL H 190 -31.15 -7.85 -24.44
CA VAL H 190 -32.29 -8.71 -24.75
C VAL H 190 -32.29 -9.23 -26.19
N GLU H 191 -32.37 -10.54 -26.37
CA GLU H 191 -32.34 -11.09 -27.72
C GLU H 191 -33.65 -10.86 -28.48
N GLY H 192 -33.53 -10.73 -29.81
CA GLY H 192 -34.68 -10.54 -30.68
C GLY H 192 -35.35 -9.18 -30.76
N VAL H 193 -34.73 -8.15 -30.19
CA VAL H 193 -35.32 -6.81 -30.18
C VAL H 193 -34.34 -5.67 -30.49
N ILE H 194 -34.89 -4.53 -30.90
CA ILE H 194 -34.08 -3.34 -31.18
C ILE H 194 -34.82 -2.08 -30.73
N THR H 195 -34.08 -1.00 -30.54
CA THR H 195 -34.65 0.29 -30.16
C THR H 195 -34.10 1.18 -31.28
N PRO H 196 -34.91 1.45 -32.32
CA PRO H 196 -34.60 2.24 -33.51
C PRO H 196 -34.47 3.77 -33.43
N PHE H 197 -34.95 4.41 -32.39
CA PHE H 197 -34.78 5.85 -32.34
C PHE H 197 -33.33 6.24 -31.99
N PRO H 198 -32.99 7.55 -32.08
CA PRO H 198 -31.63 8.01 -31.76
C PRO H 198 -31.18 7.58 -30.38
N GLY H 199 -30.11 6.78 -30.31
CA GLY H 199 -29.64 6.30 -29.03
C GLY H 199 -30.70 5.40 -28.43
N GLY H 200 -31.69 5.06 -29.25
CA GLY H 200 -32.79 4.21 -28.81
C GLY H 200 -33.85 4.97 -28.02
N ILE H 201 -33.71 6.29 -27.94
CA ILE H 201 -34.65 7.12 -27.18
C ILE H 201 -35.49 8.13 -27.98
N VAL H 202 -36.79 8.19 -27.67
CA VAL H 202 -37.73 9.11 -28.30
C VAL H 202 -37.92 10.36 -27.42
N ALA H 203 -37.51 11.51 -27.94
CA ALA H 203 -37.62 12.77 -27.22
C ALA H 203 -38.85 13.55 -27.67
N SER H 204 -39.42 13.16 -28.80
CA SER H 204 -40.58 13.87 -29.35
C SER H 204 -41.95 13.31 -28.98
N GLY H 205 -42.24 12.12 -29.47
CA GLY H 205 -43.53 11.51 -29.21
C GLY H 205 -44.46 12.06 -30.26
N SER H 206 -45.61 11.44 -30.48
CA SER H 206 -46.53 11.95 -31.49
C SER H 206 -47.95 11.39 -31.39
N LYS H 207 -48.82 11.99 -32.19
CA LYS H 207 -50.22 11.60 -32.30
C LYS H 207 -50.53 11.62 -33.79
N VAL H 208 -51.30 10.66 -34.27
CA VAL H 208 -51.64 10.61 -35.68
C VAL H 208 -52.45 11.86 -36.06
N GLY H 209 -52.18 12.41 -37.24
CA GLY H 209 -52.90 13.59 -37.68
C GLY H 209 -52.54 14.85 -36.91
N ALA H 210 -53.42 15.84 -36.94
CA ALA H 210 -53.22 17.10 -36.24
C ALA H 210 -54.56 17.77 -35.95
N ASN H 211 -54.56 18.68 -34.98
CA ASN H 211 -55.76 19.40 -34.60
C ASN H 211 -55.89 20.71 -35.37
N LYS H 212 -54.75 21.35 -35.65
CA LYS H 212 -54.77 22.63 -36.36
C LYS H 212 -54.31 22.55 -37.82
N TYR H 213 -53.24 21.82 -38.08
CA TYR H 213 -52.71 21.69 -39.43
C TYR H 213 -53.06 20.32 -40.00
N LYS H 214 -54.31 20.20 -40.47
CA LYS H 214 -54.83 18.96 -41.04
C LYS H 214 -54.07 18.36 -42.22
N PHE H 215 -53.17 19.13 -42.84
CA PHE H 215 -52.42 18.58 -43.97
C PHE H 215 -51.23 17.78 -43.47
N LEU H 216 -51.08 17.67 -42.16
CA LEU H 216 -49.99 16.92 -41.56
C LEU H 216 -50.42 15.48 -41.31
N LYS H 217 -49.47 14.55 -41.44
CA LYS H 217 -49.73 13.13 -41.24
C LYS H 217 -49.56 12.76 -39.76
N ALA H 218 -48.81 13.58 -39.04
CA ALA H 218 -48.57 13.36 -37.61
C ALA H 218 -48.10 14.66 -36.98
N SER H 219 -48.39 14.84 -35.71
CA SER H 219 -48.00 16.06 -35.00
C SER H 219 -47.65 15.75 -33.55
N THR H 220 -47.14 16.74 -32.83
CA THR H 220 -46.78 16.55 -31.44
C THR H 220 -48.03 16.15 -30.66
N ASN H 221 -47.88 15.29 -29.66
CA ASN H 221 -49.01 14.89 -28.83
C ASN H 221 -48.97 15.87 -27.68
N GLU H 222 -49.65 17.00 -27.86
CA GLU H 222 -49.68 18.06 -26.86
C GLU H 222 -50.09 17.63 -25.46
N LYS H 223 -50.88 16.56 -25.34
CA LYS H 223 -51.31 16.10 -24.02
C LYS H 223 -50.13 15.54 -23.22
N PHE H 224 -49.04 15.19 -23.90
CA PHE H 224 -47.86 14.66 -23.23
C PHE H 224 -46.68 15.61 -23.34
N ALA H 225 -46.96 16.89 -23.54
CA ALA H 225 -45.92 17.89 -23.64
C ALA H 225 -46.00 18.74 -22.37
N PRO H 226 -45.18 18.42 -21.38
CA PRO H 226 -45.19 19.16 -20.10
C PRO H 226 -44.99 20.67 -20.18
N SER H 227 -44.30 21.16 -21.20
CA SER H 227 -44.05 22.60 -21.31
C SER H 227 -45.29 23.40 -21.73
N ILE H 228 -46.44 22.74 -21.85
CA ILE H 228 -47.65 23.45 -22.24
C ILE H 228 -48.90 22.91 -21.55
N ARG H 229 -48.69 22.09 -20.53
CA ARG H 229 -49.80 21.49 -19.80
C ARG H 229 -50.80 22.49 -19.21
N ASP H 230 -50.40 23.75 -19.07
CA ASP H 230 -51.33 24.75 -18.54
C ASP H 230 -52.31 25.19 -19.61
N GLN H 231 -52.10 24.71 -20.83
CA GLN H 231 -52.96 25.06 -21.95
C GLN H 231 -53.76 23.88 -22.51
N VAL H 232 -53.15 22.70 -22.51
CA VAL H 232 -53.82 21.52 -23.01
C VAL H 232 -54.87 21.04 -22.02
N GLU H 233 -56.14 21.09 -22.42
CA GLU H 233 -57.27 20.70 -21.59
C GLU H 233 -57.12 19.33 -20.93
N GLY H 234 -57.08 18.27 -21.75
CA GLY H 234 -56.95 16.93 -21.19
C GLY H 234 -55.50 16.47 -21.03
N THR H 235 -54.62 17.39 -20.67
CA THR H 235 -53.20 17.06 -20.48
C THR H 235 -53.04 15.91 -19.50
N GLN H 236 -52.15 14.96 -19.81
CA GLN H 236 -51.92 13.83 -18.91
C GLN H 236 -50.57 13.93 -18.22
N ILE H 237 -50.07 15.16 -18.10
CA ILE H 237 -48.80 15.40 -17.44
C ILE H 237 -49.06 15.82 -16.00
N PRO H 238 -48.74 14.95 -15.02
CA PRO H 238 -48.97 15.30 -13.61
C PRO H 238 -48.28 16.62 -13.26
N ALA H 239 -48.78 17.30 -12.23
CA ALA H 239 -48.24 18.60 -11.81
C ALA H 239 -46.73 18.67 -11.53
N GLY H 240 -46.14 17.57 -11.07
CA GLY H 240 -44.72 17.60 -10.78
C GLY H 240 -43.81 17.08 -11.89
N VAL H 241 -44.39 16.78 -13.04
CA VAL H 241 -43.60 16.26 -14.17
C VAL H 241 -43.15 17.36 -15.12
N LYS H 242 -41.84 17.45 -15.31
CA LYS H 242 -41.26 18.46 -16.18
C LYS H 242 -40.80 17.91 -17.52
N ALA H 243 -40.62 16.60 -17.61
CA ALA H 243 -40.16 15.98 -18.85
C ALA H 243 -40.55 14.52 -18.99
N VAL H 244 -40.64 14.06 -20.23
CA VAL H 244 -41.01 12.67 -20.54
C VAL H 244 -40.17 12.17 -21.71
N TYR H 245 -39.83 10.88 -21.66
CA TYR H 245 -39.12 10.21 -22.74
C TYR H 245 -39.82 8.87 -22.99
N GLU H 246 -39.75 8.41 -24.24
CA GLU H 246 -40.38 7.16 -24.61
C GLU H 246 -39.34 6.22 -25.21
N ILE H 247 -39.57 4.92 -25.04
CA ILE H 247 -38.66 3.93 -25.60
C ILE H 247 -39.48 3.13 -26.61
N VAL H 248 -39.07 3.14 -27.87
CA VAL H 248 -39.78 2.37 -28.90
C VAL H 248 -39.02 1.07 -29.06
N ILE H 249 -39.76 -0.03 -29.17
CA ILE H 249 -39.18 -1.35 -29.28
C ILE H 249 -39.74 -2.15 -30.44
N ASN H 250 -38.85 -2.66 -31.29
CA ASN H 250 -39.24 -3.49 -32.44
C ASN H 250 -38.62 -4.86 -32.18
N GLY H 251 -39.32 -5.93 -32.54
CA GLY H 251 -38.77 -7.25 -32.28
C GLY H 251 -39.36 -8.38 -33.09
N LEU H 252 -38.68 -9.52 -33.07
CA LEU H 252 -39.10 -10.70 -33.82
C LEU H 252 -40.46 -11.28 -33.44
N ASN H 253 -40.84 -11.17 -32.15
CA ASN H 253 -42.13 -11.69 -31.68
C ASN H 253 -42.63 -11.02 -30.41
N ALA H 254 -43.84 -11.36 -29.98
CA ALA H 254 -44.44 -10.76 -28.80
C ALA H 254 -43.71 -11.02 -27.49
N ASP H 255 -43.24 -12.25 -27.28
CA ASP H 255 -42.53 -12.54 -26.04
C ASP H 255 -41.34 -11.61 -25.88
N ALA H 256 -40.58 -11.45 -26.96
CA ALA H 256 -39.42 -10.57 -26.97
C ALA H 256 -39.80 -9.14 -26.59
N ILE H 257 -40.84 -8.60 -27.22
CA ILE H 257 -41.28 -7.23 -26.92
C ILE H 257 -41.59 -7.12 -25.42
N LYS H 258 -42.29 -8.12 -24.89
CA LYS H 258 -42.65 -8.12 -23.48
C LYS H 258 -41.41 -8.21 -22.59
N GLU H 259 -40.44 -9.03 -23.00
CA GLU H 259 -39.20 -9.19 -22.25
C GLU H 259 -38.53 -7.82 -22.14
N ALA H 260 -38.40 -7.16 -23.29
CA ALA H 260 -37.77 -5.84 -23.41
C ALA H 260 -38.47 -4.73 -22.65
N THR H 261 -39.81 -4.76 -22.65
CA THR H 261 -40.55 -3.75 -21.92
C THR H 261 -40.29 -3.90 -20.42
N ARG H 262 -40.34 -5.13 -19.91
CA ARG H 262 -40.10 -5.37 -18.48
C ARG H 262 -38.69 -4.97 -18.05
N VAL H 263 -37.70 -5.41 -18.83
CA VAL H 263 -36.31 -5.09 -18.53
C VAL H 263 -36.09 -3.58 -18.57
N GLY H 264 -36.66 -2.94 -19.57
CA GLY H 264 -36.51 -1.50 -19.70
C GLY H 264 -37.11 -0.75 -18.53
N ILE H 265 -38.31 -1.16 -18.12
CA ILE H 265 -38.98 -0.48 -17.01
C ILE H 265 -38.23 -0.65 -15.69
N LEU H 266 -37.71 -1.86 -15.46
CA LEU H 266 -36.98 -2.16 -14.23
C LEU H 266 -35.73 -1.31 -14.05
N ALA H 267 -34.97 -1.12 -15.13
CA ALA H 267 -33.76 -0.31 -15.06
C ALA H 267 -34.11 1.16 -14.92
N ALA H 268 -35.10 1.60 -15.71
CA ALA H 268 -35.52 3.00 -15.67
C ALA H 268 -35.90 3.44 -14.26
N THR H 269 -36.58 2.57 -13.53
CA THR H 269 -37.03 2.90 -12.18
C THR H 269 -35.92 2.96 -11.12
N LYS H 270 -34.70 2.64 -11.52
CA LYS H 270 -33.58 2.70 -10.59
C LYS H 270 -33.09 4.14 -10.46
N ILE H 271 -33.51 4.98 -11.39
CA ILE H 271 -33.07 6.38 -11.43
C ILE H 271 -33.92 7.37 -10.64
N PRO H 272 -33.27 8.17 -9.78
CA PRO H 272 -34.00 9.16 -8.96
C PRO H 272 -34.62 10.28 -9.80
N GLY H 273 -35.79 10.75 -9.39
CA GLY H 273 -36.46 11.82 -10.10
C GLY H 273 -37.63 11.33 -10.95
N VAL H 274 -37.67 10.02 -11.18
CA VAL H 274 -38.75 9.44 -11.98
C VAL H 274 -40.04 9.51 -11.18
N VAL H 275 -41.11 9.95 -11.84
CA VAL H 275 -42.41 10.09 -11.18
C VAL H 275 -43.30 8.89 -11.43
N LYS H 276 -43.45 8.51 -12.70
CA LYS H 276 -44.30 7.38 -13.05
C LYS H 276 -43.99 6.84 -14.43
N ILE H 277 -44.41 5.60 -14.67
CA ILE H 277 -44.22 4.93 -15.95
C ILE H 277 -45.59 4.65 -16.54
N THR H 278 -45.72 4.81 -17.85
CA THR H 278 -46.98 4.52 -18.54
C THR H 278 -46.63 4.10 -19.96
N ALA H 279 -47.59 4.16 -20.87
CA ALA H 279 -47.34 3.74 -22.25
C ALA H 279 -48.29 4.40 -23.23
N GLY H 280 -47.93 4.34 -24.51
CA GLY H 280 -48.76 4.93 -25.54
C GLY H 280 -49.54 3.91 -26.34
N ASN H 281 -50.78 4.24 -26.63
CA ASN H 281 -51.67 3.38 -27.41
C ASN H 281 -52.62 4.28 -28.19
N TYR H 282 -53.54 3.68 -28.93
CA TYR H 282 -54.51 4.44 -29.71
C TYR H 282 -55.94 3.94 -29.50
N GLY H 283 -56.67 3.78 -30.59
CA GLY H 283 -58.05 3.33 -30.52
C GLY H 283 -58.24 1.87 -30.13
N GLY H 284 -57.28 1.31 -29.40
CA GLY H 284 -57.38 -0.08 -29.00
C GLY H 284 -57.47 -1.07 -30.14
N LYS H 285 -57.94 -0.61 -31.30
CA LYS H 285 -58.08 -1.48 -32.46
C LYS H 285 -57.22 -1.03 -33.64
N LEU H 286 -56.51 0.09 -33.47
CA LEU H 286 -55.65 0.62 -34.52
C LEU H 286 -54.45 -0.32 -34.74
N GLY H 287 -53.94 -0.87 -33.64
CA GLY H 287 -52.81 -1.78 -33.72
C GLY H 287 -53.20 -3.19 -33.31
N LYS H 288 -52.73 -4.18 -34.05
CA LYS H 288 -53.05 -5.58 -33.77
C LYS H 288 -52.18 -6.25 -32.70
N HIS H 289 -51.53 -5.46 -31.85
CA HIS H 289 -50.70 -6.03 -30.79
C HIS H 289 -50.72 -5.24 -29.49
N ILE H 290 -51.34 -5.80 -28.45
CA ILE H 290 -51.46 -5.12 -27.17
C ILE H 290 -50.54 -5.72 -26.10
N ILE H 291 -49.86 -4.85 -25.38
CA ILE H 291 -48.97 -5.25 -24.30
C ILE H 291 -49.42 -4.55 -23.02
N ASN H 292 -50.07 -5.29 -22.13
CA ASN H 292 -50.55 -4.73 -20.88
C ASN H 292 -49.40 -4.71 -19.86
N LEU H 293 -49.16 -3.54 -19.27
CA LEU H 293 -48.05 -3.39 -18.33
C LEU H 293 -48.04 -4.24 -17.06
N ASN H 294 -49.11 -4.25 -16.28
CA ASN H 294 -49.06 -5.07 -15.07
C ASN H 294 -49.25 -6.57 -15.26
N GLU H 295 -48.98 -7.03 -16.48
CA GLU H 295 -49.03 -8.45 -16.81
C GLU H 295 -47.57 -8.84 -16.98
N LEU H 296 -46.70 -7.84 -16.95
CA LEU H 296 -45.26 -8.04 -17.11
C LEU H 296 -44.59 -8.23 -15.76
N PHE H 297 -45.27 -7.78 -14.70
CA PHE H 297 -44.74 -7.87 -13.36
C PHE H 297 -45.66 -8.69 -12.47
K K I . 32.96 -0.91 34.74
K K J . 14.47 14.49 38.42
K K K . 29.40 7.10 25.95
K K L . 17.58 12.42 23.65
K K M . 30.80 1.76 11.67
K K N . 8.06 8.11 17.17
K K O . 6.62 -12.88 14.05
K K P . 9.54 -20.34 23.44
K K Q . -3.52 -9.89 35.86
K K R . 9.56 -18.12 36.31
K K S . 18.19 -13.33 43.51
K K T . 23.97 -25.53 23.40
K K U . -4.89 -2.58 -16.46
K K V . -12.65 -11.45 -19.69
K K W . -19.77 6.84 -5.46
K K X . -8.19 19.97 -20.75
K K Y . 5.49 0.82 -27.13
K K Z . -7.18 10.06 -13.50
K K AA . -13.67 16.77 -41.07
K K BA . -22.24 8.37 -43.61
K K CA . -35.06 17.07 -29.79
K K DA . -31.48 -5.97 -27.99
K K EA . -31.72 3.45 -36.02
K K FA . -16.49 -5.35 -47.26
#